data_7BQ5
#
_entry.id   7BQ5
#
_cell.length_a   158.245
_cell.length_b   153.672
_cell.length_c   115.201
_cell.angle_alpha   90.000
_cell.angle_beta   125.489
_cell.angle_gamma   90.000
#
_symmetry.space_group_name_H-M   'C 1 2 1'
#
loop_
_entity.id
_entity.type
_entity.pdbx_description
1 polymer 'envelope protein'
2 polymer 'Z6 heavy chain'
3 polymer 'Z6 Light Chain'
#
loop_
_entity_poly.entity_id
_entity_poly.type
_entity_poly.pdbx_seq_one_letter_code
_entity_poly.pdbx_strand_id
1 'polypeptide(L)'
;IRCIGVSNRDFVEGMSGGTWVDVVLEHGGCVTVMAQDKPTVDIELVTTTVSNMAEVRSYCYEASISDMASDSRCPTQGEA
YLDKQSDTQYVCKRTLVDRGWGNGCGLFGKGSLVTCAKFACSKKMTGKSIQPENLEYRIMLSVHGSQHSGMIVNDTGHET
DENRAKVEITPNSPRAEATLGGFGSLGLDCEPRTGLDFSDLYYLTMNNKHWLVHKEWFHDIPLPWHAGADTGTPHWNNKE
ALVEFKDAHAKRQTVVVLGSQEGAVHTALAGALEAEMDGAKGRLSSGHLKCRLKMDKLRLKGVSYSLCTAAFTFTKIPAE
TLHGTVTVEVQYAGTDGPCKVPAQMAVDMQTLTPVGRLITANPVITESTENSKMMLELDPPFGDSYIVIGVGEKKITHHW
HRSGSTIGKHHHHHH
;
A,B
2 'polypeptide(L)'
;QVQLQESGPGLVKPSETLSLICTVSGGSISTRDYYWGWIRQTPGKGLEWIGSIYYSGGTYYSPSLKSRVTISVDTSKNQF
SLKLRSVTAADTAVYYCARQWGNYFDHWGQGSLVTVSSASTKGPSVFPLAPSSKSTSGGTAALGCLVKDYFPEPVTVSWN
SGALTSGVHTFPAVLQSSGLYSLSSVVTVPSSSLGTQTYICNVNHKPSNTKVDKRVEPK
;
H,C
3 'polypeptide(L)'
;DIVLTQSPSFLSASVGDRVTITCRASQGIDTYLAWYQQKPGKAPKLLIYGASTLQSGVPSRFSGSGSGTEFTLTISSLQP
EDFATYYCQQLNNYHFTFGPGTKVDIKRTVAAPSVFIFPPSDEQLKSGTASVVCLLNNFYPREAKVQWKVDNALQSGNSQ
ESVTEQDSKDSTYSLSSTLTLSKADYEKHKVYACEVTHQGLSSPVTKSFNRGECS
;
L,D
#
# COMPACT_ATOMS: atom_id res chain seq x y z
N ILE A 1 -32.76 -29.05 -78.55
CA ILE A 1 -33.54 -29.95 -77.71
C ILE A 1 -32.75 -30.20 -76.42
N ARG A 2 -33.40 -29.90 -75.29
CA ARG A 2 -32.72 -29.90 -74.00
C ARG A 2 -32.74 -31.30 -73.37
N CYS A 3 -31.95 -31.45 -72.31
CA CYS A 3 -31.78 -32.67 -71.53
C CYS A 3 -31.38 -33.87 -72.36
N ILE A 4 -30.87 -33.66 -73.57
CA ILE A 4 -30.64 -34.79 -74.48
C ILE A 4 -29.38 -35.56 -74.06
N GLY A 5 -28.31 -34.85 -73.74
CA GLY A 5 -27.06 -35.44 -73.33
C GLY A 5 -26.78 -35.40 -71.85
N VAL A 6 -27.76 -35.01 -71.03
CA VAL A 6 -27.57 -34.98 -69.59
C VAL A 6 -27.41 -36.40 -69.06
N SER A 7 -26.31 -36.64 -68.34
CA SER A 7 -26.08 -37.97 -67.78
C SER A 7 -27.07 -38.29 -66.67
N ASN A 8 -27.41 -37.29 -65.86
CA ASN A 8 -28.29 -37.48 -64.70
C ASN A 8 -29.73 -37.11 -65.05
N ARG A 9 -30.31 -37.90 -65.96
CA ARG A 9 -31.63 -37.64 -66.50
C ARG A 9 -32.64 -38.65 -65.96
N ASP A 10 -33.86 -38.18 -65.72
CA ASP A 10 -34.93 -39.00 -65.16
C ASP A 10 -36.20 -38.84 -66.00
N PHE A 11 -36.96 -39.94 -66.11
CA PHE A 11 -38.18 -39.98 -66.91
C PHE A 11 -39.35 -40.25 -65.97
N VAL A 12 -40.24 -39.27 -65.81
CA VAL A 12 -41.42 -39.41 -64.94
C VAL A 12 -42.66 -39.52 -65.82
N GLU A 13 -43.53 -40.45 -65.47
CA GLU A 13 -44.73 -40.78 -66.22
C GLU A 13 -45.98 -40.27 -65.50
N GLY A 14 -47.06 -40.13 -66.27
CA GLY A 14 -48.29 -39.55 -65.78
C GLY A 14 -49.26 -40.56 -65.20
N MET A 15 -49.98 -40.12 -64.16
CA MET A 15 -50.97 -40.97 -63.50
C MET A 15 -52.19 -41.16 -64.37
N SER A 16 -53.07 -42.07 -63.93
CA SER A 16 -54.33 -42.27 -64.64
C SER A 16 -55.24 -41.06 -64.48
N GLY A 17 -55.32 -40.51 -63.27
CA GLY A 17 -56.07 -39.30 -63.03
C GLY A 17 -55.52 -38.15 -63.85
N GLY A 18 -54.27 -37.78 -63.62
CA GLY A 18 -53.64 -36.82 -64.50
C GLY A 18 -53.37 -35.45 -63.90
N THR A 19 -53.13 -35.39 -62.60
CA THR A 19 -52.75 -34.15 -61.95
C THR A 19 -51.46 -34.28 -61.14
N TRP A 20 -51.39 -35.27 -60.26
CA TRP A 20 -50.25 -35.43 -59.38
C TRP A 20 -49.14 -36.21 -60.10
N VAL A 21 -47.93 -35.66 -60.10
CA VAL A 21 -46.74 -36.36 -60.54
C VAL A 21 -45.57 -35.93 -59.65
N ASP A 22 -44.86 -36.90 -59.10
CA ASP A 22 -43.70 -36.64 -58.25
C ASP A 22 -42.43 -36.55 -59.07
N VAL A 23 -41.53 -35.65 -58.68
CA VAL A 23 -40.19 -35.55 -59.26
C VAL A 23 -39.19 -35.30 -58.15
N VAL A 24 -37.92 -35.57 -58.46
CA VAL A 24 -36.79 -35.24 -57.60
C VAL A 24 -35.78 -34.50 -58.46
N LEU A 25 -35.31 -33.35 -57.99
CA LEU A 25 -34.50 -32.45 -58.79
C LEU A 25 -33.09 -32.40 -58.25
N GLU A 26 -32.11 -32.68 -59.11
CA GLU A 26 -30.69 -32.53 -58.79
C GLU A 26 -30.14 -31.35 -59.58
N HIS A 27 -29.23 -30.61 -58.96
CA HIS A 27 -28.49 -29.60 -59.71
C HIS A 27 -27.58 -30.29 -60.71
N GLY A 28 -27.55 -29.75 -61.92
CA GLY A 28 -26.86 -30.46 -62.99
C GLY A 28 -27.54 -31.76 -63.36
N GLY A 29 -28.88 -31.77 -63.32
CA GLY A 29 -29.65 -32.93 -63.71
C GLY A 29 -30.94 -32.51 -64.35
N CYS A 30 -31.68 -33.49 -64.87
CA CYS A 30 -32.92 -33.17 -65.55
C CYS A 30 -33.94 -34.26 -65.31
N VAL A 31 -35.22 -33.87 -65.42
CA VAL A 31 -36.35 -34.78 -65.26
C VAL A 31 -37.31 -34.54 -66.42
N THR A 32 -37.52 -35.56 -67.24
CA THR A 32 -38.48 -35.48 -68.34
C THR A 32 -39.83 -36.00 -67.87
N VAL A 33 -40.86 -35.16 -67.95
CA VAL A 33 -42.18 -35.47 -67.43
C VAL A 33 -43.10 -35.74 -68.61
N MET A 34 -43.57 -36.98 -68.72
CA MET A 34 -44.48 -37.39 -69.78
C MET A 34 -45.84 -37.75 -69.17
N ALA A 35 -46.91 -37.18 -69.71
CA ALA A 35 -48.24 -37.50 -69.26
C ALA A 35 -49.17 -37.68 -70.46
N GLN A 36 -50.24 -38.44 -70.23
CA GLN A 36 -51.19 -38.78 -71.28
C GLN A 36 -51.78 -37.54 -71.93
N ASP A 37 -51.54 -37.40 -73.23
CA ASP A 37 -52.03 -36.25 -74.01
C ASP A 37 -51.52 -34.93 -73.43
N LYS A 38 -50.23 -34.83 -73.23
CA LYS A 38 -49.64 -33.69 -72.53
C LYS A 38 -48.35 -33.26 -73.22
N PRO A 39 -47.96 -31.99 -73.05
CA PRO A 39 -46.82 -31.45 -73.81
C PRO A 39 -45.49 -32.10 -73.51
N THR A 40 -45.38 -32.93 -72.47
CA THR A 40 -44.13 -33.59 -72.13
C THR A 40 -43.03 -32.55 -71.88
N VAL A 41 -42.98 -31.95 -70.69
CA VAL A 41 -42.18 -30.76 -70.42
C VAL A 41 -41.03 -31.11 -69.48
N ASP A 42 -39.88 -30.47 -69.67
CA ASP A 42 -38.65 -30.81 -68.95
C ASP A 42 -38.36 -29.79 -67.86
N ILE A 43 -38.06 -30.29 -66.65
CA ILE A 43 -37.73 -29.47 -65.48
C ILE A 43 -36.27 -29.74 -65.12
N GLU A 44 -35.57 -28.70 -64.68
CA GLU A 44 -34.11 -28.79 -64.62
C GLU A 44 -33.52 -28.50 -63.24
N LEU A 45 -33.96 -27.43 -62.58
CA LEU A 45 -33.30 -26.92 -61.37
C LEU A 45 -31.84 -26.59 -61.68
N VAL A 46 -31.65 -25.43 -62.31
CA VAL A 46 -30.35 -25.08 -62.87
C VAL A 46 -29.48 -24.33 -61.87
N THR A 47 -30.07 -23.50 -61.02
CA THR A 47 -29.29 -22.56 -60.21
C THR A 47 -29.72 -22.61 -58.76
N THR A 48 -28.74 -22.59 -57.86
CA THR A 48 -28.94 -22.39 -56.43
C THR A 48 -28.20 -21.12 -56.03
N THR A 49 -28.91 -20.20 -55.40
CA THR A 49 -28.37 -18.91 -55.03
C THR A 49 -28.69 -18.63 -53.56
N VAL A 50 -27.78 -17.92 -52.89
CA VAL A 50 -27.98 -17.47 -51.52
C VAL A 50 -27.88 -15.95 -51.50
N SER A 51 -28.62 -15.33 -50.59
CA SER A 51 -28.69 -13.88 -50.51
C SER A 51 -29.14 -13.46 -49.12
N ASN A 52 -28.81 -12.22 -48.76
CA ASN A 52 -29.21 -11.62 -47.48
C ASN A 52 -28.69 -12.44 -46.30
N MET A 53 -27.39 -12.75 -46.33
CA MET A 53 -26.77 -13.51 -45.26
C MET A 53 -26.48 -12.60 -44.08
N ALA A 54 -26.97 -12.99 -42.90
CA ALA A 54 -26.64 -12.26 -41.68
C ALA A 54 -25.18 -12.51 -41.32
N GLU A 55 -24.44 -11.42 -41.11
CA GLU A 55 -23.02 -11.52 -40.80
C GLU A 55 -22.83 -12.00 -39.37
N VAL A 56 -22.00 -13.02 -39.18
CA VAL A 56 -21.78 -13.60 -37.86
C VAL A 56 -20.58 -12.93 -37.19
N ARG A 57 -19.40 -13.08 -37.76
CA ARG A 57 -18.19 -12.51 -37.18
C ARG A 57 -17.36 -11.82 -38.26
N SER A 58 -16.68 -10.76 -37.86
CA SER A 58 -15.84 -9.96 -38.75
C SER A 58 -14.46 -9.83 -38.14
N TYR A 59 -13.46 -10.36 -38.83
CA TYR A 59 -12.07 -10.34 -38.37
C TYR A 59 -11.30 -9.22 -39.04
N CYS A 60 -10.33 -8.68 -38.30
CA CYS A 60 -9.46 -7.63 -38.80
C CYS A 60 -8.07 -8.21 -39.04
N TYR A 61 -7.47 -7.88 -40.18
CA TYR A 61 -6.15 -8.36 -40.51
C TYR A 61 -5.14 -7.22 -40.74
N GLU A 62 -5.58 -5.97 -40.72
CA GLU A 62 -4.68 -4.83 -40.85
C GLU A 62 -5.11 -3.75 -39.87
N ALA A 63 -4.23 -3.39 -38.95
CA ALA A 63 -4.55 -2.49 -37.85
C ALA A 63 -3.65 -1.26 -37.87
N SER A 64 -4.13 -0.22 -37.20
CA SER A 64 -3.34 0.98 -36.96
C SER A 64 -3.70 1.53 -35.59
N ILE A 65 -2.75 2.19 -34.95
CA ILE A 65 -2.92 2.71 -33.60
C ILE A 65 -2.45 4.16 -33.55
N SER A 66 -2.93 4.89 -32.55
CA SER A 66 -2.60 6.30 -32.38
C SER A 66 -2.57 6.62 -30.89
N ASP A 67 -2.57 7.93 -30.60
CA ASP A 67 -2.42 8.55 -29.27
C ASP A 67 -1.90 7.64 -28.17
N MET A 68 -0.67 7.17 -28.34
CA MET A 68 -0.04 6.31 -27.35
C MET A 68 0.46 7.12 -26.15
N ALA A 69 0.24 6.59 -24.95
CA ALA A 69 0.62 7.28 -23.73
C ALA A 69 0.94 6.25 -22.65
N SER A 70 1.66 6.71 -21.62
CA SER A 70 2.06 5.87 -20.51
C SER A 70 1.90 6.63 -19.20
N ASP A 71 1.73 5.88 -18.12
CA ASP A 71 1.69 6.43 -16.77
C ASP A 71 2.54 5.55 -15.87
N SER A 72 3.31 6.19 -14.98
CA SER A 72 4.23 5.47 -14.11
C SER A 72 4.07 5.95 -12.68
N ARG A 73 4.62 5.16 -11.76
CA ARG A 73 4.60 5.48 -10.34
C ARG A 73 5.79 4.80 -9.67
N CYS A 74 6.41 5.50 -8.72
CA CYS A 74 7.47 4.89 -7.93
C CYS A 74 6.86 3.88 -6.96
N PRO A 75 7.67 2.97 -6.41
CA PRO A 75 7.14 2.06 -5.39
C PRO A 75 6.56 2.83 -4.21
N THR A 76 5.47 2.29 -3.65
CA THR A 76 4.66 2.87 -2.58
C THR A 76 3.88 4.10 -3.03
N GLN A 77 3.75 4.32 -4.34
CA GLN A 77 2.94 5.43 -4.86
C GLN A 77 1.67 4.94 -5.55
N GLY A 78 1.36 3.65 -5.48
CA GLY A 78 0.12 3.14 -6.02
C GLY A 78 0.22 2.68 -7.46
N GLU A 79 -0.92 2.23 -7.96
CA GLU A 79 -1.02 1.75 -9.33
C GLU A 79 -1.11 2.91 -10.31
N ALA A 80 -0.56 2.69 -11.51
CA ALA A 80 -0.65 3.67 -12.57
C ALA A 80 -2.05 3.66 -13.18
N TYR A 81 -2.47 4.82 -13.67
CA TYR A 81 -3.83 4.99 -14.19
C TYR A 81 -3.78 6.01 -15.32
N LEU A 82 -4.22 5.59 -16.50
CA LEU A 82 -4.51 6.47 -17.62
C LEU A 82 -6.00 6.42 -17.90
N ASP A 83 -6.57 7.57 -18.27
CA ASP A 83 -8.02 7.66 -18.51
C ASP A 83 -8.51 6.65 -19.54
N LYS A 84 -7.63 6.12 -20.39
CA LYS A 84 -8.04 5.35 -21.55
C LYS A 84 -8.01 3.84 -21.33
N GLN A 85 -7.76 3.37 -20.11
CA GLN A 85 -7.76 1.93 -19.89
C GLN A 85 -9.18 1.38 -19.72
N SER A 86 -10.05 2.12 -19.04
CA SER A 86 -11.45 1.73 -18.99
C SER A 86 -12.15 1.95 -20.32
N ASP A 87 -11.56 2.76 -21.20
CA ASP A 87 -12.09 2.93 -22.55
C ASP A 87 -11.89 1.65 -23.34
N THR A 88 -12.99 1.08 -23.86
CA THR A 88 -12.92 -0.21 -24.52
C THR A 88 -12.20 -0.15 -25.87
N GLN A 89 -12.12 1.03 -26.48
CA GLN A 89 -11.48 1.14 -27.79
C GLN A 89 -9.97 0.97 -27.70
N TYR A 90 -9.37 1.31 -26.57
CA TYR A 90 -7.93 1.27 -26.42
C TYR A 90 -7.49 -0.08 -25.86
N VAL A 91 -6.31 -0.52 -26.30
CA VAL A 91 -5.67 -1.73 -25.78
C VAL A 91 -4.53 -1.30 -24.87
N CYS A 92 -4.45 -1.91 -23.69
CA CYS A 92 -3.52 -1.47 -22.67
C CYS A 92 -2.70 -2.65 -22.16
N LYS A 93 -1.70 -2.33 -21.34
CA LYS A 93 -0.80 -3.32 -20.76
C LYS A 93 -0.23 -2.76 -19.48
N ARG A 94 -0.27 -3.55 -18.41
CA ARG A 94 0.17 -3.13 -17.09
C ARG A 94 1.25 -4.08 -16.59
N THR A 95 2.35 -3.51 -16.10
CA THR A 95 3.48 -4.32 -15.64
C THR A 95 4.24 -3.58 -14.56
N LEU A 96 5.13 -4.29 -13.89
CA LEU A 96 6.05 -3.72 -12.92
C LEU A 96 7.41 -3.50 -13.58
N VAL A 97 8.13 -2.48 -13.11
CA VAL A 97 9.43 -2.14 -13.66
C VAL A 97 10.38 -1.81 -12.51
N ASP A 98 11.66 -2.13 -12.71
CA ASP A 98 12.68 -1.80 -11.71
C ASP A 98 12.88 -0.29 -11.64
N ARG A 99 12.57 0.29 -10.49
CA ARG A 99 12.73 1.72 -10.26
C ARG A 99 13.83 1.97 -9.26
N GLY A 100 14.46 3.13 -9.36
CA GLY A 100 15.55 3.47 -8.46
C GLY A 100 15.92 4.93 -8.56
N TRP A 101 17.06 5.26 -7.95
CA TRP A 101 17.58 6.62 -8.03
C TRP A 101 17.89 7.02 -9.46
N GLY A 102 18.25 6.06 -10.31
CA GLY A 102 18.55 6.34 -11.70
C GLY A 102 17.34 6.64 -12.56
N ASN A 103 16.13 6.42 -12.03
CA ASN A 103 14.90 6.67 -12.77
C ASN A 103 14.02 7.73 -12.10
N GLY A 104 14.55 8.46 -11.12
CA GLY A 104 13.76 9.48 -10.48
C GLY A 104 12.85 8.98 -9.38
N CYS A 105 13.33 8.05 -8.57
CA CYS A 105 12.59 7.58 -7.41
C CYS A 105 13.50 7.57 -6.19
N GLY A 106 12.94 7.94 -5.04
CA GLY A 106 13.63 7.84 -3.78
C GLY A 106 13.69 6.44 -3.20
N LEU A 107 13.38 5.43 -4.01
CA LEU A 107 13.35 4.04 -3.57
C LEU A 107 13.84 3.14 -4.69
N PHE A 108 14.30 1.95 -4.31
CA PHE A 108 14.68 0.91 -5.26
C PHE A 108 13.67 -0.21 -5.15
N GLY A 109 12.81 -0.35 -6.15
CA GLY A 109 11.81 -1.39 -6.10
C GLY A 109 11.00 -1.43 -7.38
N LYS A 110 10.03 -2.34 -7.39
CA LYS A 110 9.16 -2.53 -8.56
C LYS A 110 8.09 -1.45 -8.56
N GLY A 111 8.03 -0.68 -9.65
CA GLY A 111 7.08 0.41 -9.78
C GLY A 111 6.01 0.08 -10.81
N SER A 112 4.82 0.63 -10.61
CA SER A 112 3.71 0.35 -11.50
C SER A 112 3.87 1.11 -12.81
N LEU A 113 3.51 0.47 -13.92
CA LEU A 113 3.59 1.09 -15.23
C LEU A 113 2.43 0.59 -16.08
N VAL A 114 1.73 1.52 -16.73
CA VAL A 114 0.64 1.20 -17.64
C VAL A 114 0.86 1.98 -18.93
N THR A 115 0.45 1.36 -20.04
CA THR A 115 0.60 1.97 -21.36
C THR A 115 -0.62 1.61 -22.19
N CYS A 116 -1.19 2.60 -22.87
CA CYS A 116 -2.40 2.42 -23.65
C CYS A 116 -2.26 3.05 -25.02
N ALA A 117 -2.96 2.47 -25.99
CA ALA A 117 -2.98 2.96 -27.36
C ALA A 117 -4.34 2.67 -27.97
N LYS A 118 -4.83 3.61 -28.78
CA LYS A 118 -6.12 3.46 -29.44
C LYS A 118 -5.99 2.57 -30.66
N PHE A 119 -6.79 1.51 -30.70
CA PHE A 119 -6.73 0.52 -31.77
C PHE A 119 -7.87 0.78 -32.76
N ALA A 120 -7.50 0.96 -34.03
CA ALA A 120 -8.45 1.12 -35.12
C ALA A 120 -8.11 0.12 -36.22
N CYS A 121 -9.14 -0.38 -36.89
CA CYS A 121 -8.99 -1.40 -37.91
C CYS A 121 -9.08 -0.76 -39.29
N SER A 122 -8.03 -0.95 -40.10
CA SER A 122 -8.01 -0.35 -41.44
C SER A 122 -8.78 -1.19 -42.45
N LYS A 123 -8.61 -2.52 -42.41
CA LYS A 123 -9.27 -3.41 -43.36
C LYS A 123 -9.71 -4.67 -42.63
N LYS A 124 -10.94 -5.09 -42.88
CA LYS A 124 -11.55 -6.22 -42.18
C LYS A 124 -12.02 -7.26 -43.18
N MET A 125 -12.15 -8.50 -42.69
CA MET A 125 -12.78 -9.57 -43.43
C MET A 125 -14.02 -10.03 -42.66
N THR A 126 -14.99 -10.57 -43.39
CA THR A 126 -16.33 -10.81 -42.86
C THR A 126 -16.74 -12.25 -43.07
N GLY A 127 -17.41 -12.81 -42.07
CA GLY A 127 -18.04 -14.11 -42.17
C GLY A 127 -19.56 -13.95 -42.12
N LYS A 128 -20.22 -14.67 -43.02
CA LYS A 128 -21.67 -14.59 -43.18
C LYS A 128 -22.28 -15.97 -42.96
N SER A 129 -23.51 -15.98 -42.45
CA SER A 129 -24.21 -17.23 -42.13
C SER A 129 -25.05 -17.67 -43.32
N ILE A 130 -25.07 -18.98 -43.56
CA ILE A 130 -25.82 -19.57 -44.66
C ILE A 130 -26.94 -20.40 -44.04
N GLN A 131 -28.16 -19.88 -44.08
CA GLN A 131 -29.33 -20.52 -43.50
C GLN A 131 -30.37 -20.77 -44.59
N PRO A 132 -31.34 -21.67 -44.33
CA PRO A 132 -32.36 -21.95 -45.36
C PRO A 132 -33.12 -20.73 -45.84
N GLU A 133 -33.33 -19.73 -44.98
CA GLU A 133 -34.08 -18.54 -45.40
C GLU A 133 -33.33 -17.70 -46.42
N ASN A 134 -32.04 -17.94 -46.62
CA ASN A 134 -31.25 -17.20 -47.59
C ASN A 134 -31.26 -17.81 -48.99
N LEU A 135 -31.80 -19.01 -49.13
CA LEU A 135 -31.67 -19.75 -50.37
C LEU A 135 -32.60 -19.20 -51.46
N GLU A 136 -32.23 -19.50 -52.71
CA GLU A 136 -33.04 -19.12 -53.87
C GLU A 136 -32.75 -20.14 -54.97
N TYR A 137 -33.74 -20.97 -55.30
CA TYR A 137 -33.59 -21.98 -56.35
C TYR A 137 -34.21 -21.45 -57.64
N ARG A 138 -33.41 -21.38 -58.70
CA ARG A 138 -33.90 -21.03 -60.02
C ARG A 138 -34.12 -22.33 -60.80
N ILE A 139 -35.38 -22.61 -61.12
CA ILE A 139 -35.78 -23.81 -61.85
C ILE A 139 -36.32 -23.38 -63.20
N MET A 140 -35.86 -24.05 -64.27
CA MET A 140 -36.32 -23.77 -65.61
C MET A 140 -37.17 -24.94 -66.11
N LEU A 141 -38.35 -24.62 -66.64
CA LEU A 141 -39.24 -25.60 -67.24
C LEU A 141 -39.37 -25.28 -68.72
N SER A 142 -39.25 -26.32 -69.56
CA SER A 142 -39.19 -26.13 -71.00
C SER A 142 -40.00 -27.19 -71.71
N VAL A 143 -40.79 -26.76 -72.69
CA VAL A 143 -41.49 -27.70 -73.56
C VAL A 143 -40.45 -28.46 -74.37
N HIS A 144 -40.40 -29.78 -74.17
CA HIS A 144 -39.42 -30.62 -74.83
C HIS A 144 -39.62 -30.63 -76.34
N GLY A 145 -38.68 -30.04 -77.08
CA GLY A 145 -38.78 -29.97 -78.52
C GLY A 145 -37.77 -29.03 -79.15
N GLU A 162 -40.86 -18.04 -74.96
CA GLU A 162 -42.26 -18.23 -74.57
C GLU A 162 -42.51 -19.67 -74.14
N ASN A 163 -41.81 -20.61 -74.78
CA ASN A 163 -41.97 -22.02 -74.49
C ASN A 163 -40.94 -22.54 -73.49
N ARG A 164 -40.27 -21.65 -72.78
CA ARG A 164 -39.46 -22.04 -71.62
C ARG A 164 -39.51 -20.91 -70.62
N ALA A 165 -40.13 -21.16 -69.48
CA ALA A 165 -40.21 -20.19 -68.40
C ALA A 165 -39.24 -20.60 -67.29
N LYS A 166 -38.71 -19.59 -66.61
CA LYS A 166 -37.88 -19.79 -65.44
C LYS A 166 -38.62 -19.26 -64.21
N VAL A 167 -38.48 -19.98 -63.09
CA VAL A 167 -39.13 -19.60 -61.85
C VAL A 167 -38.09 -19.66 -60.73
N GLU A 168 -38.28 -18.81 -59.73
CA GLU A 168 -37.46 -18.81 -58.54
C GLU A 168 -38.30 -19.26 -57.34
N ILE A 169 -37.67 -20.05 -56.46
CA ILE A 169 -38.38 -20.69 -55.37
C ILE A 169 -37.55 -20.60 -54.10
N THR A 170 -38.15 -20.08 -53.03
CA THR A 170 -37.61 -19.94 -51.69
C THR A 170 -38.08 -21.09 -50.81
N PRO A 171 -37.31 -21.48 -49.79
CA PRO A 171 -37.89 -22.36 -48.76
C PRO A 171 -39.03 -21.72 -48.00
N ASN A 172 -39.06 -20.39 -47.89
CA ASN A 172 -40.19 -19.67 -47.31
C ASN A 172 -41.25 -19.35 -48.35
N SER A 173 -41.11 -19.88 -49.56
CA SER A 173 -42.07 -19.71 -50.65
C SER A 173 -41.92 -20.87 -51.62
N PRO A 174 -42.34 -22.08 -51.23
CA PRO A 174 -42.01 -23.27 -52.05
C PRO A 174 -42.69 -23.32 -53.40
N ARG A 175 -43.78 -22.59 -53.62
CA ARG A 175 -44.57 -22.76 -54.82
C ARG A 175 -44.25 -21.69 -55.86
N ALA A 176 -44.55 -22.03 -57.12
CA ALA A 176 -44.36 -21.16 -58.26
C ALA A 176 -45.05 -21.80 -59.46
N GLU A 177 -45.77 -20.99 -60.23
CA GLU A 177 -46.53 -21.46 -61.39
C GLU A 177 -45.82 -20.97 -62.65
N ALA A 178 -45.13 -21.89 -63.33
CA ALA A 178 -44.44 -21.54 -64.56
C ALA A 178 -45.44 -21.38 -65.69
N THR A 179 -45.34 -20.27 -66.42
CA THR A 179 -46.28 -19.97 -67.50
C THR A 179 -45.62 -20.24 -68.84
N LEU A 180 -46.22 -21.14 -69.61
CA LEU A 180 -45.81 -21.43 -70.97
C LEU A 180 -46.90 -20.98 -71.92
N GLY A 181 -46.48 -20.32 -73.01
CA GLY A 181 -47.36 -19.60 -73.92
C GLY A 181 -48.69 -20.23 -74.25
N GLY A 182 -48.71 -21.13 -75.23
CA GLY A 182 -49.94 -21.77 -75.63
C GLY A 182 -50.27 -23.04 -74.90
N PHE A 183 -49.49 -23.39 -73.89
CA PHE A 183 -49.56 -24.69 -73.23
C PHE A 183 -50.21 -24.62 -71.87
N GLY A 184 -50.65 -23.44 -71.43
CA GLY A 184 -51.22 -23.30 -70.11
C GLY A 184 -50.15 -22.96 -69.08
N SER A 185 -50.17 -23.65 -67.96
CA SER A 185 -49.20 -23.37 -66.90
C SER A 185 -48.94 -24.64 -66.10
N LEU A 186 -47.72 -24.74 -65.59
CA LEU A 186 -47.33 -25.82 -64.69
C LEU A 186 -47.21 -25.28 -63.28
N GLY A 187 -47.69 -26.05 -62.30
CA GLY A 187 -47.69 -25.59 -60.92
C GLY A 187 -46.72 -26.35 -60.06
N LEU A 188 -45.65 -25.69 -59.62
CA LEU A 188 -44.60 -26.33 -58.83
C LEU A 188 -44.88 -26.16 -57.34
N ASP A 189 -44.88 -27.28 -56.61
CA ASP A 189 -44.85 -27.29 -55.16
C ASP A 189 -43.68 -28.15 -54.73
N CYS A 190 -42.85 -27.64 -53.82
CA CYS A 190 -41.61 -28.31 -53.43
C CYS A 190 -41.44 -28.23 -51.92
N GLU A 191 -40.37 -28.86 -51.43
CA GLU A 191 -39.98 -28.86 -50.04
C GLU A 191 -38.50 -29.20 -49.98
N PRO A 192 -37.74 -28.53 -49.11
CA PRO A 192 -36.29 -28.76 -49.07
C PRO A 192 -35.96 -30.12 -48.47
N ARG A 193 -35.10 -30.86 -49.16
CA ARG A 193 -34.68 -32.17 -48.68
C ARG A 193 -33.80 -32.03 -47.44
N THR A 194 -33.86 -33.04 -46.58
CA THR A 194 -33.20 -33.01 -45.28
C THR A 194 -31.90 -33.80 -45.35
N GLY A 195 -30.77 -33.11 -45.12
CA GLY A 195 -29.45 -33.70 -45.10
C GLY A 195 -28.60 -33.34 -46.30
N LEU A 196 -29.22 -32.99 -47.42
CA LEU A 196 -28.51 -32.67 -48.65
C LEU A 196 -28.34 -31.17 -48.85
N ASP A 197 -28.26 -30.41 -47.77
CA ASP A 197 -28.02 -28.97 -47.84
C ASP A 197 -26.97 -28.58 -46.82
N PHE A 198 -26.57 -27.31 -46.88
CA PHE A 198 -25.44 -26.79 -46.12
C PHE A 198 -25.92 -26.20 -44.80
N SER A 199 -25.11 -26.37 -43.77
CA SER A 199 -25.23 -25.59 -42.53
C SER A 199 -23.90 -25.41 -41.83
N ASP A 200 -22.87 -26.17 -42.22
CA ASP A 200 -21.59 -26.22 -41.52
C ASP A 200 -20.54 -25.32 -42.16
N LEU A 201 -20.96 -24.29 -42.90
CA LEU A 201 -20.01 -23.41 -43.58
C LEU A 201 -20.48 -21.96 -43.46
N TYR A 202 -19.53 -21.04 -43.64
CA TYR A 202 -19.80 -19.62 -43.68
C TYR A 202 -19.27 -19.03 -44.98
N TYR A 203 -19.76 -17.84 -45.32
CA TYR A 203 -19.40 -17.18 -46.58
C TYR A 203 -18.33 -16.14 -46.29
N LEU A 204 -17.10 -16.62 -46.12
CA LEU A 204 -15.98 -15.74 -45.81
C LEU A 204 -15.64 -14.88 -47.02
N THR A 205 -15.61 -13.56 -46.80
CA THR A 205 -15.21 -12.59 -47.81
C THR A 205 -13.96 -11.86 -47.33
N MET A 206 -13.20 -11.32 -48.28
CA MET A 206 -11.88 -10.76 -47.97
C MET A 206 -11.41 -9.93 -49.16
N ASN A 207 -11.59 -8.62 -49.06
CA ASN A 207 -11.13 -7.65 -50.05
C ASN A 207 -11.68 -8.00 -51.43
N ASN A 208 -13.00 -8.08 -51.49
CA ASN A 208 -13.81 -8.41 -52.67
C ASN A 208 -13.66 -9.87 -53.11
N LYS A 209 -12.79 -10.65 -52.47
CA LYS A 209 -12.77 -12.08 -52.70
C LYS A 209 -13.84 -12.76 -51.86
N HIS A 210 -14.12 -14.03 -52.20
CA HIS A 210 -15.13 -14.81 -51.50
C HIS A 210 -14.68 -16.27 -51.44
N TRP A 211 -15.04 -16.92 -50.33
CA TRP A 211 -14.72 -18.32 -50.11
C TRP A 211 -15.84 -18.97 -49.30
N LEU A 212 -15.74 -20.29 -49.19
CA LEU A 212 -16.55 -21.08 -48.26
C LEU A 212 -15.59 -21.75 -47.30
N VAL A 213 -15.85 -21.60 -46.00
CA VAL A 213 -14.93 -22.06 -44.97
C VAL A 213 -15.72 -22.80 -43.90
N HIS A 214 -15.10 -23.81 -43.31
CA HIS A 214 -15.68 -24.52 -42.19
C HIS A 214 -15.77 -23.57 -41.00
N LYS A 215 -17.01 -23.26 -40.59
CA LYS A 215 -17.23 -22.31 -39.49
C LYS A 215 -16.49 -22.71 -38.21
N GLU A 216 -16.22 -24.01 -38.04
CA GLU A 216 -15.46 -24.46 -36.86
C GLU A 216 -14.04 -23.92 -36.91
N TRP A 217 -13.38 -24.01 -38.08
CA TRP A 217 -12.09 -23.36 -38.25
C TRP A 217 -12.22 -21.85 -38.14
N PHE A 218 -13.36 -21.31 -38.54
CA PHE A 218 -13.53 -19.86 -38.57
C PHE A 218 -13.56 -19.27 -37.16
N HIS A 219 -14.10 -20.01 -36.19
CA HIS A 219 -14.17 -19.53 -34.82
C HIS A 219 -12.83 -19.53 -34.11
N ASP A 220 -11.77 -20.06 -34.73
CA ASP A 220 -10.47 -20.19 -34.08
C ASP A 220 -9.38 -19.40 -34.79
N ILE A 221 -9.75 -18.38 -35.55
CA ILE A 221 -8.77 -17.55 -36.27
C ILE A 221 -8.15 -16.57 -35.30
N PRO A 222 -6.81 -16.61 -35.11
CA PRO A 222 -6.15 -15.69 -34.16
C PRO A 222 -5.99 -14.27 -34.69
N LEU A 223 -7.10 -13.54 -34.67
CA LEU A 223 -7.14 -12.15 -35.12
C LEU A 223 -8.19 -11.41 -34.32
N PRO A 224 -8.14 -10.08 -34.27
CA PRO A 224 -9.22 -9.32 -33.65
C PRO A 224 -10.54 -9.55 -34.37
N TRP A 225 -11.64 -9.50 -33.60
CA TRP A 225 -12.96 -9.81 -34.12
C TRP A 225 -14.03 -9.14 -33.28
N HIS A 226 -15.13 -8.76 -33.93
CA HIS A 226 -16.33 -8.33 -33.24
C HIS A 226 -17.49 -9.25 -33.63
N ALA A 227 -18.48 -9.32 -32.74
CA ALA A 227 -19.45 -10.41 -32.78
C ALA A 227 -20.72 -10.09 -33.55
N GLY A 228 -21.03 -8.83 -33.79
CA GLY A 228 -22.22 -8.46 -34.52
C GLY A 228 -21.92 -8.09 -35.95
N ALA A 229 -22.90 -7.46 -36.60
CA ALA A 229 -22.60 -6.72 -37.82
C ALA A 229 -22.06 -5.35 -37.43
N ASP A 230 -21.78 -4.51 -38.41
CA ASP A 230 -21.26 -3.19 -38.08
C ASP A 230 -22.32 -2.36 -37.36
N THR A 231 -22.42 -2.53 -36.05
CA THR A 231 -23.33 -1.73 -35.23
C THR A 231 -22.65 -0.39 -34.95
N GLY A 232 -23.20 0.38 -34.00
CA GLY A 232 -22.76 1.71 -33.60
C GLY A 232 -21.33 2.07 -33.95
N THR A 233 -20.37 1.49 -33.23
CA THR A 233 -18.95 1.46 -33.56
C THR A 233 -18.44 0.13 -33.02
N PRO A 234 -17.76 -0.67 -33.84
CA PRO A 234 -17.43 -2.04 -33.44
C PRO A 234 -16.49 -2.07 -32.24
N HIS A 235 -16.84 -2.92 -31.27
CA HIS A 235 -15.98 -3.22 -30.13
C HIS A 235 -15.14 -4.43 -30.49
N TRP A 236 -13.86 -4.21 -30.76
CA TRP A 236 -12.98 -5.29 -31.17
C TRP A 236 -12.52 -6.11 -29.96
N ASN A 237 -12.38 -7.41 -30.15
CA ASN A 237 -11.90 -8.32 -29.12
C ASN A 237 -10.56 -8.90 -29.54
N ASN A 238 -9.74 -9.26 -28.55
CA ASN A 238 -8.40 -9.81 -28.76
C ASN A 238 -7.57 -8.85 -29.61
N LYS A 239 -7.41 -7.63 -29.10
CA LYS A 239 -6.58 -6.64 -29.78
C LYS A 239 -5.10 -6.97 -29.65
N GLU A 240 -4.72 -7.76 -28.66
CA GLU A 240 -3.32 -8.15 -28.48
C GLU A 240 -2.84 -9.10 -29.56
N ALA A 241 -3.76 -9.65 -30.38
CA ALA A 241 -3.35 -10.52 -31.46
C ALA A 241 -2.56 -9.76 -32.52
N LEU A 242 -2.88 -8.47 -32.71
CA LEU A 242 -2.16 -7.62 -33.63
C LEU A 242 -1.27 -6.61 -32.95
N VAL A 243 -1.50 -6.34 -31.66
CA VAL A 243 -0.77 -5.31 -30.93
C VAL A 243 -0.02 -5.97 -29.78
N GLU A 244 1.30 -6.03 -29.89
CA GLU A 244 2.15 -6.48 -28.79
C GLU A 244 2.90 -5.28 -28.21
N PHE A 245 3.35 -5.44 -26.97
CA PHE A 245 3.98 -4.36 -26.22
C PHE A 245 5.45 -4.72 -25.99
N LYS A 246 6.35 -3.99 -26.66
CA LYS A 246 7.78 -4.22 -26.58
C LYS A 246 8.35 -3.64 -25.30
N ASP A 247 9.63 -3.99 -25.03
CA ASP A 247 10.18 -3.92 -23.68
C ASP A 247 9.94 -2.55 -23.05
N ALA A 248 9.84 -2.56 -21.72
CA ALA A 248 9.27 -1.47 -20.93
C ALA A 248 10.35 -0.76 -20.13
N HIS A 249 10.57 0.53 -20.44
CA HIS A 249 11.45 1.37 -19.63
C HIS A 249 10.76 1.74 -18.31
N ALA A 250 11.43 2.60 -17.53
CA ALA A 250 10.88 3.00 -16.23
C ALA A 250 9.63 3.85 -16.39
N LYS A 251 9.60 4.72 -17.40
CA LYS A 251 8.50 5.63 -17.59
C LYS A 251 7.79 5.47 -18.91
N ARG A 252 8.28 4.63 -19.81
CA ARG A 252 7.67 4.48 -21.13
C ARG A 252 7.62 3.01 -21.51
N GLN A 253 6.77 2.72 -22.50
CA GLN A 253 6.69 1.39 -23.10
C GLN A 253 6.29 1.56 -24.56
N THR A 254 6.88 0.74 -25.43
CA THR A 254 6.70 0.86 -26.86
C THR A 254 5.60 -0.08 -27.36
N VAL A 255 4.70 0.47 -28.18
CA VAL A 255 3.58 -0.27 -28.73
C VAL A 255 3.79 -0.38 -30.25
N VAL A 256 3.51 -1.57 -30.80
CA VAL A 256 3.79 -1.84 -32.20
C VAL A 256 2.65 -2.67 -32.79
N VAL A 257 2.27 -2.35 -34.03
CA VAL A 257 1.29 -3.12 -34.78
C VAL A 257 2.02 -4.09 -35.69
N LEU A 258 1.42 -5.26 -35.90
CA LEU A 258 2.04 -6.24 -36.78
C LEU A 258 1.92 -5.86 -38.24
N GLY A 259 0.88 -5.11 -38.59
CA GLY A 259 0.64 -4.79 -39.98
C GLY A 259 -0.29 -5.78 -40.64
N SER A 260 -0.35 -5.68 -41.96
CA SER A 260 -1.28 -6.47 -42.75
C SER A 260 -1.02 -7.97 -42.57
N GLN A 261 -2.10 -8.74 -42.43
CA GLN A 261 -2.03 -10.18 -42.30
C GLN A 261 -2.74 -10.89 -43.44
N GLU A 262 -2.98 -10.18 -44.55
CA GLU A 262 -3.73 -10.75 -45.66
C GLU A 262 -3.05 -11.99 -46.22
N GLY A 263 -1.73 -11.95 -46.34
CA GLY A 263 -1.01 -13.09 -46.85
C GLY A 263 -1.11 -14.31 -45.97
N ALA A 264 -1.22 -14.11 -44.66
CA ALA A 264 -1.34 -15.24 -43.74
C ALA A 264 -2.65 -15.99 -43.95
N VAL A 265 -3.73 -15.29 -44.29
CA VAL A 265 -4.99 -15.96 -44.55
C VAL A 265 -4.99 -16.58 -45.95
N HIS A 266 -4.45 -15.86 -46.94
CA HIS A 266 -4.34 -16.40 -48.29
C HIS A 266 -3.56 -17.71 -48.31
N THR A 267 -2.62 -17.87 -47.38
CA THR A 267 -1.86 -19.11 -47.28
C THR A 267 -2.52 -20.12 -46.34
N ALA A 268 -3.29 -19.66 -45.35
CA ALA A 268 -4.09 -20.58 -44.56
C ALA A 268 -5.29 -21.10 -45.34
N LEU A 269 -5.73 -20.35 -46.36
CA LEU A 269 -6.80 -20.80 -47.25
C LEU A 269 -6.14 -21.55 -48.42
N ALA A 270 -5.80 -22.80 -48.16
CA ALA A 270 -5.11 -23.63 -49.14
C ALA A 270 -6.07 -24.35 -50.07
N GLY A 271 -7.00 -25.12 -49.51
CA GLY A 271 -7.91 -25.89 -50.32
C GLY A 271 -9.27 -25.29 -50.59
N ALA A 272 -9.53 -24.09 -50.07
CA ALA A 272 -10.86 -23.49 -50.20
C ALA A 272 -11.20 -23.21 -51.65
N LEU A 273 -12.49 -23.35 -51.97
CA LEU A 273 -13.02 -23.09 -53.30
C LEU A 273 -13.66 -21.72 -53.34
N GLU A 274 -13.50 -21.03 -54.46
CA GLU A 274 -14.05 -19.69 -54.62
C GLU A 274 -15.49 -19.75 -55.14
N ALA A 275 -16.21 -18.65 -54.92
CA ALA A 275 -17.57 -18.48 -55.43
C ALA A 275 -17.62 -17.23 -56.30
N GLU A 276 -18.82 -16.76 -56.62
CA GLU A 276 -18.99 -15.55 -57.41
C GLU A 276 -20.22 -14.80 -56.93
N MET A 277 -20.08 -13.49 -56.77
CA MET A 277 -21.07 -12.66 -56.10
C MET A 277 -21.26 -11.36 -56.87
N ASP A 278 -21.65 -11.47 -58.15
CA ASP A 278 -21.81 -10.28 -58.99
C ASP A 278 -23.04 -9.48 -58.56
N GLY A 279 -22.92 -8.84 -57.39
CA GLY A 279 -23.97 -8.11 -56.74
C GLY A 279 -23.99 -8.45 -55.27
N ALA A 280 -25.16 -8.30 -54.65
CA ALA A 280 -25.31 -8.68 -53.25
C ALA A 280 -25.64 -10.16 -53.08
N LYS A 281 -25.91 -10.88 -54.17
CA LYS A 281 -26.30 -12.28 -54.12
C LYS A 281 -25.11 -13.16 -54.48
N GLY A 282 -24.97 -14.29 -53.78
CA GLY A 282 -23.91 -15.22 -54.05
C GLY A 282 -24.41 -16.53 -54.62
N ARG A 283 -24.01 -16.83 -55.86
CA ARG A 283 -24.41 -18.05 -56.53
C ARG A 283 -23.35 -19.14 -56.35
N LEU A 284 -23.82 -20.38 -56.25
CA LEU A 284 -22.93 -21.53 -56.15
C LEU A 284 -23.63 -22.74 -56.75
N SER A 285 -22.99 -23.90 -56.62
CA SER A 285 -23.31 -25.04 -57.48
C SER A 285 -24.50 -25.85 -56.98
N SER A 286 -24.28 -26.67 -55.95
CA SER A 286 -25.14 -27.82 -55.65
C SER A 286 -26.56 -27.40 -55.29
N GLY A 287 -27.42 -28.42 -55.16
CA GLY A 287 -28.83 -28.22 -54.83
C GLY A 287 -29.65 -29.48 -55.01
N HIS A 288 -30.62 -29.72 -54.13
CA HIS A 288 -31.47 -30.91 -54.21
C HIS A 288 -32.87 -30.56 -53.74
N LEU A 289 -33.86 -30.86 -54.57
CA LEU A 289 -35.26 -30.60 -54.27
C LEU A 289 -36.11 -31.83 -54.62
N LYS A 290 -37.36 -31.80 -54.16
CA LYS A 290 -38.36 -32.79 -54.52
C LYS A 290 -39.69 -32.07 -54.64
N CYS A 291 -40.42 -32.31 -55.72
CA CYS A 291 -41.55 -31.45 -56.06
C CYS A 291 -42.71 -32.26 -56.60
N ARG A 292 -43.91 -31.97 -56.11
CA ARG A 292 -45.11 -32.36 -56.82
C ARG A 292 -45.52 -31.22 -57.74
N LEU A 293 -45.67 -31.51 -59.04
CA LEU A 293 -46.01 -30.50 -60.02
C LEU A 293 -47.37 -30.81 -60.60
N LYS A 294 -48.22 -29.80 -60.71
CA LYS A 294 -49.62 -29.99 -61.11
C LYS A 294 -49.79 -29.63 -62.57
N MET A 295 -50.26 -30.59 -63.37
CA MET A 295 -50.40 -30.44 -64.81
C MET A 295 -51.86 -30.38 -65.25
N ASP A 296 -52.79 -30.08 -64.33
CA ASP A 296 -54.20 -30.02 -64.71
C ASP A 296 -54.45 -28.91 -65.72
N LYS A 297 -53.72 -27.80 -65.61
CA LYS A 297 -53.84 -26.68 -66.53
C LYS A 297 -52.77 -26.68 -67.60
N LEU A 298 -52.03 -27.77 -67.75
CA LEU A 298 -51.10 -27.93 -68.87
C LEU A 298 -51.82 -28.63 -70.01
N ARG A 299 -51.79 -28.02 -71.20
CA ARG A 299 -52.53 -28.54 -72.34
C ARG A 299 -51.63 -28.61 -73.57
N LEU A 300 -51.85 -29.64 -74.39
CA LEU A 300 -51.40 -29.57 -75.77
C LEU A 300 -52.27 -28.57 -76.51
N LYS A 301 -51.72 -28.01 -77.59
CA LYS A 301 -52.34 -26.92 -78.33
C LYS A 301 -53.84 -27.08 -78.47
N GLY A 302 -54.59 -26.08 -77.99
CA GLY A 302 -56.04 -26.13 -77.93
C GLY A 302 -56.73 -26.26 -79.28
N VAL A 303 -55.95 -26.22 -80.35
CA VAL A 303 -56.45 -26.40 -81.71
C VAL A 303 -55.91 -27.72 -82.24
N SER A 304 -56.78 -28.50 -82.87
CA SER A 304 -56.40 -29.75 -83.52
C SER A 304 -56.13 -29.47 -84.99
N TYR A 305 -54.86 -29.57 -85.38
CA TYR A 305 -54.46 -29.38 -86.77
C TYR A 305 -54.67 -30.66 -87.56
N SER A 306 -54.46 -30.55 -88.88
CA SER A 306 -54.39 -31.70 -89.76
C SER A 306 -52.94 -32.13 -89.94
N LEU A 307 -52.77 -33.29 -90.55
CA LEU A 307 -51.44 -33.87 -90.68
C LEU A 307 -50.64 -33.17 -91.77
N CYS A 308 -49.33 -33.14 -91.58
CA CYS A 308 -48.44 -32.67 -92.63
C CYS A 308 -48.45 -33.65 -93.79
N THR A 309 -48.50 -33.11 -95.01
CA THR A 309 -48.75 -33.92 -96.19
C THR A 309 -47.55 -34.08 -97.11
N ALA A 310 -46.60 -33.14 -97.10
CA ALA A 310 -45.48 -33.18 -98.04
C ALA A 310 -44.42 -34.15 -97.52
N ALA A 311 -43.25 -34.14 -98.17
CA ALA A 311 -42.22 -35.13 -97.91
C ALA A 311 -41.29 -34.66 -96.80
N PHE A 312 -40.86 -35.62 -95.98
CA PHE A 312 -39.81 -35.41 -94.99
C PHE A 312 -38.49 -35.99 -95.50
N THR A 313 -37.41 -35.61 -94.83
CA THR A 313 -36.08 -36.08 -95.20
C THR A 313 -35.19 -36.10 -93.97
N PHE A 314 -34.44 -37.19 -93.81
CA PHE A 314 -33.51 -37.35 -92.69
C PHE A 314 -32.27 -36.49 -92.96
N THR A 315 -32.10 -35.45 -92.14
CA THR A 315 -30.83 -34.71 -92.17
C THR A 315 -29.81 -35.38 -91.27
N LYS A 316 -30.12 -35.51 -89.98
CA LYS A 316 -29.32 -36.30 -89.05
C LYS A 316 -29.84 -37.73 -89.06
N ILE A 317 -28.94 -38.69 -89.31
CA ILE A 317 -29.32 -40.09 -89.23
C ILE A 317 -29.71 -40.38 -87.78
N PRO A 318 -30.62 -41.32 -87.52
CA PRO A 318 -31.01 -41.61 -86.14
C PRO A 318 -29.81 -41.98 -85.28
N ALA A 319 -29.69 -41.33 -84.12
CA ALA A 319 -28.54 -41.50 -83.25
C ALA A 319 -29.01 -41.83 -81.84
N GLU A 320 -28.42 -42.86 -81.25
CA GLU A 320 -28.84 -43.30 -79.93
C GLU A 320 -28.31 -42.36 -78.86
N THR A 321 -29.12 -42.15 -77.82
CA THR A 321 -28.73 -41.32 -76.68
C THR A 321 -28.21 -42.21 -75.56
N LEU A 322 -27.80 -41.57 -74.46
CA LEU A 322 -27.22 -42.31 -73.33
C LEU A 322 -28.25 -43.25 -72.70
N HIS A 323 -29.54 -42.93 -72.80
CA HIS A 323 -30.57 -43.63 -72.05
C HIS A 323 -31.38 -44.60 -72.91
N GLY A 324 -30.86 -44.98 -74.09
CA GLY A 324 -31.55 -45.91 -74.96
C GLY A 324 -32.49 -45.26 -75.94
N THR A 325 -32.89 -44.02 -75.72
CA THR A 325 -33.72 -43.31 -76.69
C THR A 325 -32.90 -42.96 -77.92
N VAL A 326 -33.59 -42.48 -78.95
CA VAL A 326 -32.96 -42.12 -80.22
C VAL A 326 -33.49 -40.77 -80.68
N THR A 327 -32.64 -40.03 -81.39
CA THR A 327 -33.00 -38.70 -81.88
C THR A 327 -32.93 -38.68 -83.41
N VAL A 328 -33.90 -38.01 -84.02
CA VAL A 328 -34.01 -37.88 -85.46
C VAL A 328 -34.26 -36.43 -85.81
N GLU A 329 -33.59 -35.93 -86.84
CA GLU A 329 -33.83 -34.60 -87.37
C GLU A 329 -34.36 -34.72 -88.79
N VAL A 330 -35.51 -34.12 -89.04
CA VAL A 330 -36.13 -34.12 -90.36
C VAL A 330 -36.24 -32.67 -90.82
N GLN A 331 -36.40 -32.49 -92.14
CA GLN A 331 -36.77 -31.19 -92.68
C GLN A 331 -37.99 -31.38 -93.56
N TYR A 332 -39.08 -30.73 -93.20
CA TYR A 332 -40.36 -30.89 -93.89
C TYR A 332 -40.42 -29.90 -95.06
N ALA A 333 -40.50 -30.42 -96.28
CA ALA A 333 -40.48 -29.60 -97.49
C ALA A 333 -41.88 -29.10 -97.88
N GLY A 334 -42.79 -28.94 -96.93
CA GLY A 334 -44.13 -28.51 -97.24
C GLY A 334 -44.53 -27.21 -96.55
N THR A 335 -45.65 -26.65 -96.99
CA THR A 335 -46.13 -25.36 -96.52
C THR A 335 -47.34 -25.48 -95.59
N ASP A 336 -47.78 -26.70 -95.29
CA ASP A 336 -49.03 -26.88 -94.55
C ASP A 336 -49.00 -26.22 -93.19
N GLY A 337 -47.81 -26.01 -92.62
CA GLY A 337 -47.65 -25.49 -91.28
C GLY A 337 -48.54 -24.30 -90.97
N PRO A 338 -49.17 -24.32 -89.78
CA PRO A 338 -49.01 -25.33 -88.73
C PRO A 338 -49.77 -26.65 -88.98
N CYS A 339 -49.01 -27.73 -89.16
CA CYS A 339 -49.55 -29.07 -89.29
C CYS A 339 -48.89 -29.99 -88.28
N LYS A 340 -49.65 -30.98 -87.82
CA LYS A 340 -49.10 -31.97 -86.90
C LYS A 340 -48.20 -32.95 -87.65
N VAL A 341 -47.11 -33.34 -87.01
CA VAL A 341 -46.12 -34.22 -87.63
C VAL A 341 -46.52 -35.68 -87.41
N PRO A 342 -46.67 -36.47 -88.47
CA PRO A 342 -46.86 -37.92 -88.32
C PRO A 342 -45.53 -38.60 -88.00
N ALA A 343 -45.38 -39.05 -86.76
CA ALA A 343 -44.15 -39.70 -86.32
C ALA A 343 -44.50 -40.82 -85.36
N GLN A 344 -44.01 -42.02 -85.65
CA GLN A 344 -44.30 -43.19 -84.84
C GLN A 344 -43.19 -44.21 -85.08
N MET A 345 -43.31 -45.35 -84.39
CA MET A 345 -42.49 -46.51 -84.64
C MET A 345 -43.40 -47.71 -84.91
N ALA A 346 -42.93 -48.60 -85.79
CA ALA A 346 -43.76 -49.69 -86.26
C ALA A 346 -42.90 -50.90 -86.54
N VAL A 347 -43.40 -52.08 -86.17
CA VAL A 347 -42.71 -53.34 -86.41
C VAL A 347 -43.39 -54.18 -87.49
N ASP A 348 -44.57 -53.78 -87.95
CA ASP A 348 -45.32 -54.54 -88.95
C ASP A 348 -45.06 -54.02 -90.36
N MET A 349 -45.31 -52.73 -90.59
CA MET A 349 -45.20 -51.95 -91.84
C MET A 349 -46.26 -52.32 -92.89
N GLN A 350 -47.05 -53.37 -92.68
CA GLN A 350 -48.31 -53.48 -93.43
C GLN A 350 -49.36 -52.62 -92.78
N THR A 351 -49.60 -52.84 -91.49
CA THR A 351 -50.31 -51.91 -90.63
C THR A 351 -49.29 -51.06 -89.87
N LEU A 352 -49.73 -49.88 -89.43
CA LEU A 352 -48.87 -48.92 -88.74
C LEU A 352 -49.16 -48.89 -87.24
N THR A 353 -49.29 -50.07 -86.63
CA THR A 353 -49.55 -50.16 -85.20
C THR A 353 -48.41 -49.53 -84.41
N PRO A 354 -48.67 -48.52 -83.59
CA PRO A 354 -47.58 -47.85 -82.87
C PRO A 354 -46.95 -48.75 -81.83
N VAL A 355 -45.62 -48.74 -81.79
CA VAL A 355 -44.83 -49.42 -80.78
C VAL A 355 -43.90 -48.40 -80.13
N GLY A 356 -43.41 -48.74 -78.94
CA GLY A 356 -42.63 -47.78 -78.19
C GLY A 356 -43.48 -46.58 -77.81
N ARG A 357 -42.87 -45.40 -77.92
CA ARG A 357 -43.57 -44.14 -77.69
C ARG A 357 -42.67 -43.00 -78.11
N LEU A 358 -43.28 -41.84 -78.34
CA LEU A 358 -42.55 -40.63 -78.64
C LEU A 358 -42.18 -39.92 -77.35
N ILE A 359 -40.98 -39.33 -77.32
CA ILE A 359 -40.63 -38.43 -76.23
C ILE A 359 -41.00 -36.99 -76.58
N THR A 360 -40.70 -36.56 -77.82
CA THR A 360 -41.24 -35.31 -78.34
C THR A 360 -42.70 -35.56 -78.71
N ALA A 361 -43.54 -35.66 -77.68
CA ALA A 361 -44.91 -36.07 -77.86
C ALA A 361 -45.72 -35.02 -78.62
N ASN A 362 -46.54 -35.49 -79.55
CA ASN A 362 -47.37 -34.67 -80.43
C ASN A 362 -46.52 -33.60 -81.09
N PRO A 363 -45.58 -33.98 -81.97
CA PRO A 363 -44.74 -32.96 -82.61
C PRO A 363 -45.55 -32.12 -83.58
N VAL A 364 -45.29 -30.81 -83.55
CA VAL A 364 -45.99 -29.85 -84.39
C VAL A 364 -44.96 -28.99 -85.11
N ILE A 365 -45.18 -28.75 -86.39
CA ILE A 365 -44.40 -27.80 -87.17
C ILE A 365 -45.26 -26.55 -87.29
N THR A 366 -44.99 -25.56 -86.44
CA THR A 366 -45.66 -24.26 -86.55
C THR A 366 -45.09 -23.42 -87.69
N GLU A 367 -43.86 -23.71 -88.12
CA GLU A 367 -43.27 -23.02 -89.26
C GLU A 367 -44.16 -23.15 -90.49
N SER A 368 -44.50 -22.01 -91.09
CA SER A 368 -45.27 -22.00 -92.32
C SER A 368 -44.39 -21.95 -93.57
N THR A 369 -43.09 -21.72 -93.40
CA THR A 369 -42.20 -21.60 -94.55
C THR A 369 -41.82 -22.99 -95.08
N GLU A 370 -41.02 -22.99 -96.14
CA GLU A 370 -40.86 -24.17 -96.98
C GLU A 370 -40.09 -25.28 -96.28
N ASN A 371 -38.81 -25.06 -95.99
CA ASN A 371 -37.90 -26.12 -95.52
C ASN A 371 -37.61 -25.97 -94.04
N SER A 372 -38.64 -26.22 -93.24
CA SER A 372 -38.51 -26.21 -91.79
C SER A 372 -37.88 -27.51 -91.31
N LYS A 373 -36.93 -27.39 -90.39
CA LYS A 373 -36.30 -28.54 -89.76
C LYS A 373 -36.93 -28.79 -88.40
N MET A 374 -36.84 -30.04 -87.94
CA MET A 374 -37.38 -30.41 -86.64
C MET A 374 -36.64 -31.64 -86.12
N MET A 375 -36.31 -31.60 -84.83
CA MET A 375 -35.70 -32.72 -84.14
C MET A 375 -36.76 -33.49 -83.37
N LEU A 376 -36.67 -34.81 -83.42
CA LEU A 376 -37.55 -35.69 -82.67
C LEU A 376 -36.71 -36.59 -81.78
N GLU A 377 -37.31 -37.06 -80.69
CA GLU A 377 -36.69 -38.06 -79.83
C GLU A 377 -37.69 -39.16 -79.57
N LEU A 378 -37.35 -40.39 -79.95
CA LEU A 378 -38.23 -41.53 -79.83
C LEU A 378 -37.73 -42.48 -78.75
N ASP A 379 -38.66 -43.26 -78.20
CA ASP A 379 -38.36 -44.27 -77.19
C ASP A 379 -38.60 -45.64 -77.79
N PRO A 380 -37.61 -46.22 -78.48
CA PRO A 380 -37.87 -47.44 -79.24
C PRO A 380 -38.12 -48.63 -78.33
N PRO A 381 -38.91 -49.60 -78.78
CA PRO A 381 -38.99 -50.87 -78.06
C PRO A 381 -37.69 -51.65 -78.20
N PHE A 382 -37.60 -52.71 -77.42
CA PHE A 382 -36.38 -53.50 -77.37
C PHE A 382 -36.38 -54.50 -78.51
N GLY A 383 -35.22 -54.69 -79.13
CA GLY A 383 -35.16 -55.48 -80.34
C GLY A 383 -35.12 -54.62 -81.58
N ASP A 384 -35.85 -55.03 -82.62
CA ASP A 384 -35.90 -54.29 -83.87
C ASP A 384 -37.22 -53.51 -83.99
N SER A 385 -37.16 -52.40 -84.71
CA SER A 385 -38.31 -51.56 -84.98
C SER A 385 -37.92 -50.55 -86.05
N TYR A 386 -38.93 -49.94 -86.67
CA TYR A 386 -38.73 -48.98 -87.73
C TYR A 386 -39.21 -47.60 -87.29
N ILE A 387 -38.34 -46.61 -87.41
CA ILE A 387 -38.75 -45.22 -87.25
C ILE A 387 -39.49 -44.79 -88.51
N VAL A 388 -40.73 -44.34 -88.33
CA VAL A 388 -41.61 -44.01 -89.46
C VAL A 388 -41.98 -42.53 -89.36
N ILE A 389 -41.60 -41.76 -90.38
CA ILE A 389 -41.94 -40.35 -90.49
C ILE A 389 -42.72 -40.15 -91.78
N GLY A 390 -43.76 -39.32 -91.72
CA GLY A 390 -44.61 -39.11 -92.87
C GLY A 390 -45.88 -39.92 -92.80
N VAL A 391 -46.68 -39.83 -93.86
CA VAL A 391 -47.96 -40.53 -93.85
C VAL A 391 -48.13 -41.38 -95.09
N GLY A 392 -47.91 -40.80 -96.27
CA GLY A 392 -48.33 -41.39 -97.51
C GLY A 392 -47.30 -42.25 -98.22
N GLU A 393 -47.31 -42.18 -99.56
CA GLU A 393 -46.40 -43.01 -100.35
C GLU A 393 -44.96 -42.54 -100.21
N LYS A 394 -44.75 -41.24 -100.11
CA LYS A 394 -43.42 -40.67 -100.01
C LYS A 394 -42.91 -40.62 -98.57
N LYS A 395 -43.47 -41.42 -97.68
CA LYS A 395 -43.00 -41.44 -96.29
C LYS A 395 -41.66 -42.17 -96.18
N ILE A 396 -40.92 -41.85 -95.13
CA ILE A 396 -39.58 -42.38 -94.92
C ILE A 396 -39.58 -43.30 -93.71
N THR A 397 -38.71 -44.30 -93.76
CA THR A 397 -38.50 -45.23 -92.65
C THR A 397 -37.02 -45.40 -92.40
N HIS A 398 -36.70 -45.92 -91.22
CA HIS A 398 -35.31 -46.20 -90.86
C HIS A 398 -35.28 -47.28 -89.79
N HIS A 399 -34.58 -48.38 -90.07
CA HIS A 399 -34.48 -49.46 -89.11
C HIS A 399 -33.75 -48.99 -87.85
N TRP A 400 -34.07 -49.63 -86.73
CA TRP A 400 -33.42 -49.32 -85.46
C TRP A 400 -33.45 -50.53 -84.56
N HIS A 401 -32.31 -50.87 -83.98
CA HIS A 401 -32.20 -51.98 -83.04
C HIS A 401 -31.77 -51.46 -81.67
N ARG A 402 -32.53 -51.83 -80.65
CA ARG A 402 -32.22 -51.49 -79.27
C ARG A 402 -31.97 -52.79 -78.50
N SER A 403 -30.93 -52.78 -77.67
CA SER A 403 -30.52 -53.96 -76.92
C SER A 403 -30.92 -53.84 -75.46
N GLY A 404 -30.84 -54.97 -74.77
CA GLY A 404 -31.28 -55.06 -73.39
C GLY A 404 -32.67 -55.66 -73.28
N SER A 405 -33.19 -55.64 -72.06
CA SER A 405 -34.55 -56.12 -71.80
C SER A 405 -35.09 -55.39 -70.57
N THR A 406 -36.22 -55.87 -70.07
CA THR A 406 -36.95 -55.24 -68.95
C THR A 406 -36.05 -54.96 -67.74
N GLN B 1 34.55 -11.41 -2.86
CA GLN B 1 34.31 -10.85 -1.54
C GLN B 1 34.88 -9.44 -1.42
N VAL B 2 33.99 -8.44 -1.48
CA VAL B 2 34.41 -7.05 -1.39
C VAL B 2 34.84 -6.72 0.03
N GLN B 3 35.91 -5.94 0.14
CA GLN B 3 36.35 -5.39 1.41
C GLN B 3 36.49 -3.88 1.27
N LEU B 4 36.13 -3.16 2.33
CA LEU B 4 36.27 -1.72 2.41
C LEU B 4 37.12 -1.37 3.61
N GLN B 5 37.98 -0.38 3.45
CA GLN B 5 38.91 0.01 4.51
C GLN B 5 39.03 1.52 4.56
N GLU B 6 38.56 2.11 5.65
CA GLU B 6 38.70 3.54 5.86
C GLU B 6 40.14 3.88 6.23
N SER B 7 40.56 5.10 5.85
CA SER B 7 41.87 5.58 6.27
C SER B 7 41.94 5.68 7.79
N GLY B 8 43.17 5.76 8.30
CA GLY B 8 43.45 5.62 9.71
C GLY B 8 42.60 6.49 10.62
N PRO B 9 42.31 5.99 11.83
CA PRO B 9 41.66 6.83 12.84
C PRO B 9 42.53 8.04 13.16
N GLY B 10 41.88 9.19 13.29
CA GLY B 10 42.61 10.44 13.36
C GLY B 10 42.01 11.43 14.33
N LEU B 11 42.74 12.54 14.50
CA LEU B 11 42.40 13.62 15.40
C LEU B 11 42.18 14.88 14.59
N VAL B 12 41.18 15.67 14.98
CA VAL B 12 40.77 16.85 14.22
C VAL B 12 40.56 18.01 15.17
N LYS B 13 40.94 19.22 14.74
CA LYS B 13 40.74 20.44 15.51
C LYS B 13 39.36 21.04 15.21
N PRO B 14 38.73 21.67 16.20
CA PRO B 14 37.41 22.27 15.98
C PRO B 14 37.43 23.30 14.86
N SER B 15 36.32 23.39 14.12
CA SER B 15 36.09 24.27 12.98
C SER B 15 36.93 23.92 11.76
N GLU B 16 37.84 22.94 11.85
CA GLU B 16 38.55 22.47 10.67
C GLU B 16 37.72 21.39 9.96
N THR B 17 38.24 20.88 8.86
CA THR B 17 37.51 19.95 8.01
C THR B 17 38.01 18.53 8.22
N LEU B 18 37.08 17.60 8.42
CA LEU B 18 37.41 16.19 8.55
C LEU B 18 37.53 15.58 7.16
N SER B 19 38.63 14.85 6.93
CA SER B 19 38.92 14.26 5.62
C SER B 19 39.23 12.78 5.81
N LEU B 20 38.37 11.92 5.28
CA LEU B 20 38.55 10.48 5.32
C LEU B 20 38.52 9.93 3.90
N ILE B 21 39.26 8.84 3.69
CA ILE B 21 39.25 8.10 2.42
C ILE B 21 39.08 6.63 2.75
N CYS B 22 38.11 5.99 2.11
CA CYS B 22 37.95 4.55 2.23
C CYS B 22 38.22 3.92 0.87
N THR B 23 39.03 2.88 0.87
CA THR B 23 39.51 2.26 -0.36
C THR B 23 38.94 0.85 -0.47
N VAL B 24 38.47 0.50 -1.67
CA VAL B 24 37.72 -0.72 -1.89
C VAL B 24 38.66 -1.81 -2.38
N SER B 25 38.58 -2.99 -1.77
CA SER B 25 39.31 -4.17 -2.21
C SER B 25 38.33 -5.25 -2.62
N GLY B 26 38.86 -6.29 -3.28
CA GLY B 26 38.07 -7.43 -3.69
C GLY B 26 37.03 -7.18 -4.76
N GLY B 27 36.96 -5.97 -5.30
CA GLY B 27 35.98 -5.67 -6.33
C GLY B 27 36.19 -4.28 -6.88
N SER B 28 35.45 -3.98 -7.93
CA SER B 28 35.58 -2.69 -8.61
C SER B 28 34.53 -1.71 -8.11
N ILE B 29 34.93 -0.44 -7.98
CA ILE B 29 33.99 0.64 -7.68
C ILE B 29 33.32 1.17 -8.94
N SER B 30 33.86 0.86 -10.12
CA SER B 30 33.26 1.31 -11.38
C SER B 30 32.23 0.29 -11.84
N THR B 31 31.15 0.20 -11.06
CA THR B 31 30.03 -0.68 -11.37
C THR B 31 28.74 0.12 -11.34
N ARG B 32 27.78 -0.30 -12.15
CA ARG B 32 26.50 0.41 -12.26
C ARG B 32 25.44 -0.13 -11.31
N ASP B 33 25.67 -1.28 -10.67
CA ASP B 33 24.65 -1.90 -9.82
C ASP B 33 24.65 -1.39 -8.39
N TYR B 34 25.74 -0.77 -7.93
CA TYR B 34 25.89 -0.41 -6.53
C TYR B 34 26.10 1.09 -6.37
N TYR B 35 25.77 1.57 -5.16
CA TYR B 35 26.14 2.89 -4.69
C TYR B 35 27.21 2.73 -3.61
N TRP B 36 27.70 3.87 -3.12
CA TRP B 36 28.87 3.91 -2.27
C TRP B 36 28.67 5.02 -1.23
N GLY B 37 28.52 4.63 0.04
CA GLY B 37 28.02 5.51 1.06
C GLY B 37 28.95 5.67 2.25
N TRP B 38 28.58 6.60 3.12
CA TRP B 38 29.30 6.89 4.36
C TRP B 38 28.30 6.93 5.50
N ILE B 39 28.62 6.24 6.59
CA ILE B 39 27.71 6.12 7.73
C ILE B 39 28.52 6.31 9.02
N ARG B 40 27.99 7.14 9.92
CA ARG B 40 28.65 7.51 11.16
C ARG B 40 27.99 6.81 12.36
N GLN B 41 28.66 6.90 13.50
CA GLN B 41 28.13 6.32 14.74
C GLN B 41 28.82 6.99 15.93
N THR B 42 28.10 7.90 16.60
CA THR B 42 28.56 8.47 17.85
C THR B 42 28.57 7.38 18.92
N PRO B 43 29.43 7.52 19.94
CA PRO B 43 29.68 6.40 20.88
C PRO B 43 28.44 5.82 21.53
N GLY B 44 27.51 6.69 21.96
CA GLY B 44 26.31 6.30 22.67
C GLY B 44 25.56 5.13 22.05
N LYS B 45 24.82 5.39 20.97
CA LYS B 45 24.12 4.35 20.23
C LYS B 45 24.10 4.66 18.74
N GLY B 46 23.63 5.86 18.40
CA GLY B 46 23.19 6.24 17.07
C GLY B 46 23.97 5.78 15.87
N LEU B 47 23.25 5.29 14.87
CA LEU B 47 23.78 5.07 13.53
C LEU B 47 23.14 6.09 12.61
N GLU B 48 23.97 6.93 11.98
CA GLU B 48 23.48 8.00 11.13
C GLU B 48 24.14 7.90 9.77
N TRP B 49 23.34 8.00 8.73
CA TRP B 49 23.82 7.96 7.36
C TRP B 49 24.22 9.35 6.91
N ILE B 50 25.40 9.45 6.30
CA ILE B 50 25.96 10.74 5.89
C ILE B 50 25.69 11.03 4.41
N GLY B 51 25.85 10.04 3.54
CA GLY B 51 25.66 10.26 2.11
C GLY B 51 26.16 9.13 1.23
N SER B 52 25.61 9.02 0.02
CA SER B 52 26.06 8.02 -0.93
C SER B 52 26.41 8.70 -2.25
N ILE B 53 27.11 7.95 -3.11
CA ILE B 53 27.62 8.51 -4.35
C ILE B 53 27.72 7.41 -5.39
N TYR B 54 27.54 7.79 -6.65
CA TYR B 54 27.64 6.88 -7.79
C TYR B 54 29.05 6.92 -8.36
N TYR B 55 29.45 5.82 -9.01
CA TYR B 55 30.73 5.80 -9.72
C TYR B 55 30.78 6.92 -10.76
N SER B 56 29.64 7.26 -11.36
CA SER B 56 29.60 8.37 -12.31
C SER B 56 30.00 9.67 -11.65
N GLY B 57 29.58 9.88 -10.40
CA GLY B 57 29.92 11.08 -9.67
C GLY B 57 28.75 11.69 -8.92
N GLY B 58 27.54 11.27 -9.29
CA GLY B 58 26.33 11.78 -8.66
C GLY B 58 26.26 11.53 -7.17
N THR B 59 26.00 12.60 -6.40
CA THR B 59 26.00 12.54 -4.94
C THR B 59 24.57 12.60 -4.40
N TYR B 60 24.38 11.99 -3.23
CA TYR B 60 23.12 12.06 -2.50
C TYR B 60 23.44 12.20 -1.03
N TYR B 61 23.04 13.34 -0.44
CA TYR B 61 23.43 13.68 0.92
C TYR B 61 22.22 13.70 1.84
N SER B 62 22.49 13.49 3.12
CA SER B 62 21.45 13.68 4.12
C SER B 62 21.11 15.16 4.21
N PRO B 63 19.82 15.52 4.33
CA PRO B 63 19.45 16.93 4.47
C PRO B 63 19.93 17.55 5.77
N SER B 64 20.25 16.75 6.78
CA SER B 64 20.76 17.28 8.04
C SER B 64 22.25 17.62 7.98
N LEU B 65 22.94 17.28 6.89
CA LEU B 65 24.36 17.51 6.80
C LEU B 65 24.81 18.04 5.45
N LYS B 66 23.89 18.22 4.49
CA LYS B 66 24.26 18.53 3.11
C LYS B 66 25.20 19.72 3.01
N SER B 67 24.96 20.76 3.80
CA SER B 67 25.77 21.97 3.70
C SER B 67 27.20 21.77 4.17
N ARG B 68 27.47 20.71 4.93
CA ARG B 68 28.81 20.47 5.46
C ARG B 68 29.53 19.30 4.81
N VAL B 69 28.82 18.44 4.07
CA VAL B 69 29.39 17.22 3.52
C VAL B 69 29.80 17.42 2.07
N THR B 70 30.90 16.80 1.68
CA THR B 70 31.30 16.67 0.29
C THR B 70 31.88 15.29 0.08
N ILE B 71 31.28 14.52 -0.83
CA ILE B 71 31.73 13.17 -1.15
C ILE B 71 32.16 13.14 -2.61
N SER B 72 33.24 12.43 -2.90
CA SER B 72 33.79 12.36 -4.24
C SER B 72 34.28 10.95 -4.53
N VAL B 73 34.26 10.58 -5.81
CA VAL B 73 34.73 9.28 -6.28
C VAL B 73 36.03 9.48 -7.05
N ASP B 74 36.93 8.50 -6.92
CA ASP B 74 38.09 8.35 -7.80
C ASP B 74 38.05 6.92 -8.33
N THR B 75 37.39 6.73 -9.47
CA THR B 75 37.27 5.39 -10.04
C THR B 75 38.63 4.81 -10.39
N SER B 76 39.60 5.66 -10.72
CA SER B 76 40.91 5.17 -11.12
C SER B 76 41.66 4.51 -9.97
N LYS B 77 41.46 4.98 -8.74
CA LYS B 77 42.11 4.40 -7.58
C LYS B 77 41.17 3.53 -6.74
N ASN B 78 39.92 3.32 -7.18
CA ASN B 78 38.98 2.42 -6.53
C ASN B 78 38.69 2.85 -5.08
N GLN B 79 38.64 4.17 -4.86
CA GLN B 79 38.38 4.71 -3.53
C GLN B 79 37.46 5.91 -3.64
N PHE B 80 36.89 6.29 -2.50
CA PHE B 80 36.07 7.49 -2.40
C PHE B 80 36.41 8.21 -1.10
N SER B 81 36.01 9.48 -1.01
CA SER B 81 36.44 10.34 0.08
C SER B 81 35.25 11.04 0.73
N LEU B 82 35.30 11.19 2.05
CA LEU B 82 34.34 11.98 2.81
C LEU B 82 35.03 13.25 3.29
N LYS B 83 34.32 14.38 3.19
CA LYS B 83 34.79 15.66 3.73
C LYS B 83 33.65 16.32 4.49
N LEU B 84 33.79 16.38 5.81
CA LEU B 84 32.95 17.21 6.67
C LEU B 84 33.72 18.48 7.01
N ARG B 85 33.02 19.61 7.07
CA ARG B 85 33.64 20.90 7.36
C ARG B 85 32.95 21.54 8.55
N SER B 86 33.66 22.50 9.17
CA SER B 86 33.18 23.20 10.36
C SER B 86 32.84 22.19 11.47
N VAL B 87 33.76 21.25 11.68
CA VAL B 87 33.54 20.16 12.62
C VAL B 87 33.53 20.68 14.05
N THR B 88 32.68 20.08 14.88
CA THR B 88 32.57 20.37 16.30
C THR B 88 32.76 19.06 17.08
N ALA B 89 32.59 19.15 18.40
CA ALA B 89 32.64 17.98 19.25
C ALA B 89 31.47 17.04 19.02
N ALA B 90 30.37 17.56 18.48
CA ALA B 90 29.22 16.72 18.15
C ALA B 90 29.51 15.78 16.99
N ASP B 91 30.64 15.95 16.30
CA ASP B 91 30.98 15.12 15.14
C ASP B 91 31.97 14.01 15.47
N THR B 92 32.44 13.93 16.71
CA THR B 92 33.29 12.82 17.12
C THR B 92 32.49 11.52 17.06
N ALA B 93 32.96 10.57 16.27
CA ALA B 93 32.22 9.32 16.05
C ALA B 93 33.09 8.35 15.27
N VAL B 94 32.63 7.12 15.20
CA VAL B 94 33.22 6.12 14.31
C VAL B 94 32.51 6.22 12.96
N TYR B 95 33.29 6.38 11.90
CA TYR B 95 32.75 6.58 10.56
C TYR B 95 32.98 5.32 9.74
N TYR B 96 31.90 4.75 9.22
CA TYR B 96 31.93 3.56 8.38
C TYR B 96 31.69 3.94 6.93
N CYS B 97 32.48 3.37 6.03
CA CYS B 97 32.18 3.33 4.61
C CYS B 97 31.48 2.02 4.29
N ALA B 98 30.50 2.08 3.39
CA ALA B 98 29.70 0.90 3.09
C ALA B 98 29.32 0.91 1.61
N ARG B 99 29.06 -0.27 1.07
CA ARG B 99 28.53 -0.41 -0.28
C ARG B 99 27.02 -0.49 -0.18
N GLN B 100 26.33 0.38 -0.90
CA GLN B 100 24.88 0.37 -0.96
C GLN B 100 24.47 -0.40 -2.20
N TRP B 101 23.84 -1.57 -1.99
CA TRP B 101 23.38 -2.38 -3.10
C TRP B 101 22.07 -1.83 -3.67
N GLY B 102 21.02 -1.79 -2.86
CA GLY B 102 19.79 -1.16 -3.27
C GLY B 102 19.38 -0.09 -2.28
N ASN B 103 18.48 -0.43 -1.37
CA ASN B 103 18.18 0.42 -0.23
C ASN B 103 18.94 0.00 1.01
N TYR B 104 19.91 -0.89 0.85
CA TYR B 104 20.50 -1.65 1.95
C TYR B 104 22.03 -1.60 1.82
N PHE B 105 22.71 -1.73 2.94
CA PHE B 105 24.17 -1.71 2.97
C PHE B 105 24.65 -3.13 3.24
N ASP B 106 25.10 -3.82 2.18
CA ASP B 106 25.45 -5.22 2.28
C ASP B 106 26.87 -5.47 2.76
N HIS B 107 27.75 -4.47 2.66
CA HIS B 107 29.14 -4.63 3.07
C HIS B 107 29.63 -3.36 3.73
N TRP B 108 30.37 -3.52 4.82
CA TRP B 108 30.84 -2.43 5.66
C TRP B 108 32.35 -2.44 5.76
N GLY B 109 32.88 -1.39 6.38
CA GLY B 109 34.29 -1.32 6.72
C GLY B 109 34.50 -1.52 8.21
N GLN B 110 35.78 -1.68 8.58
CA GLN B 110 36.12 -1.91 9.98
C GLN B 110 35.75 -0.71 10.84
N GLY B 111 35.69 0.47 10.27
CA GLY B 111 35.36 1.67 11.01
C GLY B 111 36.59 2.46 11.38
N SER B 112 36.43 3.78 11.44
CA SER B 112 37.51 4.69 11.80
C SER B 112 36.98 5.69 12.81
N LEU B 113 37.57 5.70 14.01
CA LEU B 113 37.15 6.64 15.04
C LEU B 113 37.83 7.98 14.81
N VAL B 114 37.03 9.04 14.78
CA VAL B 114 37.52 10.41 14.64
C VAL B 114 37.17 11.16 15.92
N THR B 115 38.19 11.71 16.57
CA THR B 115 38.03 12.52 17.76
C THR B 115 38.35 13.97 17.41
N VAL B 116 37.58 14.90 17.97
CA VAL B 116 37.68 16.32 17.64
C VAL B 116 37.97 17.07 18.93
N SER B 117 39.20 17.55 19.07
CA SER B 117 39.59 18.38 20.19
C SER B 117 40.84 19.17 19.80
N SER B 118 41.07 20.27 20.50
CA SER B 118 42.26 21.09 20.30
C SER B 118 43.38 20.59 21.22
N ALA B 119 43.78 19.36 20.98
CA ALA B 119 44.86 18.71 21.71
C ALA B 119 45.68 17.88 20.73
N SER B 120 46.95 17.65 21.08
CA SER B 120 47.86 16.94 20.20
C SER B 120 47.89 15.45 20.55
N THR B 121 48.34 14.66 19.59
CA THR B 121 48.41 13.22 19.77
C THR B 121 49.60 12.85 20.65
N LYS B 122 49.39 11.84 21.51
CA LYS B 122 50.46 11.27 22.31
C LYS B 122 50.42 9.75 22.20
N GLY B 123 51.60 9.14 22.10
CA GLY B 123 51.71 7.70 22.03
C GLY B 123 51.60 7.05 23.40
N PRO B 124 51.30 5.76 23.43
CA PRO B 124 51.17 5.05 24.70
C PRO B 124 52.49 4.47 25.18
N SER B 125 52.47 4.05 26.44
CA SER B 125 53.58 3.33 27.06
C SER B 125 53.05 1.99 27.54
N VAL B 126 53.75 0.91 27.16
CA VAL B 126 53.24 -0.45 27.32
C VAL B 126 54.11 -1.18 28.34
N PHE B 127 53.44 -1.78 29.33
CA PHE B 127 54.07 -2.35 30.51
C PHE B 127 53.61 -3.80 30.69
N PRO B 128 54.52 -4.70 31.02
CA PRO B 128 54.12 -6.10 31.20
C PRO B 128 53.54 -6.37 32.57
N LEU B 129 52.60 -7.32 32.62
CA LEU B 129 51.96 -7.77 33.86
C LEU B 129 52.15 -9.28 33.96
N ALA B 130 53.05 -9.69 34.85
CA ALA B 130 53.40 -11.10 35.02
C ALA B 130 53.03 -11.54 36.44
N PRO B 131 53.00 -12.85 36.72
CA PRO B 131 52.78 -13.29 38.10
C PRO B 131 53.90 -12.80 39.01
N SER B 132 53.54 -12.48 40.25
CA SER B 132 54.46 -11.87 41.19
C SER B 132 55.04 -12.92 42.14
N SER B 133 55.67 -12.45 43.22
CA SER B 133 56.22 -13.36 44.22
C SER B 133 55.14 -14.30 44.73
N LYS B 134 55.48 -15.60 44.78
CA LYS B 134 54.50 -16.68 44.95
C LYS B 134 53.62 -16.78 43.70
N SER B 135 54.28 -16.80 42.54
CA SER B 135 53.58 -16.88 41.26
C SER B 135 52.78 -18.16 41.14
N THR B 136 53.17 -19.18 41.90
CA THR B 136 52.57 -20.50 41.78
C THR B 136 51.07 -20.46 42.05
N SER B 137 50.35 -21.33 41.35
CA SER B 137 48.92 -21.53 41.56
C SER B 137 48.57 -22.93 41.10
N GLY B 138 47.28 -23.26 41.20
CA GLY B 138 46.79 -24.59 40.88
C GLY B 138 47.06 -25.05 39.46
N GLY B 139 46.37 -24.46 38.49
CA GLY B 139 46.53 -24.86 37.11
C GLY B 139 46.18 -23.76 36.12
N THR B 140 46.11 -22.53 36.59
CA THR B 140 45.79 -21.39 35.74
C THR B 140 46.65 -20.20 36.12
N ALA B 141 47.05 -19.43 35.10
CA ALA B 141 47.82 -18.22 35.30
C ALA B 141 47.26 -17.12 34.41
N ALA B 142 47.37 -15.88 34.88
CA ALA B 142 46.84 -14.72 34.17
C ALA B 142 47.99 -13.78 33.84
N LEU B 143 48.22 -13.55 32.54
CA LEU B 143 49.22 -12.61 32.05
C LEU B 143 48.53 -11.37 31.52
N GLY B 144 49.21 -10.22 31.65
CA GLY B 144 48.61 -8.94 31.33
C GLY B 144 49.54 -8.04 30.53
N CYS B 145 49.01 -6.88 30.16
CA CYS B 145 49.74 -5.93 29.32
C CYS B 145 49.02 -4.59 29.45
N LEU B 146 49.71 -3.59 30.01
CA LEU B 146 49.09 -2.32 30.39
C LEU B 146 49.46 -1.25 29.37
N VAL B 147 48.47 -0.81 28.60
CA VAL B 147 48.63 0.31 27.67
C VAL B 147 48.18 1.58 28.37
N LYS B 148 49.09 2.53 28.54
CA LYS B 148 48.86 3.68 29.40
C LYS B 148 49.23 4.99 28.70
N ASP B 149 48.40 6.01 28.93
CA ASP B 149 48.72 7.41 28.64
C ASP B 149 48.87 7.66 27.14
N TYR B 150 47.77 7.48 26.43
CA TYR B 150 47.72 7.80 25.02
C TYR B 150 46.55 8.73 24.75
N PHE B 151 46.62 9.39 23.60
CA PHE B 151 45.50 10.21 23.14
C PHE B 151 45.68 10.53 21.67
N PRO B 152 44.64 10.37 20.84
CA PRO B 152 43.33 9.84 21.26
C PRO B 152 43.25 8.33 21.12
N GLU B 153 42.04 7.79 21.28
CA GLU B 153 41.79 6.39 21.03
C GLU B 153 41.81 6.14 19.52
N PRO B 154 41.97 4.86 19.11
CA PRO B 154 42.18 3.65 19.90
C PRO B 154 43.54 3.00 19.74
N VAL B 155 43.87 2.08 20.65
CA VAL B 155 44.86 1.05 20.36
C VAL B 155 44.11 -0.23 20.04
N THR B 156 44.82 -1.14 19.39
CA THR B 156 44.42 -2.52 19.28
C THR B 156 45.51 -3.39 19.87
N VAL B 157 45.11 -4.46 20.56
CA VAL B 157 46.06 -5.33 21.24
C VAL B 157 45.78 -6.77 20.83
N SER B 158 46.83 -7.46 20.36
CA SER B 158 46.77 -8.88 20.05
C SER B 158 47.87 -9.59 20.79
N TRP B 159 47.76 -10.93 20.85
CA TRP B 159 48.71 -11.75 21.56
C TRP B 159 49.31 -12.78 20.62
N ASN B 160 50.64 -12.88 20.62
CA ASN B 160 51.37 -13.80 19.75
C ASN B 160 50.98 -13.61 18.29
N SER B 161 50.94 -12.34 17.88
CA SER B 161 50.59 -11.95 16.51
C SER B 161 49.21 -12.47 16.11
N GLY B 162 48.26 -12.39 17.03
CA GLY B 162 46.90 -12.80 16.75
C GLY B 162 46.66 -14.29 16.74
N ALA B 163 47.64 -15.09 17.15
CA ALA B 163 47.47 -16.53 17.18
C ALA B 163 46.79 -17.00 18.46
N LEU B 164 46.97 -16.27 19.56
CA LEU B 164 46.39 -16.61 20.86
C LEU B 164 45.09 -15.82 21.02
N THR B 165 43.96 -16.47 20.73
CA THR B 165 42.65 -15.82 20.77
C THR B 165 41.81 -16.23 21.96
N SER B 166 41.98 -17.46 22.47
CA SER B 166 41.01 -18.05 23.39
C SER B 166 40.87 -17.23 24.67
N GLY B 167 41.94 -17.13 25.46
CA GLY B 167 41.77 -16.53 26.77
C GLY B 167 41.93 -15.03 26.87
N VAL B 168 41.93 -14.33 25.75
CA VAL B 168 42.26 -12.90 25.74
C VAL B 168 41.03 -12.08 26.11
N HIS B 169 41.23 -11.11 27.01
CA HIS B 169 40.26 -10.05 27.26
C HIS B 169 41.03 -8.73 27.22
N THR B 170 40.60 -7.82 26.35
CA THR B 170 41.14 -6.48 26.29
C THR B 170 40.08 -5.51 26.79
N PHE B 171 40.46 -4.63 27.67
CA PHE B 171 39.39 -3.89 28.31
C PHE B 171 39.27 -2.50 27.70
N PRO B 172 38.05 -1.97 27.65
CA PRO B 172 37.88 -0.59 27.14
C PRO B 172 38.67 0.40 27.97
N ALA B 173 39.23 1.40 27.30
CA ALA B 173 40.07 2.38 27.97
C ALA B 173 39.22 3.30 28.85
N VAL B 174 39.83 3.79 29.91
CA VAL B 174 39.18 4.70 30.86
C VAL B 174 39.88 6.05 30.79
N LEU B 175 39.09 7.11 30.63
CA LEU B 175 39.62 8.46 30.60
C LEU B 175 40.01 8.89 32.01
N GLN B 176 41.30 8.99 32.27
CA GLN B 176 41.77 9.52 33.54
C GLN B 176 41.90 11.03 33.47
N SER B 177 42.10 11.65 34.64
CA SER B 177 42.05 13.11 34.76
C SER B 177 43.35 13.75 34.28
N SER B 178 43.65 13.51 33.01
CA SER B 178 44.72 14.22 32.31
C SER B 178 44.47 14.18 30.81
N GLY B 179 43.26 13.84 30.37
CA GLY B 179 43.13 13.22 29.06
C GLY B 179 43.79 11.86 29.16
N LEU B 180 44.53 11.48 28.10
CA LEU B 180 45.45 10.35 28.13
C LEU B 180 44.81 9.10 28.72
N TYR B 181 43.92 8.50 27.94
CA TYR B 181 43.24 7.28 28.36
C TYR B 181 44.26 6.17 28.64
N SER B 182 43.77 5.10 29.27
CA SER B 182 44.61 3.95 29.60
C SER B 182 43.74 2.71 29.72
N LEU B 183 44.16 1.62 29.09
CA LEU B 183 43.47 0.33 29.18
C LEU B 183 44.49 -0.76 29.54
N SER B 184 43.98 -1.99 29.65
CA SER B 184 44.82 -3.14 29.94
C SER B 184 44.27 -4.36 29.21
N SER B 185 45.17 -5.26 28.84
CA SER B 185 44.81 -6.49 28.14
C SER B 185 45.34 -7.69 28.92
N VAL B 186 44.52 -8.73 29.04
CA VAL B 186 44.82 -9.88 29.88
C VAL B 186 44.43 -11.16 29.15
N VAL B 187 45.21 -12.22 29.39
CA VAL B 187 44.96 -13.53 28.80
C VAL B 187 45.11 -14.59 29.89
N THR B 188 44.40 -15.71 29.72
CA THR B 188 44.43 -16.83 30.65
C THR B 188 45.02 -18.04 29.94
N VAL B 189 46.08 -18.61 30.51
CA VAL B 189 46.76 -19.78 29.95
C VAL B 189 47.16 -20.71 31.07
N PRO B 190 47.39 -21.99 30.74
CA PRO B 190 47.83 -22.93 31.79
C PRO B 190 49.15 -22.51 32.41
N SER B 191 49.25 -22.70 33.73
CA SER B 191 50.47 -22.37 34.46
C SER B 191 51.53 -23.45 34.37
N SER B 192 51.17 -24.66 33.93
CA SER B 192 52.17 -25.71 33.72
C SER B 192 53.14 -25.30 32.62
N SER B 193 52.63 -24.67 31.56
CA SER B 193 53.47 -24.20 30.46
C SER B 193 53.70 -22.69 30.59
N LEU B 194 54.22 -22.29 31.75
CA LEU B 194 54.56 -20.90 32.01
C LEU B 194 55.96 -20.53 31.52
N GLY B 195 56.80 -21.52 31.22
CA GLY B 195 58.14 -21.26 30.76
C GLY B 195 58.47 -21.90 29.43
N THR B 196 57.64 -22.85 29.00
CA THR B 196 57.83 -23.54 27.72
C THR B 196 56.90 -23.02 26.63
N GLN B 197 56.43 -21.78 26.77
CA GLN B 197 55.57 -21.15 25.77
C GLN B 197 55.66 -19.65 25.93
N THR B 198 55.96 -18.94 24.84
CA THR B 198 56.18 -17.51 24.88
C THR B 198 54.86 -16.75 24.73
N TYR B 199 54.86 -15.51 25.21
CA TYR B 199 53.67 -14.65 25.19
C TYR B 199 54.10 -13.22 24.90
N ILE B 200 53.54 -12.64 23.83
CA ILE B 200 53.85 -11.29 23.39
C ILE B 200 52.54 -10.54 23.19
N CYS B 201 52.43 -9.36 23.79
CA CYS B 201 51.28 -8.48 23.56
C CYS B 201 51.66 -7.43 22.52
N ASN B 202 50.92 -7.42 21.41
CA ASN B 202 51.20 -6.52 20.29
C ASN B 202 50.30 -5.31 20.42
N VAL B 203 50.88 -4.16 20.76
CA VAL B 203 50.16 -2.92 20.94
C VAL B 203 50.34 -2.06 19.69
N ASN B 204 49.24 -1.54 19.15
CA ASN B 204 49.27 -0.72 17.95
C ASN B 204 48.38 0.50 18.18
N HIS B 205 49.02 1.68 18.31
CA HIS B 205 48.33 2.96 18.44
C HIS B 205 48.45 3.65 17.09
N LYS B 206 47.42 3.49 16.26
CA LYS B 206 47.46 4.00 14.90
C LYS B 206 47.65 5.52 14.82
N PRO B 207 46.90 6.35 15.55
CA PRO B 207 47.04 7.81 15.34
C PRO B 207 48.42 8.34 15.63
N SER B 208 49.17 7.73 16.53
CA SER B 208 50.57 8.08 16.72
C SER B 208 51.52 7.15 15.96
N ASN B 209 50.98 6.25 15.14
CA ASN B 209 51.76 5.25 14.41
C ASN B 209 52.62 4.39 15.33
N THR B 210 52.24 4.30 16.61
CA THR B 210 53.02 3.55 17.58
C THR B 210 52.82 2.04 17.37
N LYS B 211 53.93 1.32 17.29
CA LYS B 211 53.92 -0.14 17.23
C LYS B 211 54.98 -0.65 18.19
N VAL B 212 54.59 -1.61 19.04
CA VAL B 212 55.47 -2.07 20.10
C VAL B 212 55.04 -3.47 20.52
N ASP B 213 56.02 -4.31 20.81
CA ASP B 213 55.80 -5.68 21.28
C ASP B 213 56.49 -5.87 22.63
N LYS B 214 55.78 -6.46 23.58
CA LYS B 214 56.31 -6.72 24.90
C LYS B 214 56.30 -8.21 25.17
N ARG B 215 57.44 -8.76 25.59
CA ARG B 215 57.45 -10.07 26.20
C ARG B 215 56.80 -10.00 27.56
N VAL B 216 56.22 -11.12 28.00
CA VAL B 216 55.60 -11.23 29.31
C VAL B 216 56.22 -12.45 29.98
N GLU B 217 57.15 -12.22 30.91
CA GLU B 217 57.87 -13.28 31.59
C GLU B 217 57.93 -12.96 33.07
N PRO B 218 58.01 -13.99 33.94
CA PRO B 218 58.00 -13.83 35.39
C PRO B 218 59.01 -12.82 35.91
N ASP C 1 10.48 13.56 7.84
CA ASP C 1 11.15 12.28 7.63
C ASP C 1 10.49 11.16 8.45
N ILE C 2 10.71 9.92 8.02
CA ILE C 2 10.18 8.77 8.72
C ILE C 2 11.09 8.44 9.89
N VAL C 3 10.53 8.40 11.09
CA VAL C 3 11.27 7.99 12.28
C VAL C 3 10.86 6.56 12.62
N LEU C 4 11.83 5.65 12.63
CA LEU C 4 11.56 4.28 12.98
C LEU C 4 11.57 4.09 14.49
N THR C 5 10.73 3.18 14.97
CA THR C 5 10.69 2.77 16.36
C THR C 5 10.99 1.27 16.44
N GLN C 6 11.59 0.86 17.56
CA GLN C 6 12.00 -0.52 17.77
C GLN C 6 11.66 -0.93 19.20
N SER C 7 11.05 -2.11 19.33
CA SER C 7 10.64 -2.62 20.62
C SER C 7 10.97 -4.10 20.72
N PRO C 8 11.48 -4.56 21.87
CA PRO C 8 11.81 -3.69 23.01
C PRO C 8 13.16 -3.00 22.82
N SER C 9 13.60 -2.22 23.82
CA SER C 9 14.89 -1.55 23.74
C SER C 9 16.01 -2.45 24.23
N PHE C 10 15.95 -2.88 25.49
CA PHE C 10 16.84 -3.88 26.03
C PHE C 10 16.06 -5.17 26.25
N LEU C 11 16.77 -6.29 26.23
CA LEU C 11 16.14 -7.57 26.57
C LEU C 11 17.24 -8.58 26.91
N SER C 12 17.04 -9.32 27.99
CA SER C 12 17.94 -10.38 28.40
C SER C 12 17.24 -11.72 28.22
N ALA C 13 17.82 -12.58 27.38
CA ALA C 13 17.30 -13.92 27.16
C ALA C 13 18.37 -14.96 27.49
N SER C 14 18.08 -16.22 27.22
CA SER C 14 19.02 -17.31 27.48
C SER C 14 19.12 -18.20 26.26
N VAL C 15 20.21 -18.97 26.21
CA VAL C 15 20.48 -19.81 25.05
C VAL C 15 19.34 -20.80 24.83
N GLY C 16 18.94 -20.94 23.57
CA GLY C 16 17.85 -21.82 23.20
C GLY C 16 16.51 -21.13 23.06
N ASP C 17 16.34 -19.97 23.69
CA ASP C 17 15.08 -19.25 23.58
C ASP C 17 14.85 -18.77 22.15
N ARG C 18 13.60 -18.41 21.88
CA ARG C 18 13.20 -17.86 20.58
C ARG C 18 12.81 -16.39 20.82
N VAL C 19 13.60 -15.48 20.25
CA VAL C 19 13.45 -14.05 20.50
C VAL C 19 12.82 -13.38 19.30
N THR C 20 11.92 -12.44 19.56
CA THR C 20 11.30 -11.62 18.53
C THR C 20 11.56 -10.15 18.82
N ILE C 21 11.93 -9.41 17.77
CA ILE C 21 12.17 -7.97 17.85
C ILE C 21 11.32 -7.29 16.79
N THR C 22 10.66 -6.20 17.17
CA THR C 22 9.73 -5.49 16.29
C THR C 22 10.29 -4.13 15.90
N CYS C 23 9.88 -3.65 14.72
CA CYS C 23 10.27 -2.35 14.22
C CYS C 23 9.07 -1.72 13.52
N ARG C 24 8.91 -0.41 13.70
CA ARG C 24 7.77 0.31 13.15
C ARG C 24 8.24 1.53 12.37
N ALA C 25 7.79 1.64 11.13
CA ALA C 25 8.00 2.84 10.33
C ALA C 25 6.71 3.65 10.30
N SER C 26 6.85 4.98 10.40
CA SER C 26 5.67 5.83 10.43
C SER C 26 4.92 5.80 9.11
N GLN C 27 5.61 5.60 8.00
CA GLN C 27 4.98 5.56 6.70
C GLN C 27 5.13 4.18 6.08
N GLY C 28 4.22 3.88 5.15
CA GLY C 28 4.29 2.65 4.39
C GLY C 28 5.57 2.52 3.59
N ILE C 29 6.38 1.52 3.96
CA ILE C 29 7.59 1.15 3.23
C ILE C 29 7.42 -0.21 2.56
N ASP C 30 6.16 -0.66 2.41
CA ASP C 30 5.79 -2.01 2.01
C ASP C 30 6.79 -3.07 2.51
N THR C 31 7.78 -3.44 1.70
CA THR C 31 8.73 -4.47 2.09
C THR C 31 10.18 -4.04 1.99
N TYR C 32 10.44 -2.75 1.85
CA TYR C 32 11.80 -2.24 1.66
C TYR C 32 12.37 -1.87 3.02
N LEU C 33 12.80 -2.90 3.75
CA LEU C 33 13.28 -2.77 5.12
C LEU C 33 14.33 -3.85 5.36
N ALA C 34 15.30 -3.52 6.21
CA ALA C 34 16.42 -4.42 6.51
C ALA C 34 16.63 -4.54 8.01
N TRP C 35 17.33 -5.61 8.39
CA TRP C 35 17.78 -5.82 9.76
C TRP C 35 19.29 -6.02 9.75
N TYR C 36 19.99 -5.30 10.63
CA TYR C 36 21.44 -5.37 10.74
C TYR C 36 21.80 -5.88 12.13
N GLN C 37 22.97 -6.54 12.22
CA GLN C 37 23.50 -7.03 13.48
C GLN C 37 24.82 -6.33 13.74
N GLN C 38 24.98 -5.78 14.95
CA GLN C 38 26.20 -5.06 15.34
C GLN C 38 26.71 -5.62 16.66
N LYS C 39 27.75 -6.44 16.59
CA LYS C 39 28.44 -6.92 17.78
C LYS C 39 29.39 -5.85 18.31
N PRO C 40 29.79 -5.94 19.57
CA PRO C 40 30.62 -4.88 20.17
C PRO C 40 31.95 -4.73 19.44
N GLY C 41 32.35 -3.48 19.20
CA GLY C 41 33.60 -3.20 18.54
C GLY C 41 33.66 -3.67 17.11
N LYS C 42 32.51 -3.83 16.45
CA LYS C 42 32.46 -4.30 15.09
C LYS C 42 31.43 -3.49 14.32
N ALA C 43 31.51 -3.60 12.99
CA ALA C 43 30.59 -2.91 12.10
C ALA C 43 29.28 -3.68 12.01
N PRO C 44 28.19 -3.02 11.63
CA PRO C 44 26.93 -3.73 11.42
C PRO C 44 27.07 -4.79 10.33
N LYS C 45 26.25 -5.83 10.44
CA LYS C 45 26.23 -6.92 9.47
C LYS C 45 24.80 -7.11 8.99
N LEU C 46 24.61 -6.96 7.68
CA LEU C 46 23.29 -7.10 7.09
C LEU C 46 22.77 -8.53 7.27
N LEU C 47 21.64 -8.65 7.97
CA LEU C 47 21.02 -9.95 8.22
C LEU C 47 19.89 -10.22 7.23
N ILE C 48 18.90 -9.35 7.18
CA ILE C 48 17.72 -9.51 6.34
C ILE C 48 17.60 -8.30 5.44
N TYR C 49 17.24 -8.53 4.18
CA TYR C 49 16.87 -7.46 3.28
C TYR C 49 15.53 -7.80 2.62
N GLY C 50 14.79 -6.78 2.23
CA GLY C 50 13.50 -7.01 1.59
C GLY C 50 12.47 -7.42 2.60
N ALA C 51 12.85 -7.33 3.88
CA ALA C 51 12.03 -7.58 5.06
C ALA C 51 11.74 -9.06 5.28
N SER C 52 12.16 -9.95 4.38
CA SER C 52 11.98 -11.39 4.62
C SER C 52 13.04 -12.26 3.95
N THR C 53 13.96 -11.67 3.19
CA THR C 53 15.00 -12.43 2.51
C THR C 53 16.21 -12.58 3.41
N LEU C 54 16.64 -13.82 3.58
CA LEU C 54 17.84 -14.11 4.36
C LEU C 54 19.08 -13.85 3.51
N GLN C 55 20.07 -13.18 4.11
CA GLN C 55 21.30 -12.84 3.41
C GLN C 55 22.28 -14.00 3.45
N SER C 56 22.98 -14.22 2.33
CA SER C 56 23.87 -15.36 2.20
C SER C 56 24.89 -15.40 3.33
N GLY C 57 25.09 -16.58 3.90
CA GLY C 57 26.06 -16.75 4.95
C GLY C 57 25.58 -16.39 6.34
N VAL C 58 24.29 -16.11 6.51
CA VAL C 58 23.71 -15.79 7.81
C VAL C 58 23.00 -17.04 8.32
N PRO C 59 23.17 -17.41 9.59
CA PRO C 59 22.58 -18.65 10.09
C PRO C 59 21.08 -18.71 9.87
N SER C 60 20.56 -19.94 9.75
CA SER C 60 19.13 -20.14 9.52
C SER C 60 18.29 -19.67 10.71
N ARG C 61 18.92 -19.46 11.86
CA ARG C 61 18.19 -19.03 13.05
C ARG C 61 17.43 -17.73 12.79
N PHE C 62 18.05 -16.81 12.07
CA PHE C 62 17.45 -15.49 11.85
C PHE C 62 16.44 -15.54 10.71
N SER C 63 15.35 -14.79 10.88
CA SER C 63 14.33 -14.64 9.86
C SER C 63 13.60 -13.32 10.11
N GLY C 64 12.86 -12.88 9.10
CA GLY C 64 12.14 -11.62 9.20
C GLY C 64 10.82 -11.71 8.47
N SER C 65 9.84 -10.95 8.98
CA SER C 65 8.52 -10.90 8.36
C SER C 65 7.93 -9.52 8.60
N GLY C 66 7.07 -9.10 7.69
CA GLY C 66 6.37 -7.84 7.86
C GLY C 66 6.10 -7.16 6.53
N SER C 67 5.10 -6.29 6.55
CA SER C 67 4.77 -5.44 5.42
C SER C 67 4.06 -4.20 5.96
N GLY C 68 4.10 -3.13 5.18
CA GLY C 68 3.49 -1.88 5.59
C GLY C 68 4.31 -1.11 6.62
N THR C 69 3.91 -1.20 7.89
CA THR C 69 4.54 -0.40 8.93
C THR C 69 5.12 -1.20 10.09
N GLU C 70 4.67 -2.44 10.30
CA GLU C 70 5.12 -3.24 11.44
C GLU C 70 5.89 -4.46 10.94
N PHE C 71 7.17 -4.53 11.27
CA PHE C 71 8.06 -5.59 10.83
C PHE C 71 8.63 -6.29 12.06
N THR C 72 9.02 -7.55 11.90
CA THR C 72 9.41 -8.34 13.07
C THR C 72 10.57 -9.27 12.72
N LEU C 73 11.65 -9.17 13.49
CA LEU C 73 12.81 -10.05 13.34
C LEU C 73 12.75 -11.13 14.41
N THR C 74 12.89 -12.39 14.00
CA THR C 74 12.78 -13.54 14.89
C THR C 74 14.09 -14.30 14.92
N ILE C 75 14.53 -14.67 16.13
CA ILE C 75 15.77 -15.42 16.33
C ILE C 75 15.39 -16.76 16.94
N SER C 76 15.34 -17.80 16.12
CA SER C 76 15.10 -19.14 16.65
C SER C 76 16.36 -19.66 17.32
N SER C 77 16.20 -20.20 18.53
CA SER C 77 17.29 -20.87 19.25
C SER C 77 18.50 -19.94 19.41
N LEU C 78 18.34 -18.96 20.29
CA LEU C 78 19.39 -17.97 20.52
C LEU C 78 20.69 -18.64 20.94
N GLN C 79 21.81 -18.08 20.47
CA GLN C 79 23.14 -18.60 20.73
C GLN C 79 23.99 -17.56 21.45
N PRO C 80 24.96 -17.99 22.27
CA PRO C 80 25.75 -17.02 23.06
C PRO C 80 26.54 -16.03 22.21
N GLU C 81 26.86 -16.36 20.96
CA GLU C 81 27.53 -15.40 20.10
C GLU C 81 26.58 -14.32 19.59
N ASP C 82 25.27 -14.53 19.69
CA ASP C 82 24.29 -13.60 19.17
C ASP C 82 24.27 -12.28 19.96
N PHE C 83 25.18 -12.09 20.90
CA PHE C 83 25.28 -10.80 21.59
C PHE C 83 25.51 -9.71 20.57
N ALA C 84 24.58 -8.76 20.53
CA ALA C 84 24.65 -7.61 19.64
C ALA C 84 23.43 -6.74 19.91
N THR C 85 23.45 -5.54 19.33
CA THR C 85 22.28 -4.69 19.23
C THR C 85 21.84 -4.67 17.76
N TYR C 86 20.57 -4.95 17.53
CA TYR C 86 20.05 -5.14 16.19
C TYR C 86 19.30 -3.90 15.75
N TYR C 87 19.52 -3.48 14.50
CA TYR C 87 18.93 -2.27 13.94
C TYR C 87 18.07 -2.63 12.73
N CYS C 88 16.88 -2.05 12.67
CA CYS C 88 16.11 -2.03 11.43
C CYS C 88 16.47 -0.78 10.63
N GLN C 89 16.33 -0.88 9.31
CA GLN C 89 16.81 0.17 8.43
C GLN C 89 15.94 0.22 7.17
N GLN C 90 15.57 1.44 6.77
CA GLN C 90 14.79 1.63 5.56
C GLN C 90 15.26 2.88 4.84
N LEU C 91 15.05 2.90 3.52
CA LEU C 91 15.28 4.08 2.69
C LEU C 91 13.91 4.65 2.29
N ASN C 92 13.87 5.98 2.11
CA ASN C 92 12.73 6.62 1.47
C ASN C 92 13.10 8.06 1.13
N ASN C 93 12.66 8.51 -0.04
CA ASN C 93 12.83 9.89 -0.47
C ASN C 93 14.29 10.31 -0.42
N TYR C 94 15.16 9.45 -0.95
CA TYR C 94 16.60 9.66 -1.01
C TYR C 94 17.23 9.83 0.38
N HIS C 95 16.59 9.30 1.41
CA HIS C 95 17.04 9.48 2.79
C HIS C 95 17.13 8.12 3.47
N PHE C 96 18.33 7.78 3.93
CA PHE C 96 18.50 6.62 4.80
C PHE C 96 18.24 7.00 6.24
N THR C 97 17.56 6.10 6.97
CA THR C 97 17.37 6.30 8.40
C THR C 97 17.25 4.94 9.06
N PHE C 98 17.91 4.80 10.20
CA PHE C 98 17.98 3.53 10.92
C PHE C 98 17.10 3.61 12.16
N GLY C 99 16.81 2.44 12.73
CA GLY C 99 16.08 2.38 13.97
C GLY C 99 16.96 2.70 15.16
N PRO C 100 16.33 2.83 16.33
CA PRO C 100 17.10 3.11 17.55
C PRO C 100 17.95 1.94 18.01
N GLY C 101 17.59 0.71 17.67
CA GLY C 101 18.38 -0.44 18.07
C GLY C 101 17.80 -1.20 19.24
N THR C 102 17.89 -2.53 19.20
CA THR C 102 17.42 -3.40 20.27
C THR C 102 18.62 -4.14 20.85
N LYS C 103 19.06 -3.74 22.03
CA LYS C 103 20.16 -4.42 22.70
C LYS C 103 19.69 -5.77 23.23
N VAL C 104 20.51 -6.79 23.05
CA VAL C 104 20.16 -8.16 23.41
C VAL C 104 21.31 -8.72 24.26
N ASP C 105 21.07 -8.84 25.56
CA ASP C 105 22.02 -9.48 26.47
C ASP C 105 21.60 -10.92 26.72
N ILE C 106 22.57 -11.71 27.23
CA ILE C 106 22.39 -13.14 27.44
C ILE C 106 22.34 -13.41 28.92
N LYS C 107 21.39 -14.24 29.35
CA LYS C 107 21.31 -14.69 30.74
C LYS C 107 21.79 -16.13 30.82
N ARG C 108 22.71 -16.37 31.76
CA ARG C 108 23.17 -17.73 32.06
C ARG C 108 23.36 -17.85 33.57
N THR C 109 23.89 -19.00 33.98
CA THR C 109 24.03 -19.31 35.40
C THR C 109 25.06 -18.39 36.05
N VAL C 110 25.14 -18.48 37.38
CA VAL C 110 26.01 -17.61 38.16
C VAL C 110 27.45 -18.11 38.10
N ALA C 111 28.40 -17.19 38.02
CA ALA C 111 29.81 -17.51 37.93
C ALA C 111 30.59 -16.69 38.96
N ALA C 112 31.76 -17.20 39.33
CA ALA C 112 32.59 -16.59 40.36
C ALA C 112 33.80 -15.92 39.72
N PRO C 113 34.11 -14.67 40.09
CA PRO C 113 35.27 -13.98 39.50
C PRO C 113 36.57 -14.57 40.02
N SER C 114 37.38 -15.12 39.09
CA SER C 114 38.70 -15.65 39.42
C SER C 114 39.65 -14.47 39.59
N VAL C 115 39.67 -13.93 40.80
CA VAL C 115 40.37 -12.68 41.07
C VAL C 115 41.87 -12.88 40.97
N PHE C 116 42.56 -11.89 40.40
CA PHE C 116 44.01 -11.81 40.40
C PHE C 116 44.43 -10.38 40.75
N ILE C 117 45.71 -10.21 41.05
CA ILE C 117 46.27 -8.89 41.33
C ILE C 117 47.66 -8.81 40.68
N PHE C 118 48.01 -7.62 40.21
CA PHE C 118 49.25 -7.41 39.49
C PHE C 118 49.98 -6.22 40.09
N PRO C 119 51.26 -6.37 40.45
CA PRO C 119 52.00 -5.26 41.04
C PRO C 119 52.58 -4.36 39.96
N PRO C 120 52.97 -3.14 40.31
CA PRO C 120 53.56 -2.24 39.31
C PRO C 120 54.89 -2.78 38.79
N SER C 121 55.06 -2.73 37.48
CA SER C 121 56.31 -3.18 36.88
C SER C 121 57.43 -2.18 37.15
N ASP C 122 58.67 -2.65 37.01
CA ASP C 122 59.82 -1.81 37.31
C ASP C 122 59.94 -0.64 36.33
N GLU C 123 59.46 -0.82 35.09
CA GLU C 123 59.49 0.30 34.14
C GLU C 123 58.63 1.46 34.63
N GLN C 124 57.55 1.17 35.35
CA GLN C 124 56.70 2.24 35.86
C GLN C 124 57.30 2.90 37.09
N LEU C 125 57.82 2.10 38.01
CA LEU C 125 58.49 2.65 39.19
C LEU C 125 59.61 3.61 38.77
N LYS C 126 60.36 3.25 37.74
CA LYS C 126 61.45 4.09 37.27
C LYS C 126 60.94 5.41 36.70
N SER C 127 60.05 5.32 35.69
CA SER C 127 59.60 6.50 34.96
C SER C 127 59.09 7.58 35.91
N GLY C 128 58.14 7.23 36.76
CA GLY C 128 57.71 8.19 37.75
C GLY C 128 56.49 7.74 38.53
N THR C 129 55.75 6.77 38.00
CA THR C 129 54.41 6.45 38.47
C THR C 129 54.35 5.02 39.01
N ALA C 130 53.11 4.59 39.30
CA ALA C 130 52.85 3.24 39.81
C ALA C 130 51.38 2.93 39.60
N SER C 131 51.09 1.83 38.88
CA SER C 131 49.72 1.40 38.62
C SER C 131 49.56 -0.04 39.08
N VAL C 132 48.66 -0.25 40.04
CA VAL C 132 48.34 -1.56 40.57
C VAL C 132 47.03 -2.03 39.95
N VAL C 133 46.99 -3.28 39.51
CA VAL C 133 45.89 -3.80 38.70
C VAL C 133 45.29 -5.01 39.42
N CYS C 134 44.10 -4.83 39.99
CA CYS C 134 43.29 -5.96 40.44
C CYS C 134 42.42 -6.41 39.28
N LEU C 135 42.25 -7.73 39.14
CA LEU C 135 41.68 -8.30 37.91
C LEU C 135 40.63 -9.34 38.27
N LEU C 136 39.39 -9.08 37.86
CA LEU C 136 38.31 -10.05 37.98
C LEU C 136 38.08 -10.71 36.62
N ASN C 137 37.92 -12.03 36.62
CA ASN C 137 37.92 -12.80 35.38
C ASN C 137 36.70 -13.71 35.30
N ASN C 138 35.87 -13.49 34.28
CA ASN C 138 34.85 -14.44 33.82
C ASN C 138 33.78 -14.69 34.91
N PHE C 139 33.09 -13.61 35.28
CA PHE C 139 31.99 -13.69 36.23
C PHE C 139 30.69 -13.23 35.56
N TYR C 140 29.63 -13.22 36.36
CA TYR C 140 28.26 -12.91 35.96
C TYR C 140 27.44 -13.04 37.24
N PRO C 141 26.59 -12.07 37.58
CA PRO C 141 26.24 -10.81 36.90
C PRO C 141 27.32 -9.75 36.91
N ARG C 142 27.06 -8.69 36.14
CA ARG C 142 27.98 -7.55 36.09
C ARG C 142 28.15 -6.91 37.46
N GLU C 143 27.15 -7.02 38.32
CA GLU C 143 27.16 -6.39 39.63
C GLU C 143 28.24 -7.03 40.50
N ALA C 144 29.37 -6.32 40.63
CA ALA C 144 30.46 -6.71 41.51
C ALA C 144 31.22 -5.43 41.86
N LYS C 145 31.85 -5.43 43.03
CA LYS C 145 32.54 -4.24 43.50
C LYS C 145 33.90 -4.63 44.07
N VAL C 146 34.80 -3.65 44.10
CA VAL C 146 36.17 -3.85 44.53
C VAL C 146 36.49 -2.83 45.62
N GLN C 147 37.42 -3.20 46.50
CA GLN C 147 37.84 -2.35 47.61
C GLN C 147 39.36 -2.39 47.72
N TRP C 148 39.98 -1.22 47.75
CA TRP C 148 41.43 -1.09 47.71
C TRP C 148 41.97 -0.85 49.12
N LYS C 149 42.73 -1.81 49.63
CA LYS C 149 43.38 -1.70 50.92
C LYS C 149 44.87 -1.43 50.72
N VAL C 150 45.36 -0.38 51.36
CA VAL C 150 46.78 -0.06 51.39
C VAL C 150 47.20 -0.14 52.86
N ASP C 151 47.76 -1.27 53.26
CA ASP C 151 48.02 -1.59 54.67
C ASP C 151 46.72 -1.58 55.47
N ASN C 152 45.69 -2.23 54.90
CA ASN C 152 44.36 -2.28 55.51
C ASN C 152 43.80 -0.88 55.77
N ALA C 153 44.07 0.03 54.85
CA ALA C 153 43.55 1.40 54.90
C ALA C 153 42.78 1.65 53.60
N LEU C 154 41.45 1.68 53.70
CA LEU C 154 40.59 1.80 52.53
C LEU C 154 40.72 3.15 51.85
N GLN C 155 41.61 3.26 50.88
CA GLN C 155 41.69 4.45 50.06
C GLN C 155 40.68 4.37 48.92
N SER C 156 40.16 5.52 48.52
CA SER C 156 39.06 5.59 47.56
C SER C 156 39.47 6.22 46.24
N GLY C 157 40.19 7.33 46.27
CA GLY C 157 40.59 8.00 45.05
C GLY C 157 41.56 7.17 44.23
N ASN C 158 41.87 7.69 43.04
CA ASN C 158 42.84 7.14 42.09
C ASN C 158 42.40 5.82 41.49
N SER C 159 41.23 5.30 41.83
CA SER C 159 40.75 4.03 41.29
C SER C 159 39.80 4.27 40.13
N GLN C 160 39.96 3.50 39.06
CA GLN C 160 39.08 3.53 37.91
C GLN C 160 38.84 2.10 37.45
N GLU C 161 37.63 1.83 36.99
CA GLU C 161 37.22 0.49 36.60
C GLU C 161 36.84 0.46 35.12
N SER C 162 36.93 -0.74 34.53
CA SER C 162 36.59 -0.96 33.14
C SER C 162 36.04 -2.37 33.00
N VAL C 163 34.90 -2.51 32.31
CA VAL C 163 34.23 -3.79 32.17
C VAL C 163 34.26 -4.20 30.70
N THR C 164 34.29 -5.51 30.48
CA THR C 164 34.14 -6.08 29.16
C THR C 164 32.66 -6.31 28.86
N GLU C 165 32.36 -6.69 27.63
CA GLU C 165 31.04 -7.17 27.26
C GLU C 165 30.93 -8.64 27.61
N GLN C 166 29.70 -9.18 27.52
CA GLN C 166 29.53 -10.62 27.65
C GLN C 166 30.32 -11.33 26.57
N ASP C 167 31.08 -12.34 26.97
CA ASP C 167 31.89 -13.08 26.03
C ASP C 167 31.00 -13.80 25.02
N SER C 168 31.55 -14.00 23.82
CA SER C 168 30.80 -14.69 22.78
C SER C 168 30.68 -16.19 23.02
N LYS C 169 31.50 -16.76 23.91
CA LYS C 169 31.50 -18.20 24.14
C LYS C 169 30.82 -18.59 25.44
N ASP C 170 31.22 -17.99 26.57
CA ASP C 170 30.63 -18.33 27.86
C ASP C 170 29.75 -17.23 28.43
N SER C 171 29.62 -16.09 27.75
CA SER C 171 28.70 -15.02 28.12
C SER C 171 29.00 -14.44 29.50
N THR C 172 30.28 -14.38 29.87
CA THR C 172 30.68 -13.86 31.16
C THR C 172 31.23 -12.44 31.03
N TYR C 173 31.31 -11.76 32.17
CA TYR C 173 31.89 -10.43 32.27
C TYR C 173 33.27 -10.51 32.92
N SER C 174 34.07 -9.48 32.67
CA SER C 174 35.38 -9.34 33.28
C SER C 174 35.58 -7.91 33.77
N LEU C 175 36.39 -7.75 34.81
CA LEU C 175 36.53 -6.49 35.51
C LEU C 175 38.00 -6.20 35.77
N SER C 176 38.43 -4.98 35.43
CA SER C 176 39.77 -4.50 35.74
C SER C 176 39.65 -3.20 36.53
N SER C 177 40.27 -3.18 37.71
CA SER C 177 40.36 -1.98 38.53
C SER C 177 41.82 -1.62 38.70
N THR C 178 42.12 -0.32 38.65
CA THR C 178 43.50 0.16 38.69
C THR C 178 43.63 1.24 39.75
N LEU C 179 44.50 1.01 40.72
CA LEU C 179 44.88 2.03 41.70
C LEU C 179 46.15 2.73 41.20
N THR C 180 46.13 4.06 41.19
CA THR C 180 47.19 4.86 40.59
C THR C 180 47.82 5.76 41.64
N LEU C 181 49.05 5.43 42.04
CA LEU C 181 49.79 6.23 43.00
C LEU C 181 51.02 6.86 42.34
N SER C 182 51.51 7.92 42.97
CA SER C 182 52.85 8.40 42.67
C SER C 182 53.86 7.48 43.33
N LYS C 183 55.07 7.42 42.75
CA LYS C 183 56.05 6.43 43.20
C LYS C 183 56.35 6.58 44.69
N ALA C 184 56.43 7.83 45.17
CA ALA C 184 56.73 8.07 46.57
C ALA C 184 55.73 7.37 47.47
N ASP C 185 54.44 7.54 47.18
CA ASP C 185 53.40 6.90 47.99
C ASP C 185 53.42 5.38 47.84
N TYR C 186 53.89 4.87 46.70
CA TYR C 186 53.99 3.42 46.56
C TYR C 186 55.15 2.86 47.37
N GLU C 187 56.22 3.62 47.54
CA GLU C 187 57.35 3.16 48.33
C GLU C 187 57.14 3.38 49.83
N LYS C 188 56.26 4.30 50.20
CA LYS C 188 55.95 4.51 51.62
C LYS C 188 55.39 3.23 52.24
N HIS C 189 54.24 2.78 51.73
CA HIS C 189 53.55 1.61 52.26
C HIS C 189 54.10 0.34 51.61
N LYS C 190 53.65 -0.80 52.10
CA LYS C 190 54.19 -2.07 51.63
C LYS C 190 53.11 -3.08 51.25
N VAL C 191 52.03 -3.17 52.01
CA VAL C 191 50.98 -4.16 51.77
C VAL C 191 49.90 -3.51 50.92
N TYR C 192 49.67 -4.05 49.73
CA TYR C 192 48.61 -3.60 48.83
C TYR C 192 47.64 -4.75 48.61
N ALA C 193 46.35 -4.46 48.74
CA ALA C 193 45.31 -5.48 48.72
C ALA C 193 44.07 -4.97 48.01
N CYS C 194 43.38 -5.87 47.31
CA CYS C 194 42.07 -5.59 46.74
C CYS C 194 41.08 -6.64 47.18
N GLU C 195 39.89 -6.19 47.58
CA GLU C 195 38.81 -7.06 48.04
C GLU C 195 37.70 -7.06 47.00
N VAL C 196 37.24 -8.25 46.61
CA VAL C 196 36.23 -8.41 45.58
C VAL C 196 35.00 -9.03 46.21
N THR C 197 33.92 -8.25 46.29
CA THR C 197 32.64 -8.73 46.75
C THR C 197 31.76 -9.03 45.53
N HIS C 198 31.13 -10.21 45.53
CA HIS C 198 30.31 -10.60 44.40
C HIS C 198 29.27 -11.63 44.85
N GLN C 199 28.16 -11.69 44.12
CA GLN C 199 27.06 -12.58 44.51
C GLN C 199 27.49 -14.04 44.50
N GLY C 200 28.41 -14.40 43.62
CA GLY C 200 28.92 -15.76 43.57
C GLY C 200 30.00 -16.09 44.56
N LEU C 201 30.45 -15.10 45.34
CA LEU C 201 31.47 -15.30 46.36
C LEU C 201 30.82 -15.25 47.74
N SER C 202 30.90 -16.35 48.47
CA SER C 202 30.26 -16.43 49.78
C SER C 202 30.80 -15.42 50.77
N SER C 203 32.04 -14.95 50.55
CA SER C 203 32.66 -13.93 51.38
C SER C 203 33.69 -13.21 50.52
N PRO C 204 33.98 -11.93 50.81
CA PRO C 204 34.89 -11.15 49.95
C PRO C 204 36.24 -11.81 49.73
N VAL C 205 36.50 -12.22 48.48
CA VAL C 205 37.79 -12.79 48.13
C VAL C 205 38.84 -11.67 48.09
N THR C 206 40.05 -11.98 48.57
CA THR C 206 41.12 -11.01 48.65
C THR C 206 42.37 -11.52 47.92
N LYS C 207 43.10 -10.59 47.32
CA LYS C 207 44.43 -10.82 46.80
C LYS C 207 45.31 -9.67 47.22
N SER C 208 46.56 -9.98 47.60
CA SER C 208 47.47 -8.97 48.13
C SER C 208 48.87 -9.51 48.04
N PHE C 209 49.86 -8.63 48.23
CA PHE C 209 51.27 -9.02 48.28
C PHE C 209 52.08 -7.86 48.85
N ASN C 210 53.38 -8.10 49.02
CA ASN C 210 54.34 -7.13 49.51
C ASN C 210 55.51 -7.05 48.55
N ARG C 211 56.33 -6.01 48.72
CA ARG C 211 57.52 -5.87 47.89
C ARG C 211 58.61 -6.85 48.31
N ILE D 1 35.33 60.63 56.33
CA ILE D 1 35.91 59.47 56.99
C ILE D 1 35.02 58.27 56.73
N ARG D 2 35.61 57.23 56.13
CA ARG D 2 34.84 56.09 55.65
C ARG D 2 34.65 55.04 56.74
N CYS D 3 33.76 54.09 56.46
CA CYS D 3 33.39 52.98 57.33
C CYS D 3 32.92 53.41 58.70
N ILE D 4 32.54 54.68 58.88
CA ILE D 4 32.24 55.19 60.22
C ILE D 4 30.89 54.68 60.69
N GLY D 5 29.87 54.75 59.83
CA GLY D 5 28.53 54.29 60.14
C GLY D 5 28.19 52.93 59.58
N VAL D 6 29.15 52.20 59.03
CA VAL D 6 28.87 50.86 58.50
C VAL D 6 28.54 49.93 59.64
N SER D 7 27.38 49.25 59.53
CA SER D 7 26.98 48.32 60.58
C SER D 7 27.85 47.07 60.57
N ASN D 8 28.27 46.62 59.38
CA ASN D 8 29.02 45.38 59.25
C ASN D 8 30.51 45.71 59.12
N ARG D 9 31.06 46.22 60.22
CA ARG D 9 32.43 46.68 60.28
C ARG D 9 33.27 45.74 61.14
N ASP D 10 34.52 45.56 60.74
CA ASP D 10 35.44 44.64 61.40
C ASP D 10 36.79 45.31 61.60
N PHE D 11 37.45 44.98 62.72
CA PHE D 11 38.72 45.59 63.10
C PHE D 11 39.78 44.49 63.14
N VAL D 12 40.78 44.58 62.27
CA VAL D 12 41.88 43.60 62.21
C VAL D 12 43.17 44.27 62.66
N GLU D 13 43.94 43.56 63.47
CA GLU D 13 45.20 44.07 64.00
C GLU D 13 46.39 43.36 63.35
N GLY D 14 47.56 44.00 63.46
CA GLY D 14 48.76 43.52 62.81
C GLY D 14 49.60 42.60 63.68
N MET D 15 50.26 41.64 63.03
CA MET D 15 51.09 40.67 63.72
C MET D 15 52.35 41.32 64.28
N SER D 16 53.08 40.56 65.09
CA SER D 16 54.35 41.03 65.61
C SER D 16 55.38 41.20 64.50
N GLY D 17 55.45 40.21 63.60
CA GLY D 17 56.29 40.32 62.43
C GLY D 17 55.88 41.51 61.58
N GLY D 18 54.64 41.52 61.10
CA GLY D 18 54.12 42.71 60.45
C GLY D 18 53.98 42.62 58.94
N THR D 19 53.68 41.44 58.42
CA THR D 19 53.39 41.26 57.01
C THR D 19 52.04 40.63 56.75
N TRP D 20 51.76 39.49 57.38
CA TRP D 20 50.51 38.79 57.16
C TRP D 20 49.42 39.33 58.07
N VAL D 21 48.26 39.66 57.47
CA VAL D 21 47.05 39.96 58.20
C VAL D 21 45.87 39.39 57.42
N ASP D 22 45.02 38.62 58.08
CA ASP D 22 43.87 38.00 57.45
C ASP D 22 42.64 38.87 57.61
N VAL D 23 41.83 38.94 56.55
CA VAL D 23 40.55 39.65 56.58
C VAL D 23 39.51 38.81 55.86
N VAL D 24 38.24 39.14 56.12
CA VAL D 24 37.11 38.57 55.42
C VAL D 24 36.23 39.73 54.95
N LEU D 25 35.87 39.71 53.67
CA LEU D 25 35.22 40.85 53.03
C LEU D 25 33.77 40.51 52.68
N GLU D 26 32.84 41.35 53.14
CA GLU D 26 31.44 41.25 52.78
C GLU D 26 31.07 42.42 51.88
N HIS D 27 30.21 42.17 50.90
CA HIS D 27 29.63 43.26 50.14
C HIS D 27 28.74 44.08 51.05
N GLY D 28 28.84 45.41 50.96
CA GLY D 28 28.17 46.25 51.92
C GLY D 28 28.74 46.10 53.32
N GLY D 29 30.05 45.85 53.42
CA GLY D 29 30.71 45.75 54.70
C GLY D 29 32.09 46.36 54.61
N CYS D 30 32.76 46.43 55.77
CA CYS D 30 34.08 47.07 55.80
C CYS D 30 34.95 46.38 56.84
N VAL D 31 36.26 46.50 56.64
CA VAL D 31 37.27 45.97 57.55
C VAL D 31 38.32 47.05 57.76
N THR D 32 38.47 47.49 59.01
CA THR D 32 39.50 48.47 59.36
C THR D 32 40.76 47.71 59.79
N VAL D 33 41.86 47.96 59.09
CA VAL D 33 43.11 47.25 59.30
C VAL D 33 44.10 48.16 60.01
N MET D 34 44.46 47.79 61.24
CA MET D 34 45.43 48.55 62.03
C MET D 34 46.68 47.71 62.24
N ALA D 35 47.84 48.30 62.01
CA ALA D 35 49.09 47.61 62.24
C ALA D 35 50.09 48.57 62.89
N GLN D 36 51.06 47.98 63.58
CA GLN D 36 52.05 48.74 64.34
C GLN D 36 52.81 49.70 63.44
N ASP D 37 52.70 50.99 63.74
CA ASP D 37 53.36 52.05 62.97
C ASP D 37 52.96 52.01 61.50
N LYS D 38 51.66 51.99 61.24
CA LYS D 38 51.14 51.77 59.90
C LYS D 38 49.97 52.70 59.63
N PRO D 39 49.71 52.99 58.35
CA PRO D 39 48.68 54.00 58.00
C PRO D 39 47.27 53.68 58.42
N THR D 40 46.99 52.44 58.84
CA THR D 40 45.64 52.04 59.21
C THR D 40 44.65 52.28 58.07
N VAL D 41 44.58 51.36 57.10
CA VAL D 41 43.88 51.58 55.85
C VAL D 41 42.63 50.70 55.76
N ASP D 42 41.57 51.22 55.15
CA ASP D 42 40.26 50.55 55.15
C ASP D 42 40.01 49.85 53.82
N ILE D 43 39.56 48.59 53.89
CA ILE D 43 39.23 47.77 52.73
C ILE D 43 37.72 47.51 52.76
N GLU D 44 37.10 47.47 51.57
CA GLU D 44 35.65 47.55 51.51
C GLU D 44 35.00 46.40 50.76
N LEU D 45 35.50 46.03 49.58
CA LEU D 45 34.79 45.14 48.66
C LEU D 45 33.43 45.75 48.31
N VAL D 46 33.40 46.67 47.36
CA VAL D 46 32.18 47.46 47.15
C VAL D 46 31.30 46.87 46.07
N THR D 47 31.90 46.29 45.03
CA THR D 47 31.17 45.92 43.81
C THR D 47 31.50 44.50 43.40
N THR D 48 30.45 43.76 43.02
CA THR D 48 30.56 42.47 42.37
C THR D 48 29.95 42.59 40.98
N THR D 49 30.73 42.21 39.97
CA THR D 49 30.33 42.36 38.58
C THR D 49 30.54 41.05 37.84
N VAL D 50 29.67 40.78 36.87
CA VAL D 50 29.79 39.62 36.00
C VAL D 50 29.85 40.10 34.55
N SER D 51 30.60 39.39 33.73
CA SER D 51 30.80 39.78 32.34
C SER D 51 31.21 38.56 31.52
N ASN D 52 30.97 38.65 30.21
CA ASN D 52 31.35 37.62 29.25
C ASN D 52 30.67 36.28 29.58
N MET D 53 29.35 36.34 29.79
CA MET D 53 28.59 35.15 30.12
C MET D 53 28.31 34.36 28.84
N ALA D 54 28.69 33.08 28.85
CA ALA D 54 28.35 32.20 27.74
C ALA D 54 26.85 31.91 27.73
N GLU D 55 26.22 32.14 26.59
CA GLU D 55 24.78 31.96 26.47
C GLU D 55 24.44 30.47 26.44
N VAL D 56 23.44 30.08 27.21
CA VAL D 56 23.03 28.68 27.28
C VAL D 56 21.86 28.42 26.34
N ARG D 57 20.74 29.10 26.57
CA ARG D 57 19.58 28.92 25.72
C ARG D 57 18.99 30.27 25.32
N SER D 58 18.27 30.26 24.22
CA SER D 58 17.56 31.43 23.71
C SER D 58 16.15 31.01 23.33
N TYR D 59 15.17 31.52 24.04
CA TYR D 59 13.77 31.19 23.81
C TYR D 59 13.11 32.28 22.97
N CYS D 60 12.20 31.86 22.09
CA CYS D 60 11.46 32.77 21.22
C CYS D 60 10.04 32.92 21.76
N TYR D 61 9.58 34.16 21.83
CA TYR D 61 8.23 34.44 22.31
C TYR D 61 7.36 35.12 21.25
N GLU D 62 7.91 35.44 20.08
CA GLU D 62 7.13 36.00 18.98
C GLU D 62 7.61 35.38 17.67
N ALA D 63 6.69 34.70 16.99
CA ALA D 63 7.00 33.94 15.80
C ALA D 63 6.28 34.49 14.57
N SER D 64 6.83 34.18 13.41
CA SER D 64 6.19 34.45 12.13
C SER D 64 6.52 33.33 11.16
N ILE D 65 5.60 33.05 10.25
CA ILE D 65 5.75 31.96 9.29
C ILE D 65 5.41 32.45 7.90
N SER D 66 5.92 31.74 6.90
CA SER D 66 5.69 32.08 5.50
C SER D 66 5.58 30.80 4.68
N ASP D 67 5.67 30.97 3.34
CA ASP D 67 5.51 29.95 2.31
C ASP D 67 4.84 28.65 2.78
N MET D 68 3.59 28.75 3.21
CA MET D 68 2.84 27.58 3.64
C MET D 68 2.35 26.78 2.43
N ALA D 69 2.45 25.46 2.54
CA ALA D 69 2.07 24.56 1.45
C ALA D 69 1.55 23.26 2.02
N SER D 70 0.79 22.53 1.20
CA SER D 70 0.22 21.25 1.58
C SER D 70 0.32 20.29 0.42
N ASP D 71 0.35 19.00 0.73
CA ASP D 71 0.30 17.93 -0.26
C ASP D 71 -0.70 16.87 0.21
N SER D 72 -1.50 16.37 -0.72
CA SER D 72 -2.52 15.39 -0.41
C SER D 72 -2.41 14.21 -1.36
N ARG D 73 -3.12 13.13 -1.02
CA ARG D 73 -3.14 11.93 -1.84
C ARG D 73 -4.41 11.14 -1.51
N CYS D 74 -5.02 10.56 -2.53
CA CYS D 74 -6.19 9.73 -2.32
C CYS D 74 -5.76 8.41 -1.68
N PRO D 75 -6.70 7.65 -1.12
CA PRO D 75 -6.35 6.33 -0.61
C PRO D 75 -5.77 5.44 -1.71
N THR D 76 -4.83 4.58 -1.33
CA THR D 76 -4.08 3.71 -2.21
C THR D 76 -3.14 4.49 -3.14
N GLN D 77 -2.87 5.76 -2.84
CA GLN D 77 -1.93 6.56 -3.62
C GLN D 77 -0.67 6.91 -2.84
N GLY D 78 -0.50 6.38 -1.63
CA GLY D 78 0.70 6.58 -0.86
C GLY D 78 0.66 7.80 0.05
N GLU D 79 1.76 7.99 0.76
CA GLU D 79 1.90 9.09 1.69
C GLU D 79 2.24 10.38 0.95
N ALA D 80 1.76 11.48 1.52
CA ALA D 80 2.04 12.79 0.96
C ALA D 80 3.47 13.21 1.27
N TYR D 81 4.05 13.99 0.37
CA TYR D 81 5.44 14.41 0.46
C TYR D 81 5.56 15.81 -0.09
N LEU D 82 6.06 16.73 0.74
CA LEU D 82 6.52 18.04 0.32
C LEU D 82 8.02 18.13 0.58
N ASP D 83 8.72 18.85 -0.31
CA ASP D 83 10.17 19.01 -0.22
C ASP D 83 10.60 19.60 1.12
N LYS D 84 9.64 20.14 1.86
CA LYS D 84 9.91 20.98 3.02
C LYS D 84 9.90 20.23 4.34
N GLN D 85 9.53 18.94 4.36
CA GLN D 85 9.42 18.25 5.65
C GLN D 85 10.79 17.89 6.20
N SER D 86 11.69 17.42 5.34
CA SER D 86 13.05 17.13 5.78
C SER D 86 13.83 18.40 6.08
N ASP D 87 13.36 19.55 5.59
CA ASP D 87 13.99 20.82 5.91
C ASP D 87 13.76 21.15 7.38
N THR D 88 14.85 21.34 8.13
CA THR D 88 14.75 21.51 9.57
C THR D 88 14.10 22.84 9.95
N GLN D 89 14.17 23.84 9.07
CA GLN D 89 13.62 25.16 9.41
C GLN D 89 12.09 25.15 9.41
N TYR D 90 11.47 24.23 8.67
CA TYR D 90 10.02 24.23 8.54
C TYR D 90 9.40 23.29 9.57
N VAL D 91 8.21 23.65 10.03
CA VAL D 91 7.43 22.83 10.95
C VAL D 91 6.28 22.20 10.17
N CYS D 92 6.07 20.90 10.38
CA CYS D 92 5.13 20.15 9.56
C CYS D 92 4.15 19.40 10.44
N LYS D 93 3.12 18.84 9.79
CA LYS D 93 2.09 18.07 10.46
C LYS D 93 1.48 17.11 9.45
N ARG D 94 1.36 15.84 9.82
CA ARG D 94 0.87 14.79 8.93
C ARG D 94 -0.35 14.13 9.56
N THR D 95 -1.41 13.96 8.76
CA THR D 95 -2.65 13.37 9.27
C THR D 95 -3.37 12.69 8.12
N LEU D 96 -4.38 11.90 8.49
CA LEU D 96 -5.31 11.30 7.53
C LEU D 96 -6.57 12.13 7.46
N VAL D 97 -7.20 12.13 6.29
CA VAL D 97 -8.43 12.89 6.06
C VAL D 97 -9.40 12.02 5.28
N ASP D 98 -10.69 12.18 5.59
CA ASP D 98 -11.74 11.44 4.88
C ASP D 98 -11.83 11.93 3.44
N ARG D 99 -11.55 11.03 2.49
CA ARG D 99 -11.58 11.35 1.07
C ARG D 99 -12.72 10.59 0.39
N GLY D 100 -13.20 11.14 -0.70
CA GLY D 100 -14.27 10.49 -1.44
C GLY D 100 -14.52 11.17 -2.76
N TRP D 101 -15.68 10.85 -3.35
CA TRP D 101 -16.06 11.46 -4.62
C TRP D 101 -16.20 12.98 -4.49
N GLY D 102 -16.59 13.46 -3.31
CA GLY D 102 -16.74 14.88 -3.08
C GLY D 102 -15.45 15.65 -2.99
N ASN D 103 -14.32 14.96 -2.90
CA ASN D 103 -13.01 15.59 -2.81
C ASN D 103 -12.09 15.21 -3.97
N GLY D 104 -12.63 14.56 -5.00
CA GLY D 104 -11.83 14.22 -6.16
C GLY D 104 -11.02 12.95 -6.01
N CYS D 105 -11.64 11.90 -5.48
CA CYS D 105 -11.04 10.58 -5.38
C CYS D 105 -12.01 9.54 -5.89
N GLY D 106 -11.49 8.53 -6.58
CA GLY D 106 -12.25 7.43 -7.14
C GLY D 106 -12.76 6.41 -6.15
N LEU D 107 -12.54 6.64 -4.85
CA LEU D 107 -13.07 5.77 -3.81
C LEU D 107 -13.10 6.57 -2.51
N PHE D 108 -13.67 5.96 -1.48
CA PHE D 108 -13.93 6.62 -0.20
C PHE D 108 -13.03 6.00 0.86
N GLY D 109 -12.12 6.79 1.41
CA GLY D 109 -11.25 6.29 2.46
C GLY D 109 -10.37 7.41 2.99
N LYS D 110 -9.51 7.03 3.92
CA LYS D 110 -8.59 7.97 4.55
C LYS D 110 -7.38 8.19 3.65
N GLY D 111 -7.12 9.45 3.30
CA GLY D 111 -6.01 9.80 2.43
C GLY D 111 -4.96 10.59 3.19
N SER D 112 -3.71 10.49 2.72
CA SER D 112 -2.60 11.14 3.39
C SER D 112 -2.61 12.64 3.11
N LEU D 113 -2.27 13.41 4.15
CA LEU D 113 -2.19 14.86 4.03
C LEU D 113 -1.05 15.37 4.91
N VAL D 114 -0.20 16.21 4.33
CA VAL D 114 0.90 16.84 5.05
C VAL D 114 0.86 18.33 4.76
N THR D 115 1.26 19.12 5.76
CA THR D 115 1.25 20.57 5.64
C THR D 115 2.47 21.12 6.37
N CYS D 116 3.19 22.03 5.72
CA CYS D 116 4.44 22.55 6.26
C CYS D 116 4.48 24.06 6.08
N ALA D 117 5.23 24.72 6.96
CA ALA D 117 5.41 26.16 6.94
C ALA D 117 6.78 26.49 7.50
N LYS D 118 7.42 27.51 6.91
CA LYS D 118 8.73 27.96 7.35
C LYS D 118 8.58 28.82 8.60
N PHE D 119 9.29 28.44 9.67
CA PHE D 119 9.19 29.12 10.95
C PHE D 119 10.40 30.03 11.13
N ALA D 120 10.13 31.31 11.38
CA ALA D 120 11.16 32.29 11.68
C ALA D 120 10.78 33.03 12.96
N CYS D 121 11.79 33.38 13.74
CA CYS D 121 11.59 34.03 15.03
C CYS D 121 11.83 35.53 14.89
N SER D 122 10.82 36.34 15.21
CA SER D 122 10.96 37.79 15.12
C SER D 122 11.65 38.37 16.34
N LYS D 123 11.35 37.86 17.53
CA LYS D 123 11.89 38.40 18.77
C LYS D 123 12.20 37.26 19.73
N LYS D 124 13.42 37.25 20.28
CA LYS D 124 13.88 36.18 21.13
C LYS D 124 14.31 36.73 22.49
N MET D 125 14.31 35.85 23.49
CA MET D 125 14.88 36.14 24.79
C MET D 125 16.03 35.17 25.04
N THR D 126 16.99 35.60 25.85
CA THR D 126 18.27 34.90 25.98
C THR D 126 18.55 34.56 27.45
N GLY D 127 19.09 33.37 27.66
CA GLY D 127 19.61 32.97 28.96
C GLY D 127 21.12 32.82 28.90
N LYS D 128 21.78 33.35 29.92
CA LYS D 128 23.24 33.35 30.00
C LYS D 128 23.68 32.65 31.28
N SER D 129 24.85 32.01 31.21
CA SER D 129 25.39 31.25 32.32
C SER D 129 26.28 32.13 33.18
N ILE D 130 26.18 31.94 34.50
CA ILE D 130 26.95 32.69 35.48
C ILE D 130 27.92 31.71 36.14
N GLN D 131 29.19 31.80 35.75
CA GLN D 131 30.24 30.92 36.22
C GLN D 131 31.34 31.73 36.90
N PRO D 132 32.18 31.10 37.72
CA PRO D 132 33.25 31.86 38.41
C PRO D 132 34.16 32.63 37.47
N GLU D 133 34.45 32.11 36.28
CA GLU D 133 35.34 32.80 35.36
C GLU D 133 34.78 34.12 34.86
N ASN D 134 33.49 34.37 35.05
CA ASN D 134 32.86 35.61 34.61
C ASN D 134 32.90 36.71 35.66
N LEU D 135 33.33 36.40 36.88
CA LEU D 135 33.20 37.33 37.99
C LEU D 135 34.25 38.43 37.92
N GLU D 136 33.95 39.55 38.58
CA GLU D 136 34.87 40.68 38.69
C GLU D 136 34.54 41.41 39.98
N TYR D 137 35.46 41.35 40.96
CA TYR D 137 35.27 42.01 42.24
C TYR D 137 36.02 43.33 42.23
N ARG D 138 35.30 44.43 42.48
CA ARG D 138 35.91 45.74 42.64
C ARG D 138 36.04 46.02 44.14
N ILE D 139 37.28 46.10 44.61
CA ILE D 139 37.59 46.37 46.02
C ILE D 139 38.28 47.71 46.11
N MET D 140 37.84 48.55 47.04
CA MET D 140 38.43 49.86 47.27
C MET D 140 39.16 49.87 48.60
N LEU D 141 40.41 50.33 48.57
CA LEU D 141 41.24 50.50 49.75
C LEU D 141 41.51 51.98 49.95
N SER D 142 41.34 52.46 51.17
CA SER D 142 41.41 53.89 51.44
C SER D 142 42.16 54.15 52.74
N VAL D 143 43.06 55.13 52.70
CA VAL D 143 43.72 55.60 53.91
C VAL D 143 42.67 56.21 54.83
N HIS D 144 42.50 55.60 56.00
CA HIS D 144 41.48 56.05 56.95
C HIS D 144 41.77 57.45 57.44
N GLY D 145 40.93 58.41 57.07
CA GLY D 145 41.11 59.79 57.48
C GLY D 145 40.10 60.74 56.85
N GLU D 162 44.22 60.04 45.39
CA GLU D 162 45.55 59.46 45.55
C GLU D 162 45.61 58.55 46.78
N ASN D 163 44.89 58.94 47.83
CA ASN D 163 44.86 58.20 49.08
C ASN D 163 43.68 57.22 49.16
N ARG D 164 43.07 56.90 48.03
CA ARG D 164 42.13 55.79 47.97
C ARG D 164 42.21 55.18 46.58
N ALA D 165 42.71 53.96 46.50
CA ALA D 165 42.82 53.25 45.24
C ALA D 165 41.74 52.19 45.15
N LYS D 166 41.29 51.93 43.93
CA LYS D 166 40.37 50.85 43.64
C LYS D 166 41.08 49.80 42.80
N VAL D 167 40.80 48.54 43.08
CA VAL D 167 41.40 47.42 42.35
C VAL D 167 40.29 46.46 41.95
N GLU D 168 40.49 45.78 40.83
CA GLU D 168 39.60 44.75 40.35
C GLU D 168 40.28 43.40 40.43
N ILE D 169 39.52 42.37 40.81
CA ILE D 169 40.08 41.05 41.10
C ILE D 169 39.17 39.98 40.51
N THR D 170 39.75 39.09 39.71
CA THR D 170 39.14 37.94 39.08
C THR D 170 39.39 36.68 39.90
N PRO D 171 38.51 35.69 39.85
CA PRO D 171 38.87 34.37 40.38
C PRO D 171 40.04 33.73 39.65
N ASN D 172 40.23 34.05 38.37
CA ASN D 172 41.40 33.61 37.62
C ASN D 172 42.57 34.58 37.77
N SER D 173 42.46 35.56 38.66
CA SER D 173 43.50 36.53 38.94
C SER D 173 43.29 37.10 40.33
N PRO D 174 43.53 36.32 41.39
CA PRO D 174 43.11 36.75 42.74
C PRO D 174 43.89 37.93 43.28
N ARG D 175 45.08 38.22 42.77
CA ARG D 175 45.94 39.22 43.39
C ARG D 175 45.82 40.58 42.71
N ALA D 176 46.16 41.62 43.48
CA ALA D 176 46.14 43.00 43.02
C ALA D 176 46.86 43.85 44.06
N GLU D 177 47.72 44.76 43.60
CA GLU D 177 48.50 45.63 44.46
C GLU D 177 47.95 47.04 44.37
N ALA D 178 47.20 47.46 45.39
CA ALA D 178 46.65 48.81 45.43
C ALA D 178 47.74 49.81 45.78
N THR D 179 47.84 50.87 44.99
CA THR D 179 48.88 51.87 45.18
C THR D 179 48.29 53.11 45.85
N LEU D 180 48.85 53.49 46.99
CA LEU D 180 48.49 54.71 47.70
C LEU D 180 49.69 55.65 47.67
N GLY D 181 49.44 56.92 47.34
CA GLY D 181 50.45 57.91 47.03
C GLY D 181 51.72 57.88 47.85
N GLY D 182 51.72 58.53 49.00
CA GLY D 182 52.90 58.58 49.83
C GLY D 182 53.06 57.43 50.78
N PHE D 183 52.17 56.44 50.71
CA PHE D 183 52.06 55.39 51.71
C PHE D 183 52.60 54.06 51.23
N GLY D 184 53.07 53.98 49.99
CA GLY D 184 53.54 52.73 49.44
C GLY D 184 52.43 51.99 48.73
N SER D 185 52.32 50.70 48.99
CA SER D 185 51.31 49.89 48.32
C SER D 185 50.86 48.75 49.23
N LEU D 186 49.61 48.36 49.08
CA LEU D 186 49.05 47.20 49.76
C LEU D 186 48.89 46.06 48.76
N GLY D 187 49.24 44.86 49.19
CA GLY D 187 49.17 43.70 48.31
C GLY D 187 48.05 42.75 48.68
N LEU D 188 47.02 42.67 47.85
CA LEU D 188 45.87 41.82 48.12
C LEU D 188 46.04 40.46 47.47
N ASP D 189 45.88 39.41 48.27
CA ASP D 189 45.73 38.03 47.79
C ASP D 189 44.44 37.47 48.38
N CYS D 190 43.59 36.89 47.53
CA CYS D 190 42.28 36.43 47.95
C CYS D 190 42.00 35.07 47.32
N GLU D 191 40.83 34.51 47.66
CA GLU D 191 40.37 33.25 47.10
C GLU D 191 38.86 33.18 47.27
N PRO D 192 38.14 32.65 46.28
CA PRO D 192 36.67 32.66 46.35
C PRO D 192 36.15 31.68 47.40
N ARG D 193 35.26 32.17 48.25
CA ARG D 193 34.68 31.35 49.30
C ARG D 193 33.72 30.33 48.71
N THR D 194 33.61 29.18 49.37
CA THR D 194 32.85 28.05 48.87
C THR D 194 31.49 28.00 49.54
N GLY D 195 30.42 28.11 48.74
CA GLY D 195 29.05 28.04 49.21
C GLY D 195 28.33 29.38 49.21
N LEU D 196 29.07 30.47 49.34
CA LEU D 196 28.48 31.80 49.42
C LEU D 196 28.49 32.53 48.08
N ASP D 197 28.41 31.78 46.98
CA ASP D 197 28.31 32.34 45.65
C ASP D 197 27.23 31.62 44.85
N PHE D 198 26.97 32.14 43.66
CA PHE D 198 25.86 31.70 42.82
C PHE D 198 26.32 30.63 41.86
N SER D 199 25.44 29.68 41.58
CA SER D 199 25.59 28.78 40.44
C SER D 199 24.24 28.30 39.92
N ASP D 200 23.16 28.50 40.67
CA ASP D 200 21.84 27.96 40.36
C ASP D 200 20.94 28.96 39.66
N LEU D 201 21.51 29.96 38.99
CA LEU D 201 20.72 30.99 38.34
C LEU D 201 21.31 31.33 36.98
N TYR D 202 20.48 31.92 36.12
CA TYR D 202 20.90 32.43 34.83
C TYR D 202 20.53 33.90 34.70
N TYR D 203 21.15 34.58 33.75
CA TYR D 203 20.94 36.01 33.54
C TYR D 203 19.96 36.18 32.38
N LEU D 204 18.68 36.00 32.68
CA LEU D 204 17.64 36.10 31.66
C LEU D 204 17.50 37.54 31.18
N THR D 205 17.57 37.73 29.88
CA THR D 205 17.37 39.02 29.23
C THR D 205 16.15 38.94 28.33
N MET D 206 15.50 40.09 28.11
CA MET D 206 14.22 40.10 27.41
C MET D 206 13.93 41.53 26.96
N ASN D 207 14.25 41.83 25.69
CA ASN D 207 13.98 43.12 25.07
C ASN D 207 14.56 44.28 25.88
N ASN D 208 15.89 44.24 26.08
CA ASN D 208 16.73 45.12 26.89
C ASN D 208 16.44 45.03 28.41
N LYS D 209 15.43 44.29 28.86
CA LYS D 209 15.27 44.05 30.28
C LYS D 209 16.16 42.88 30.71
N HIS D 210 16.37 42.77 32.01
CA HIS D 210 17.25 41.74 32.56
C HIS D 210 16.69 41.25 33.89
N TRP D 211 16.88 39.96 34.16
CA TRP D 211 16.41 39.33 35.38
C TRP D 211 17.40 38.25 35.80
N LEU D 212 17.18 37.72 37.00
CA LEU D 212 17.83 36.52 37.48
C LEU D 212 16.75 35.48 37.73
N VAL D 213 16.93 34.28 37.18
CA VAL D 213 15.91 33.25 37.19
C VAL D 213 16.54 31.93 37.59
N HIS D 214 15.75 31.10 38.28
CA HIS D 214 16.17 29.75 38.62
C HIS D 214 16.32 28.94 37.34
N LYS D 215 17.55 28.51 37.04
CA LYS D 215 17.82 27.78 35.81
C LYS D 215 16.98 26.52 35.67
N GLU D 216 16.52 25.95 36.78
CA GLU D 216 15.65 24.78 36.71
C GLU D 216 14.29 25.13 36.12
N TRP D 217 13.71 26.26 36.56
CA TRP D 217 12.50 26.76 35.92
C TRP D 217 12.77 27.14 34.47
N PHE D 218 14.00 27.56 34.17
CA PHE D 218 14.32 28.05 32.84
C PHE D 218 14.26 26.94 31.80
N HIS D 219 14.62 25.72 32.19
CA HIS D 219 14.65 24.61 31.24
C HIS D 219 13.26 24.08 30.89
N ASP D 220 12.20 24.56 31.56
CA ASP D 220 10.86 24.03 31.36
C ASP D 220 9.90 25.07 30.80
N ILE D 221 10.41 26.10 30.14
CA ILE D 221 9.57 27.13 29.55
C ILE D 221 8.97 26.61 28.26
N PRO D 222 7.64 26.54 28.13
CA PRO D 222 7.01 26.03 26.88
C PRO D 222 7.07 27.02 25.73
N LEU D 223 8.26 27.14 25.15
CA LEU D 223 8.49 28.02 24.01
C LEU D 223 9.57 27.39 23.14
N PRO D 224 9.65 27.79 21.87
CA PRO D 224 10.77 27.32 21.03
C PRO D 224 12.10 27.81 21.57
N TRP D 225 13.14 26.99 21.37
CA TRP D 225 14.45 27.28 21.92
C TRP D 225 15.52 26.59 21.08
N HIS D 226 16.70 27.23 21.01
CA HIS D 226 17.89 26.62 20.45
C HIS D 226 18.97 26.57 21.51
N ALA D 227 19.90 25.62 21.34
CA ALA D 227 20.78 25.22 22.43
C ALA D 227 22.12 25.94 22.47
N GLY D 228 22.56 26.54 21.37
CA GLY D 228 23.82 27.24 21.36
C GLY D 228 23.64 28.74 21.49
N ALA D 229 24.70 29.48 21.18
CA ALA D 229 24.57 30.90 20.93
C ALA D 229 24.11 31.06 19.48
N ASP D 230 24.04 32.30 18.98
CA ASP D 230 23.64 32.47 17.60
C ASP D 230 24.73 31.95 16.67
N THR D 231 24.72 30.64 16.41
CA THR D 231 25.64 30.04 15.46
C THR D 231 25.10 30.29 14.04
N GLY D 232 25.63 29.56 13.05
CA GLY D 232 25.28 29.65 11.64
C GLY D 232 23.93 30.25 11.32
N THR D 233 22.87 29.48 11.59
CA THR D 233 21.49 29.93 11.63
C THR D 233 20.80 29.05 12.67
N PRO D 234 20.08 29.63 13.62
CA PRO D 234 19.57 28.83 14.75
C PRO D 234 18.56 27.77 14.30
N HIS D 235 18.75 26.55 14.81
CA HIS D 235 17.79 25.47 14.63
C HIS D 235 16.87 25.46 15.83
N TRP D 236 15.63 25.91 15.65
CA TRP D 236 14.68 25.99 16.73
C TRP D 236 14.09 24.62 17.03
N ASN D 237 13.82 24.38 18.31
CA ASN D 237 13.21 23.14 18.77
C ASN D 237 11.83 23.43 19.36
N ASN D 238 10.94 22.44 19.25
CA ASN D 238 9.56 22.55 19.71
C ASN D 238 8.88 23.76 19.08
N LYS D 239 8.82 23.74 17.75
CA LYS D 239 8.16 24.81 17.01
C LYS D 239 6.65 24.75 17.14
N GLU D 240 6.10 23.58 17.48
CA GLU D 240 4.67 23.44 17.68
C GLU D 240 4.18 24.16 18.93
N ALA D 241 5.09 24.61 19.79
CA ALA D 241 4.69 25.35 20.98
C ALA D 241 4.02 26.68 20.61
N LEU D 242 4.41 27.26 19.47
CA LEU D 242 3.81 28.49 18.99
C LEU D 242 2.95 28.29 17.75
N VAL D 243 3.04 27.14 17.10
CA VAL D 243 2.39 26.90 15.80
C VAL D 243 1.49 25.68 15.94
N GLU D 244 0.19 25.89 15.76
CA GLU D 244 -0.78 24.82 15.70
C GLU D 244 -1.44 24.82 14.33
N PHE D 245 -1.93 23.65 13.93
CA PHE D 245 -2.47 23.44 12.60
C PHE D 245 -3.96 23.20 12.72
N LYS D 246 -4.75 24.05 12.05
CA LYS D 246 -6.20 24.05 12.25
C LYS D 246 -6.86 22.88 11.52
N ASP D 247 -7.95 22.37 12.11
CA ASP D 247 -8.43 20.99 12.00
C ASP D 247 -7.98 20.26 10.73
N ALA D 248 -8.78 20.26 9.67
CA ALA D 248 -8.43 19.43 8.52
C ALA D 248 -9.28 19.75 7.31
N HIS D 249 -8.66 20.37 6.31
CA HIS D 249 -9.25 20.41 4.97
C HIS D 249 -8.78 19.19 4.18
N ALA D 250 -9.50 18.90 3.10
CA ALA D 250 -9.22 17.68 2.36
C ALA D 250 -7.89 17.78 1.63
N LYS D 251 -7.60 18.94 1.05
CA LYS D 251 -6.36 19.15 0.31
C LYS D 251 -5.47 20.22 0.93
N ARG D 252 -5.90 20.86 2.01
CA ARG D 252 -5.09 21.86 2.69
C ARG D 252 -5.17 21.64 4.19
N GLN D 253 -4.42 22.44 4.93
CA GLN D 253 -4.51 22.52 6.37
C GLN D 253 -4.03 23.91 6.78
N THR D 254 -4.78 24.55 7.65
CA THR D 254 -4.53 25.95 8.00
C THR D 254 -3.59 26.05 9.20
N VAL D 255 -2.55 26.87 9.05
CA VAL D 255 -1.50 27.01 10.04
C VAL D 255 -1.58 28.40 10.65
N VAL D 256 -1.41 28.48 11.97
CA VAL D 256 -1.59 29.73 12.70
C VAL D 256 -0.46 29.88 13.72
N VAL D 257 0.05 31.10 13.85
CA VAL D 257 1.03 31.44 14.88
C VAL D 257 0.29 32.06 16.06
N LEU D 258 0.77 31.80 17.27
CA LEU D 258 0.13 32.35 18.45
C LEU D 258 0.38 33.84 18.59
N GLY D 259 1.49 34.33 18.07
CA GLY D 259 1.84 35.72 18.23
C GLY D 259 2.68 35.95 19.46
N SER D 260 2.78 37.23 19.83
CA SER D 260 3.66 37.64 20.91
C SER D 260 3.27 36.97 22.23
N GLN D 261 4.29 36.50 22.94
CA GLN D 261 4.11 35.90 24.27
C GLN D 261 4.82 36.70 25.35
N GLU D 262 5.21 37.94 25.07
CA GLU D 262 5.94 38.75 26.04
C GLU D 262 5.13 38.93 27.32
N GLY D 263 3.82 39.17 27.19
CA GLY D 263 3.00 39.35 28.38
C GLY D 263 2.92 38.12 29.26
N ALA D 264 3.02 36.93 28.65
CA ALA D 264 2.96 35.70 29.41
C ALA D 264 4.19 35.55 30.30
N VAL D 265 5.36 35.97 29.81
CA VAL D 265 6.58 35.87 30.60
C VAL D 265 6.64 36.95 31.66
N HIS D 266 6.25 38.19 31.30
CA HIS D 266 6.22 39.28 32.26
C HIS D 266 5.33 38.96 33.44
N THR D 267 4.31 38.12 33.24
CA THR D 267 3.45 37.68 34.32
C THR D 267 3.95 36.40 34.98
N ALA D 268 4.68 35.55 34.24
CA ALA D 268 5.35 34.42 34.86
C ALA D 268 6.54 34.86 35.70
N LEU D 269 7.10 36.03 35.41
CA LEU D 269 8.16 36.62 36.23
C LEU D 269 7.51 37.52 37.27
N ALA D 270 7.00 36.88 38.32
CA ALA D 270 6.29 37.60 39.39
C ALA D 270 7.25 38.12 40.46
N GLY D 271 8.09 37.25 41.01
CA GLY D 271 8.98 37.66 42.07
C GLY D 271 10.39 37.98 41.67
N ALA D 272 10.71 37.88 40.37
CA ALA D 272 12.07 38.07 39.91
C ALA D 272 12.55 39.50 40.17
N LEU D 273 13.84 39.63 40.46
CA LEU D 273 14.47 40.91 40.70
C LEU D 273 15.24 41.35 39.47
N GLU D 274 15.22 42.65 39.20
CA GLU D 274 15.92 43.20 38.05
C GLU D 274 17.37 43.54 38.40
N ALA D 275 18.19 43.64 37.36
CA ALA D 275 19.58 44.05 37.49
C ALA D 275 19.82 45.28 36.62
N GLU D 276 21.09 45.62 36.40
CA GLU D 276 21.45 46.74 35.54
C GLU D 276 22.71 46.40 34.77
N MET D 277 22.73 46.74 33.48
CA MET D 277 23.74 46.25 32.54
C MET D 277 24.14 47.36 31.57
N ASP D 278 24.63 48.48 32.11
CA ASP D 278 25.01 49.66 31.34
C ASP D 278 26.30 49.34 30.59
N GLY D 279 26.16 48.48 29.60
CA GLY D 279 27.15 47.97 28.68
C GLY D 279 26.98 46.49 28.53
N ALA D 280 28.11 45.84 28.33
CA ALA D 280 28.13 44.38 28.24
C ALA D 280 28.29 43.72 29.61
N LYS D 281 28.56 44.49 30.65
CA LYS D 281 28.79 43.94 31.98
C LYS D 281 27.54 44.09 32.83
N GLY D 282 27.25 43.08 33.64
CA GLY D 282 26.07 43.09 34.47
C GLY D 282 26.31 43.30 35.95
N ARG D 283 25.67 44.33 36.50
CA ARG D 283 25.82 44.69 37.90
C ARG D 283 24.83 43.93 38.77
N LEU D 284 25.28 43.52 39.96
CA LEU D 284 24.40 43.01 41.00
C LEU D 284 25.13 43.18 42.33
N SER D 285 24.48 42.71 43.41
CA SER D 285 24.83 43.16 44.76
C SER D 285 25.88 42.28 45.45
N SER D 286 25.48 41.10 45.89
CA SER D 286 26.20 40.37 46.92
C SER D 286 27.62 39.98 46.50
N GLY D 287 28.40 39.54 47.49
CA GLY D 287 29.78 39.11 47.29
C GLY D 287 30.46 38.76 48.60
N HIS D 288 31.35 37.76 48.57
CA HIS D 288 32.03 37.31 49.79
C HIS D 288 33.44 36.85 49.42
N LEU D 289 34.43 37.40 50.11
CA LEU D 289 35.84 37.09 49.86
C LEU D 289 36.57 36.89 51.19
N LYS D 290 37.79 36.36 51.07
CA LYS D 290 38.72 36.25 52.18
C LYS D 290 40.11 36.57 51.63
N CYS D 291 40.88 37.36 52.37
CA CYS D 291 42.11 37.91 51.79
C CYS D 291 43.21 38.00 52.83
N ARG D 292 44.38 37.46 52.48
CA ARG D 292 45.62 37.84 53.15
C ARG D 292 46.21 39.04 52.41
N LEU D 293 46.43 40.13 53.13
CA LEU D 293 46.93 41.35 52.51
C LEU D 293 48.30 41.68 53.10
N LYS D 294 49.26 42.00 52.23
CA LYS D 294 50.65 42.17 52.63
C LYS D 294 50.97 43.65 52.79
N MET D 295 51.38 44.04 53.99
CA MET D 295 51.65 45.43 54.34
C MET D 295 53.14 45.70 54.55
N ASP D 296 54.03 44.84 54.03
CA ASP D 296 55.46 45.05 54.21
C ASP D 296 55.92 46.34 53.55
N LYS D 297 55.31 46.69 52.41
CA LYS D 297 55.64 47.90 51.67
C LYS D 297 54.68 49.04 51.96
N LEU D 298 53.83 48.91 52.98
CA LEU D 298 52.99 50.01 53.42
C LEU D 298 53.71 50.79 54.51
N ARG D 299 53.80 52.11 54.34
CA ARG D 299 54.56 52.95 55.25
C ARG D 299 53.75 54.16 55.66
N LEU D 300 53.90 54.57 56.92
CA LEU D 300 53.56 55.94 57.29
C LEU D 300 54.57 56.88 56.63
N LYS D 301 54.16 58.13 56.47
CA LYS D 301 54.94 59.14 55.74
C LYS D 301 56.42 59.05 56.07
N GLY D 302 57.24 58.86 55.03
CA GLY D 302 58.67 58.64 55.19
C GLY D 302 59.42 59.79 55.82
N VAL D 303 58.72 60.89 56.08
CA VAL D 303 59.27 62.06 56.75
C VAL D 303 58.61 62.19 58.12
N SER D 304 59.42 62.46 59.13
CA SER D 304 58.94 62.70 60.49
C SER D 304 58.82 64.20 60.71
N TYR D 305 57.58 64.69 60.82
CA TYR D 305 57.33 66.09 61.06
C TYR D 305 57.45 66.40 62.56
N SER D 306 57.34 67.68 62.90
CA SER D 306 57.17 68.12 64.27
C SER D 306 55.69 68.26 64.59
N LEU D 307 55.39 68.47 65.87
CA LEU D 307 54.01 68.54 66.31
C LEU D 307 53.41 69.90 65.98
N CYS D 308 52.10 69.90 65.72
CA CYS D 308 51.38 71.16 65.59
C CYS D 308 51.36 71.87 66.94
N THR D 309 51.58 73.19 66.92
CA THR D 309 51.83 73.93 68.14
C THR D 309 50.70 74.87 68.55
N ALA D 310 49.87 75.32 67.61
CA ALA D 310 48.85 76.30 67.92
C ALA D 310 47.65 75.63 68.60
N ALA D 311 46.56 76.38 68.76
CA ALA D 311 45.41 75.92 69.52
C ALA D 311 44.45 75.15 68.63
N PHE D 312 43.85 74.11 69.20
CA PHE D 312 42.78 73.35 68.57
C PHE D 312 41.43 73.75 69.17
N THR D 313 40.36 73.37 68.49
CA THR D 313 39.02 73.68 68.95
C THR D 313 38.05 72.60 68.46
N PHE D 314 37.18 72.16 69.35
CA PHE D 314 36.18 71.14 69.02
C PHE D 314 35.04 71.78 68.23
N THR D 315 34.92 71.41 66.95
CA THR D 315 33.75 71.81 66.18
C THR D 315 32.60 70.83 66.43
N LYS D 316 32.82 69.56 66.12
CA LYS D 316 31.88 68.50 66.48
C LYS D 316 32.26 67.98 67.87
N ILE D 317 31.30 67.99 68.79
CA ILE D 317 31.54 67.41 70.11
C ILE D 317 31.78 65.92 69.92
N PRO D 318 32.55 65.26 70.78
CA PRO D 318 32.79 63.82 70.60
C PRO D 318 31.48 63.04 70.56
N ALA D 319 31.35 62.19 69.55
CA ALA D 319 30.13 61.41 69.32
C ALA D 319 30.48 59.95 69.18
N GLU D 320 29.77 59.10 69.92
CA GLU D 320 30.06 57.67 69.90
C GLU D 320 29.54 57.04 68.61
N THR D 321 30.28 56.05 68.11
CA THR D 321 29.90 55.30 66.93
C THR D 321 29.20 54.00 67.34
N LEU D 322 28.75 53.24 66.34
CA LEU D 322 28.04 51.99 66.61
C LEU D 322 28.92 50.98 67.33
N HIS D 323 30.24 51.08 67.17
CA HIS D 323 31.15 50.05 67.64
C HIS D 323 31.92 50.45 68.90
N GLY D 324 31.43 51.45 69.62
CA GLY D 324 32.07 51.89 70.84
C GLY D 324 33.15 52.94 70.67
N THR D 325 33.64 53.13 69.44
CA THR D 325 34.60 54.19 69.19
C THR D 325 33.91 55.55 69.22
N VAL D 326 34.72 56.60 69.17
CA VAL D 326 34.22 57.98 69.21
C VAL D 326 34.94 58.79 68.14
N THR D 327 34.24 59.77 67.59
CA THR D 327 34.77 60.64 66.55
C THR D 327 34.79 62.08 67.02
N VAL D 328 35.88 62.78 66.69
CA VAL D 328 36.10 64.16 67.09
C VAL D 328 36.54 64.96 65.86
N GLU D 329 35.99 66.17 65.71
CA GLU D 329 36.41 67.09 64.66
C GLU D 329 37.02 68.32 65.30
N VAL D 330 38.25 68.64 64.91
CA VAL D 330 38.95 69.82 65.40
C VAL D 330 39.24 70.72 64.21
N GLN D 331 39.56 71.99 64.51
CA GLN D 331 40.12 72.87 63.50
C GLN D 331 41.39 73.50 64.06
N TYR D 332 42.52 73.21 63.44
CA TYR D 332 43.80 73.70 63.91
C TYR D 332 44.03 75.12 63.42
N ALA D 333 44.15 76.07 64.35
CA ALA D 333 44.30 77.48 64.03
C ALA D 333 45.76 77.88 63.79
N GLY D 334 46.61 76.95 63.38
CA GLY D 334 48.00 77.25 63.13
C GLY D 334 48.43 76.96 61.70
N THR D 335 49.63 77.43 61.35
CA THR D 335 50.17 77.32 60.01
C THR D 335 51.29 76.29 59.90
N ASP D 336 51.64 75.60 61.00
CA ASP D 336 52.80 74.72 61.01
C ASP D 336 52.73 73.64 59.93
N GLY D 337 51.53 73.31 59.46
CA GLY D 337 51.32 72.26 58.50
C GLY D 337 52.29 72.29 57.33
N PRO D 338 52.83 71.12 56.97
CA PRO D 338 52.51 69.80 57.53
C PRO D 338 53.14 69.49 58.90
N CYS D 339 52.30 69.36 59.92
CA CYS D 339 52.70 68.93 61.25
C CYS D 339 51.84 67.77 61.71
N LYS D 340 52.44 66.89 62.51
CA LYS D 340 51.66 65.85 63.18
C LYS D 340 50.65 66.48 64.13
N VAL D 341 49.56 65.75 64.37
CA VAL D 341 48.51 66.18 65.30
C VAL D 341 48.76 65.50 66.63
N PRO D 342 48.96 66.24 67.73
CA PRO D 342 49.01 65.64 69.06
C PRO D 342 47.62 65.25 69.52
N ALA D 343 47.34 63.94 69.50
CA ALA D 343 46.04 63.43 69.89
C ALA D 343 46.23 62.12 70.63
N GLN D 344 45.68 62.04 71.84
CA GLN D 344 45.75 60.84 72.65
C GLN D 344 44.58 60.84 73.62
N MET D 345 44.50 59.80 74.44
CA MET D 345 43.57 59.74 75.54
C MET D 345 44.34 59.46 76.82
N ALA D 346 43.83 59.99 77.93
CA ALA D 346 44.55 59.93 79.19
C ALA D 346 43.57 59.83 80.34
N VAL D 347 43.88 58.93 81.28
CA VAL D 347 43.13 58.82 82.52
C VAL D 347 43.81 59.57 83.66
N ASP D 348 45.10 59.87 83.52
CA ASP D 348 45.83 60.58 84.56
C ASP D 348 45.76 62.10 84.38
N MET D 349 46.16 62.59 83.20
CA MET D 349 46.28 63.98 82.77
C MET D 349 47.37 64.77 83.50
N GLN D 350 48.04 64.18 84.49
CA GLN D 350 48.97 64.97 85.29
C GLN D 350 50.16 64.13 85.71
N THR D 351 50.98 63.62 84.78
CA THR D 351 50.84 63.67 83.31
C THR D 351 51.38 62.31 82.84
N LEU D 352 51.03 61.80 81.66
CA LEU D 352 49.98 62.23 80.73
C LEU D 352 49.75 60.97 79.87
N THR D 353 49.81 59.84 80.55
CA THR D 353 50.09 58.57 79.89
C THR D 353 48.95 58.15 78.97
N PRO D 354 49.28 57.62 77.80
CA PRO D 354 48.25 57.25 76.82
C PRO D 354 47.47 56.01 77.26
N VAL D 355 46.17 56.02 76.96
CA VAL D 355 45.29 54.87 77.16
C VAL D 355 44.48 54.68 75.88
N GLY D 356 43.92 53.49 75.74
CA GLY D 356 43.18 53.18 74.52
C GLY D 356 44.10 53.15 73.33
N ARG D 357 43.61 53.66 72.20
CA ARG D 357 44.42 53.79 70.99
C ARG D 357 43.65 54.63 69.98
N LEU D 358 44.39 55.19 69.03
CA LEU D 358 43.80 55.94 67.95
C LEU D 358 43.44 55.01 66.80
N ILE D 359 42.32 55.29 66.14
CA ILE D 359 41.99 54.63 64.88
C ILE D 359 42.56 55.39 63.70
N THR D 360 42.40 56.72 63.71
CA THR D 360 43.12 57.59 62.78
C THR D 360 44.56 57.70 63.26
N ALA D 361 45.30 56.61 63.06
CA ALA D 361 46.64 56.50 63.60
C ALA D 361 47.59 57.46 62.90
N ASN D 362 48.46 58.09 63.70
CA ASN D 362 49.39 59.11 63.23
C ASN D 362 48.68 60.19 62.43
N PRO D 363 47.80 60.98 63.06
CA PRO D 363 47.09 62.03 62.32
C PRO D 363 48.04 63.12 61.89
N VAL D 364 47.90 63.55 60.63
CA VAL D 364 48.76 64.57 60.04
C VAL D 364 47.87 65.61 59.37
N ILE D 365 48.20 66.88 59.56
CA ILE D 365 47.55 67.98 58.87
C ILE D 365 48.50 68.43 57.76
N THR D 366 48.21 68.02 56.53
CA THR D 366 49.00 68.47 55.39
C THR D 366 48.63 69.89 54.97
N GLU D 367 47.43 70.34 55.33
CA GLU D 367 47.00 71.70 55.02
C GLU D 367 47.97 72.71 55.60
N SER D 368 48.48 73.58 54.74
CA SER D 368 49.36 74.66 55.18
C SER D 368 48.61 75.93 55.52
N THR D 369 47.33 76.02 55.19
CA THR D 369 46.58 77.24 55.44
C THR D 369 46.14 77.29 56.91
N GLU D 370 45.47 78.39 57.26
CA GLU D 370 45.18 78.75 58.65
C GLU D 370 44.24 77.80 59.41
N ASN D 371 42.97 77.76 59.01
CA ASN D 371 41.93 77.08 59.79
C ASN D 371 41.52 75.76 59.12
N SER D 372 42.46 74.83 59.14
CA SER D 372 42.21 73.49 58.62
C SER D 372 41.40 72.70 59.62
N LYS D 373 40.40 71.98 59.12
CA LYS D 373 39.61 71.06 59.92
C LYS D 373 40.16 69.65 59.79
N MET D 374 39.90 68.83 60.80
CA MET D 374 40.32 67.44 60.78
C MET D 374 39.42 66.61 61.69
N MET D 375 39.01 65.47 61.18
CA MET D 375 38.22 64.49 61.94
C MET D 375 39.14 63.40 62.46
N LEU D 376 38.94 63.01 63.71
CA LEU D 376 39.66 61.90 64.32
C LEU D 376 38.66 60.86 64.78
N GLU D 377 39.13 59.61 64.92
CA GLU D 377 38.34 58.54 65.50
C GLU D 377 39.19 57.84 66.54
N LEU D 378 38.74 57.89 67.79
CA LEU D 378 39.49 57.31 68.90
C LEU D 378 38.81 56.05 69.40
N ASP D 379 39.61 55.16 69.99
CA ASP D 379 39.13 53.91 70.58
C ASP D 379 39.32 54.01 72.10
N PRO D 380 38.35 54.58 72.82
CA PRO D 380 38.58 54.87 74.23
C PRO D 380 38.62 53.59 75.06
N PRO D 381 39.31 53.60 76.18
CA PRO D 381 39.22 52.48 77.12
C PRO D 381 37.85 52.47 77.78
N PHE D 382 37.58 51.38 78.50
CA PHE D 382 36.29 51.19 79.13
C PHE D 382 36.28 51.92 80.47
N GLY D 383 35.16 52.58 80.76
CA GLY D 383 35.11 53.44 81.93
C GLY D 383 35.24 54.90 81.56
N ASP D 384 35.99 55.66 82.35
CA ASP D 384 36.21 57.08 82.11
C ASP D 384 37.61 57.31 81.53
N SER D 385 37.70 58.36 80.70
CA SER D 385 38.95 58.78 80.08
C SER D 385 38.74 60.15 79.47
N TYR D 386 39.84 60.84 79.22
CA TYR D 386 39.82 62.19 78.66
C TYR D 386 40.41 62.19 77.26
N ILE D 387 39.66 62.71 76.31
CA ILE D 387 40.19 62.97 74.98
C ILE D 387 41.08 64.21 75.04
N VAL D 388 42.34 64.07 74.62
CA VAL D 388 43.33 65.13 74.73
C VAL D 388 43.80 65.50 73.33
N ILE D 389 43.56 66.75 72.94
CA ILE D 389 44.02 67.31 71.69
C ILE D 389 44.90 68.51 71.99
N GLY D 390 46.03 68.61 71.29
CA GLY D 390 46.99 69.66 71.56
C GLY D 390 48.15 69.17 72.39
N VAL D 391 49.02 70.09 72.75
CA VAL D 391 50.22 69.70 73.49
C VAL D 391 50.41 70.55 74.75
N GLY D 392 50.35 71.86 74.60
CA GLY D 392 50.83 72.78 75.61
C GLY D 392 49.74 73.27 76.55
N GLU D 393 49.88 74.53 76.96
CA GLU D 393 48.93 75.09 77.93
C GLU D 393 47.56 75.30 77.32
N LYS D 394 47.51 75.68 76.04
CA LYS D 394 46.25 75.92 75.35
C LYS D 394 45.62 74.65 74.78
N LYS D 395 46.02 73.48 75.25
CA LYS D 395 45.44 72.24 74.76
C LYS D 395 44.03 72.05 75.31
N ILE D 396 43.25 71.24 74.60
CA ILE D 396 41.85 71.02 74.94
C ILE D 396 41.67 69.58 75.40
N THR D 397 40.69 69.38 76.28
CA THR D 397 40.33 68.06 76.78
C THR D 397 38.81 67.92 76.74
N HIS D 398 38.34 66.68 76.81
CA HIS D 398 36.91 66.40 76.85
C HIS D 398 36.70 65.03 77.48
N HIS D 399 35.89 64.98 78.53
CA HIS D 399 35.61 63.72 79.20
C HIS D 399 34.87 62.77 78.26
N TRP D 400 35.06 61.48 78.49
CA TRP D 400 34.35 60.46 77.71
C TRP D 400 34.21 59.20 78.55
N HIS D 401 32.99 58.67 78.62
CA HIS D 401 32.69 57.45 79.34
C HIS D 401 32.21 56.38 78.37
N ARG D 402 32.86 55.23 78.39
CA ARG D 402 32.47 54.08 77.58
C ARG D 402 32.05 52.95 78.51
N SER D 403 30.95 52.28 78.15
CA SER D 403 30.38 51.23 78.98
C SER D 403 30.66 49.86 78.37
N GLY D 404 30.44 48.83 79.18
CA GLY D 404 30.73 47.47 78.81
C GLY D 404 32.03 46.99 79.43
N SER D 405 32.43 45.79 79.04
CA SER D 405 33.70 45.22 79.49
C SER D 405 34.19 44.24 78.44
N THR D 406 35.23 43.47 78.79
CA THR D 406 35.90 42.56 77.87
C THR D 406 34.93 41.61 77.15
N GLN E 1 -35.08 2.52 9.04
CA GLN E 1 -34.96 1.41 8.09
C GLN E 1 -35.42 1.84 6.69
N VAL E 2 -34.44 2.13 5.83
CA VAL E 2 -34.75 2.56 4.48
C VAL E 2 -35.26 1.40 3.65
N GLN E 3 -36.26 1.66 2.82
CA GLN E 3 -36.75 0.72 1.84
C GLN E 3 -36.75 1.37 0.48
N LEU E 4 -36.43 0.57 -0.55
CA LEU E 4 -36.41 1.01 -1.93
C LEU E 4 -37.32 0.10 -2.74
N GLN E 5 -38.03 0.69 -3.70
CA GLN E 5 -38.99 -0.07 -4.51
C GLN E 5 -38.93 0.44 -5.94
N GLU E 6 -38.47 -0.42 -6.85
CA GLU E 6 -38.46 -0.08 -8.26
C GLU E 6 -39.87 -0.15 -8.83
N SER E 7 -40.12 0.66 -9.87
CA SER E 7 -41.40 0.58 -10.56
C SER E 7 -41.57 -0.80 -11.18
N GLY E 8 -42.83 -1.13 -11.48
CA GLY E 8 -43.22 -2.47 -11.86
C GLY E 8 -42.38 -3.12 -12.94
N PRO E 9 -42.23 -4.44 -12.85
CA PRO E 9 -41.59 -5.18 -13.95
C PRO E 9 -42.36 -4.99 -15.24
N GLY E 10 -41.62 -4.74 -16.32
CA GLY E 10 -42.19 -4.25 -17.55
C GLY E 10 -41.55 -4.87 -18.78
N LEU E 11 -42.15 -4.59 -19.93
CA LEU E 11 -41.75 -5.10 -21.22
C LEU E 11 -41.32 -3.94 -22.10
N VAL E 12 -40.28 -4.14 -22.90
CA VAL E 12 -39.68 -3.07 -23.71
C VAL E 12 -39.42 -3.60 -25.11
N LYS E 13 -39.67 -2.76 -26.12
CA LYS E 13 -39.41 -3.08 -27.52
C LYS E 13 -37.97 -2.76 -27.89
N PRO E 14 -37.37 -3.55 -28.79
CA PRO E 14 -35.98 -3.29 -29.20
C PRO E 14 -35.80 -1.89 -29.77
N SER E 15 -34.64 -1.29 -29.48
CA SER E 15 -34.21 0.04 -29.89
C SER E 15 -35.00 1.16 -29.21
N GLU E 16 -36.03 0.84 -28.41
CA GLU E 16 -36.70 1.86 -27.62
C GLU E 16 -35.96 2.04 -26.30
N THR E 17 -36.44 2.97 -25.47
CA THR E 17 -35.74 3.37 -24.25
C THR E 17 -36.37 2.72 -23.03
N LEU E 18 -35.53 2.14 -22.18
CA LEU E 18 -36.00 1.58 -20.92
C LEU E 18 -36.05 2.68 -19.86
N SER E 19 -37.20 2.78 -19.18
CA SER E 19 -37.43 3.84 -18.18
C SER E 19 -37.90 3.19 -16.90
N LEU E 20 -37.11 3.32 -15.84
CA LEU E 20 -37.45 2.81 -14.52
C LEU E 20 -37.41 3.94 -13.50
N ILE E 21 -38.25 3.82 -12.48
CA ILE E 21 -38.25 4.73 -11.34
C ILE E 21 -38.25 3.90 -10.07
N CYS E 22 -37.34 4.20 -9.16
CA CYS E 22 -37.34 3.57 -7.84
C CYS E 22 -37.55 4.65 -6.81
N THR E 23 -38.48 4.40 -5.89
CA THR E 23 -38.92 5.39 -4.91
C THR E 23 -38.49 4.94 -3.52
N VAL E 24 -37.96 5.87 -2.74
CA VAL E 24 -37.31 5.56 -1.47
C VAL E 24 -38.31 5.74 -0.34
N SER E 25 -38.40 4.74 0.53
CA SER E 25 -39.21 4.81 1.75
C SER E 25 -38.30 4.71 2.97
N GLY E 26 -38.90 4.98 4.13
CA GLY E 26 -38.23 4.85 5.41
C GLY E 26 -37.09 5.81 5.67
N GLY E 27 -36.86 6.79 4.80
CA GLY E 27 -35.75 7.70 4.99
C GLY E 27 -35.66 8.70 3.86
N SER E 28 -34.74 9.64 4.03
CA SER E 28 -34.61 10.78 3.14
C SER E 28 -33.83 10.44 1.87
N ILE E 29 -33.97 11.31 0.88
CA ILE E 29 -33.13 11.29 -0.30
C ILE E 29 -32.19 12.49 -0.37
N SER E 30 -32.57 13.62 0.24
CA SER E 30 -31.74 14.81 0.28
C SER E 30 -30.83 14.74 1.52
N THR E 31 -29.87 13.83 1.45
CA THR E 31 -28.91 13.63 2.53
C THR E 31 -27.50 13.67 1.96
N ARG E 32 -26.56 14.16 2.76
CA ARG E 32 -25.20 14.38 2.30
C ARG E 32 -24.32 13.13 2.37
N ASP E 33 -24.73 12.11 3.11
CA ASP E 33 -23.85 10.98 3.41
C ASP E 33 -23.92 9.86 2.38
N TYR E 34 -24.95 9.80 1.55
CA TYR E 34 -25.19 8.66 0.69
C TYR E 34 -25.23 9.08 -0.78
N TYR E 35 -24.95 8.10 -1.63
CA TYR E 35 -25.22 8.15 -3.05
C TYR E 35 -26.38 7.20 -3.36
N TRP E 36 -26.78 7.17 -4.63
CA TRP E 36 -28.01 6.51 -5.02
C TRP E 36 -27.82 5.91 -6.41
N GLY E 37 -27.79 4.58 -6.48
CA GLY E 37 -27.28 3.88 -7.64
C GLY E 37 -28.28 2.95 -8.28
N TRP E 38 -27.88 2.41 -9.43
CA TRP E 38 -28.66 1.45 -10.21
C TRP E 38 -27.74 0.29 -10.58
N ILE E 39 -28.21 -0.93 -10.34
CA ILE E 39 -27.42 -2.14 -10.56
C ILE E 39 -28.29 -3.19 -11.23
N ARG E 40 -27.78 -3.80 -12.29
CA ARG E 40 -28.48 -4.78 -13.11
C ARG E 40 -27.99 -6.19 -12.79
N GLN E 41 -28.72 -7.19 -13.31
CA GLN E 41 -28.35 -8.58 -13.11
C GLN E 41 -29.02 -9.43 -14.20
N THR E 42 -28.24 -9.81 -15.20
CA THR E 42 -28.72 -10.76 -16.19
C THR E 42 -28.89 -12.13 -15.54
N PRO E 43 -29.88 -12.91 -16.01
CA PRO E 43 -30.09 -14.24 -15.42
C PRO E 43 -28.95 -15.19 -15.69
N GLY E 44 -28.19 -15.46 -14.63
CA GLY E 44 -27.15 -16.47 -14.62
C GLY E 44 -25.72 -15.98 -14.59
N LYS E 45 -25.35 -15.05 -13.70
CA LYS E 45 -26.22 -14.30 -12.80
C LYS E 45 -25.50 -13.02 -12.43
N GLY E 46 -24.75 -12.50 -13.40
CA GLY E 46 -23.72 -11.51 -13.10
C GLY E 46 -24.33 -10.20 -12.64
N LEU E 47 -23.68 -9.57 -11.67
CA LEU E 47 -24.08 -8.26 -11.18
C LEU E 47 -23.27 -7.20 -11.90
N GLU E 48 -23.94 -6.24 -12.54
CA GLU E 48 -23.28 -5.13 -13.21
C GLU E 48 -23.83 -3.81 -12.68
N TRP E 49 -22.92 -2.90 -12.35
CA TRP E 49 -23.31 -1.58 -11.84
C TRP E 49 -23.54 -0.64 -13.02
N ILE E 50 -24.66 0.09 -12.98
CA ILE E 50 -25.05 0.98 -14.06
C ILE E 50 -24.64 2.42 -13.80
N GLY E 51 -24.84 2.91 -12.59
CA GLY E 51 -24.48 4.27 -12.27
C GLY E 51 -25.09 4.71 -10.96
N SER E 52 -24.47 5.75 -10.38
CA SER E 52 -24.95 6.34 -9.14
C SER E 52 -25.09 7.84 -9.32
N ILE E 53 -25.82 8.47 -8.40
CA ILE E 53 -26.14 9.89 -8.51
C ILE E 53 -26.29 10.49 -7.12
N TYR E 54 -25.96 11.77 -7.00
CA TYR E 54 -26.06 12.51 -5.76
C TYR E 54 -27.41 13.23 -5.71
N TYR E 55 -27.91 13.47 -4.48
CA TYR E 55 -29.13 14.27 -4.31
C TYR E 55 -28.99 15.62 -4.99
N SER E 56 -27.77 16.17 -4.99
CA SER E 56 -27.52 17.42 -5.69
C SER E 56 -27.81 17.30 -7.18
N GLY E 57 -27.42 16.18 -7.79
CA GLY E 57 -27.67 15.94 -9.20
C GLY E 57 -26.48 15.35 -9.92
N GLY E 58 -25.30 15.41 -9.30
CA GLY E 58 -24.09 14.88 -9.88
C GLY E 58 -24.16 13.40 -10.20
N THR E 59 -23.84 13.03 -11.44
CA THR E 59 -23.97 11.66 -11.92
C THR E 59 -22.61 11.00 -12.04
N TYR E 60 -22.60 9.68 -11.90
CA TYR E 60 -21.41 8.86 -12.11
C TYR E 60 -21.84 7.59 -12.82
N TYR E 61 -21.35 7.40 -14.04
CA TYR E 61 -21.81 6.32 -14.90
C TYR E 61 -20.70 5.31 -15.17
N SER E 62 -21.10 4.08 -15.42
CA SER E 62 -20.16 3.09 -15.90
C SER E 62 -19.68 3.46 -17.29
N PRO E 63 -18.39 3.32 -17.59
CA PRO E 63 -17.91 3.62 -18.95
C PRO E 63 -18.41 2.66 -20.01
N SER E 64 -18.89 1.48 -19.62
CA SER E 64 -19.43 0.52 -20.57
C SER E 64 -20.86 0.82 -20.97
N LEU E 65 -21.53 1.75 -20.30
CA LEU E 65 -22.89 2.12 -20.62
C LEU E 65 -23.11 3.63 -20.68
N LYS E 66 -22.06 4.43 -20.47
CA LYS E 66 -22.22 5.86 -20.23
C LYS E 66 -23.02 6.53 -21.34
N SER E 67 -22.80 6.12 -22.60
CA SER E 67 -23.46 6.79 -23.71
C SER E 67 -24.94 6.46 -23.80
N ARG E 68 -25.39 5.40 -23.13
CA ARG E 68 -26.79 4.99 -23.20
C ARG E 68 -27.57 5.29 -21.92
N VAL E 69 -26.89 5.62 -20.83
CA VAL E 69 -27.53 5.78 -19.51
C VAL E 69 -27.79 7.26 -19.24
N THR E 70 -28.93 7.54 -18.62
CA THR E 70 -29.22 8.85 -18.04
C THR E 70 -29.95 8.64 -16.73
N ILE E 71 -29.36 9.13 -15.64
CA ILE E 71 -29.94 9.00 -14.31
C ILE E 71 -30.25 10.40 -13.78
N SER E 72 -31.39 10.53 -13.10
CA SER E 72 -31.83 11.81 -12.59
C SER E 72 -32.43 11.64 -11.20
N VAL E 73 -32.39 12.71 -10.41
CA VAL E 73 -32.97 12.74 -9.07
C VAL E 73 -34.16 13.68 -9.09
N ASP E 74 -35.17 13.33 -8.29
CA ASP E 74 -36.27 14.24 -7.95
C ASP E 74 -36.35 14.24 -6.42
N THR E 75 -35.63 15.16 -5.79
CA THR E 75 -35.57 15.21 -4.32
C THR E 75 -36.95 15.46 -3.72
N SER E 76 -37.81 16.17 -4.45
CA SER E 76 -39.12 16.52 -3.91
C SER E 76 -40.02 15.29 -3.76
N LYS E 77 -39.88 14.31 -4.63
CA LYS E 77 -40.68 13.09 -4.57
C LYS E 77 -39.92 11.90 -4.00
N ASN E 78 -38.68 12.10 -3.54
CA ASN E 78 -37.90 11.06 -2.87
C ASN E 78 -37.67 9.85 -3.76
N GLN E 79 -37.47 10.09 -5.05
CA GLN E 79 -37.25 9.02 -6.02
C GLN E 79 -36.18 9.44 -7.01
N PHE E 80 -35.71 8.45 -7.77
CA PHE E 80 -34.75 8.68 -8.84
C PHE E 80 -35.08 7.75 -10.00
N SER E 81 -34.54 8.07 -11.17
CA SER E 81 -34.94 7.43 -12.41
C SER E 81 -33.75 6.92 -13.21
N LEU E 82 -33.91 5.74 -13.83
CA LEU E 82 -32.95 5.19 -14.76
C LEU E 82 -33.53 5.27 -16.17
N LYS E 83 -32.71 5.67 -17.13
CA LYS E 83 -33.09 5.68 -18.53
C LYS E 83 -31.98 5.05 -19.35
N LEU E 84 -32.24 3.85 -19.88
CA LEU E 84 -31.41 3.22 -20.89
C LEU E 84 -32.06 3.43 -22.25
N ARG E 85 -31.24 3.67 -23.27
CA ARG E 85 -31.73 3.88 -24.63
C ARG E 85 -31.04 2.92 -25.59
N SER E 86 -31.64 2.75 -26.76
CA SER E 86 -31.17 1.81 -27.78
C SER E 86 -31.04 0.41 -27.20
N VAL E 87 -32.09 -0.01 -26.48
CA VAL E 87 -32.08 -1.28 -25.78
C VAL E 87 -32.08 -2.45 -26.77
N THR E 88 -31.37 -3.51 -26.41
CA THR E 88 -31.35 -4.76 -27.18
C THR E 88 -31.75 -5.90 -26.26
N ALA E 89 -31.67 -7.12 -26.79
CA ALA E 89 -31.93 -8.30 -25.97
C ALA E 89 -30.86 -8.51 -24.92
N ALA E 90 -29.66 -7.98 -25.14
CA ALA E 90 -28.60 -8.06 -24.15
C ALA E 90 -28.88 -7.27 -22.88
N ASP E 91 -29.92 -6.43 -22.89
CA ASP E 91 -30.27 -5.61 -21.73
C ASP E 91 -31.37 -6.23 -20.88
N THR E 92 -31.90 -7.38 -21.28
CA THR E 92 -32.86 -8.09 -20.44
C THR E 92 -32.19 -8.54 -19.16
N ALA E 93 -32.70 -8.08 -18.02
CA ALA E 93 -32.10 -8.37 -16.73
C ALA E 93 -33.03 -7.87 -15.62
N VAL E 94 -32.71 -8.25 -14.40
CA VAL E 94 -33.34 -7.69 -13.21
C VAL E 94 -32.54 -6.47 -12.78
N TYR E 95 -33.21 -5.34 -12.62
CA TYR E 95 -32.56 -4.07 -12.31
C TYR E 95 -32.85 -3.71 -10.85
N TYR E 96 -31.80 -3.51 -10.07
CA TYR E 96 -31.91 -3.13 -8.67
C TYR E 96 -31.54 -1.65 -8.50
N CYS E 97 -32.34 -0.95 -7.71
CA CYS E 97 -31.94 0.33 -7.13
C CYS E 97 -31.37 0.07 -5.74
N ALA E 98 -30.33 0.81 -5.39
CA ALA E 98 -29.66 0.60 -4.12
C ALA E 98 -29.17 1.92 -3.56
N ARG E 99 -29.09 1.99 -2.24
CA ARG E 99 -28.46 3.13 -1.56
C ARG E 99 -26.97 2.84 -1.44
N GLN E 100 -26.15 3.75 -1.97
CA GLN E 100 -24.70 3.63 -1.87
C GLN E 100 -24.25 4.42 -0.65
N TRP E 101 -23.71 3.72 0.35
CA TRP E 101 -23.13 4.41 1.50
C TRP E 101 -21.65 4.66 1.21
N GLY E 102 -21.41 5.57 0.27
CA GLY E 102 -20.06 5.98 -0.11
C GLY E 102 -19.15 5.02 -0.84
N ASN E 103 -19.03 3.78 -0.37
CA ASN E 103 -18.15 2.79 -1.02
C ASN E 103 -18.82 1.45 -1.19
N TYR E 104 -19.98 1.24 -0.56
CA TYR E 104 -20.70 -0.03 -0.56
C TYR E 104 -22.18 0.26 -0.74
N PHE E 105 -22.93 -0.78 -1.09
CA PHE E 105 -24.38 -0.69 -1.26
C PHE E 105 -25.02 -1.38 -0.06
N ASP E 106 -25.49 -0.60 0.90
CA ASP E 106 -25.98 -1.16 2.15
C ASP E 106 -27.44 -1.56 2.10
N HIS E 107 -28.21 -1.02 1.16
CA HIS E 107 -29.63 -1.32 1.06
C HIS E 107 -30.02 -1.45 -0.40
N TRP E 108 -30.88 -2.42 -0.70
CA TRP E 108 -31.29 -2.76 -2.04
C TRP E 108 -32.82 -2.71 -2.16
N GLY E 109 -33.29 -2.85 -3.40
CA GLY E 109 -34.69 -3.02 -3.69
C GLY E 109 -35.00 -4.47 -4.04
N GLN E 110 -36.30 -4.77 -4.13
CA GLN E 110 -36.71 -6.15 -4.40
C GLN E 110 -36.29 -6.59 -5.81
N GLY E 111 -36.06 -5.64 -6.70
CA GLY E 111 -35.67 -5.96 -8.06
C GLY E 111 -36.85 -5.91 -9.01
N SER E 112 -36.58 -5.51 -10.24
CA SER E 112 -37.58 -5.41 -11.29
C SER E 112 -37.05 -6.06 -12.55
N LEU E 113 -37.73 -7.09 -13.03
CA LEU E 113 -37.31 -7.79 -14.24
C LEU E 113 -37.78 -7.02 -15.47
N VAL E 114 -36.85 -6.74 -16.38
CA VAL E 114 -37.15 -6.07 -17.64
C VAL E 114 -36.87 -7.05 -18.76
N THR E 115 -37.88 -7.32 -19.57
CA THR E 115 -37.77 -8.19 -20.74
C THR E 115 -37.87 -7.36 -22.00
N VAL E 116 -37.05 -7.69 -23.00
CA VAL E 116 -36.93 -6.90 -24.22
C VAL E 116 -37.23 -7.83 -25.41
N SER E 117 -38.40 -7.64 -26.02
CA SER E 117 -38.76 -8.37 -27.22
C SER E 117 -39.89 -7.62 -27.92
N SER E 118 -40.08 -7.91 -29.19
CA SER E 118 -41.16 -7.32 -29.99
C SER E 118 -42.39 -8.21 -29.90
N ALA E 119 -42.93 -8.29 -28.69
CA ALA E 119 -44.13 -9.07 -28.41
C ALA E 119 -44.94 -8.34 -27.34
N SER E 120 -46.24 -8.59 -27.34
CA SER E 120 -47.13 -7.91 -26.42
C SER E 120 -47.37 -8.75 -25.17
N THR E 121 -47.84 -8.09 -24.11
CA THR E 121 -48.07 -8.74 -22.83
C THR E 121 -49.36 -9.56 -22.86
N LYS E 122 -49.35 -10.70 -22.19
CA LYS E 122 -50.53 -11.52 -22.01
C LYS E 122 -50.63 -11.94 -20.55
N GLY E 123 -51.86 -11.94 -20.03
CA GLY E 123 -52.12 -12.35 -18.67
C GLY E 123 -52.21 -13.86 -18.54
N PRO E 124 -52.08 -14.36 -17.31
CA PRO E 124 -52.10 -15.80 -17.08
C PRO E 124 -53.51 -16.32 -16.81
N SER E 125 -53.62 -17.65 -16.85
CA SER E 125 -54.83 -18.37 -16.47
C SER E 125 -54.47 -19.32 -15.34
N VAL E 126 -55.25 -19.28 -14.26
CA VAL E 126 -54.90 -19.94 -13.01
C VAL E 126 -55.91 -21.05 -12.73
N PHE E 127 -55.41 -22.25 -12.48
CA PHE E 127 -56.18 -23.48 -12.40
C PHE E 127 -55.87 -24.18 -11.09
N PRO E 128 -56.88 -24.72 -10.40
CA PRO E 128 -56.63 -25.40 -9.13
C PRO E 128 -56.18 -26.84 -9.31
N LEU E 129 -55.36 -27.30 -8.37
CA LEU E 129 -54.86 -28.67 -8.35
C LEU E 129 -55.18 -29.27 -6.99
N ALA E 130 -56.19 -30.14 -6.95
CA ALA E 130 -56.68 -30.74 -5.71
C ALA E 130 -56.48 -32.25 -5.76
N PRO E 131 -56.62 -32.97 -4.64
CA PRO E 131 -56.54 -34.43 -4.70
C PRO E 131 -57.62 -35.01 -5.60
N SER E 132 -57.29 -36.09 -6.29
CA SER E 132 -58.15 -36.69 -7.30
C SER E 132 -58.88 -37.90 -6.71
N SER E 133 -59.44 -38.73 -7.58
CA SER E 133 -60.08 -39.96 -7.12
C SER E 133 -59.08 -40.81 -6.35
N LYS E 134 -59.52 -41.34 -5.21
CA LYS E 134 -58.65 -41.88 -4.16
C LYS E 134 -57.85 -40.75 -3.52
N SER E 135 -58.53 -39.66 -3.19
CA SER E 135 -57.88 -38.51 -2.56
C SER E 135 -57.28 -38.89 -1.21
N THR E 136 -57.84 -39.91 -0.57
CA THR E 136 -57.41 -40.31 0.75
C THR E 136 -55.93 -40.72 0.75
N SER E 137 -55.28 -40.44 1.87
CA SER E 137 -53.90 -40.84 2.09
C SER E 137 -53.68 -40.93 3.60
N GLY E 138 -52.44 -41.24 3.98
CA GLY E 138 -52.08 -41.47 5.37
C GLY E 138 -52.29 -40.26 6.26
N GLY E 139 -51.47 -39.23 6.10
CA GLY E 139 -51.57 -38.05 6.95
C GLY E 139 -51.05 -36.79 6.29
N THR E 140 -50.88 -36.83 4.97
CA THR E 140 -50.38 -35.68 4.23
C THR E 140 -51.13 -35.55 2.91
N ALA E 141 -51.40 -34.32 2.51
CA ALA E 141 -52.06 -34.01 1.25
C ALA E 141 -51.35 -32.85 0.58
N ALA E 142 -51.36 -32.87 -0.75
CA ALA E 142 -50.68 -31.86 -1.56
C ALA E 142 -51.69 -31.12 -2.41
N LEU E 143 -51.81 -29.81 -2.19
CA LEU E 143 -52.65 -28.94 -3.00
C LEU E 143 -51.79 -28.09 -3.92
N GLY E 144 -52.37 -27.71 -5.06
CA GLY E 144 -51.61 -27.05 -6.11
C GLY E 144 -52.37 -25.88 -6.73
N CYS E 145 -51.71 -25.22 -7.68
CA CYS E 145 -52.25 -24.01 -8.31
C CYS E 145 -51.40 -23.76 -9.55
N LEU E 146 -52.01 -23.88 -10.73
CA LEU E 146 -51.28 -23.89 -12.00
C LEU E 146 -51.45 -22.54 -12.70
N VAL E 147 -50.37 -21.78 -12.77
CA VAL E 147 -50.33 -20.51 -13.51
C VAL E 147 -49.79 -20.81 -14.91
N LYS E 148 -50.59 -20.52 -15.93
CA LYS E 148 -50.27 -20.95 -17.29
C LYS E 148 -50.45 -19.81 -18.28
N ASP E 149 -49.52 -19.75 -19.24
CA ASP E 149 -49.67 -18.98 -20.47
C ASP E 149 -49.69 -17.47 -20.22
N TYR E 150 -48.56 -16.99 -19.71
CA TYR E 150 -48.38 -15.56 -19.52
C TYR E 150 -47.11 -15.11 -20.25
N PHE E 151 -47.00 -13.81 -20.44
CA PHE E 151 -45.78 -13.23 -20.97
C PHE E 151 -45.83 -11.72 -20.75
N PRO E 152 -44.75 -11.11 -20.23
CA PRO E 152 -43.52 -11.79 -19.81
C PRO E 152 -43.57 -12.25 -18.36
N GLU E 153 -42.40 -12.60 -17.81
CA GLU E 153 -42.28 -12.90 -16.40
C GLU E 153 -42.23 -11.60 -15.59
N PRO E 154 -42.51 -11.67 -14.28
CA PRO E 154 -42.92 -12.82 -13.48
C PRO E 154 -44.34 -12.74 -12.92
N VAL E 155 -44.85 -13.87 -12.42
CA VAL E 155 -45.91 -13.85 -11.43
C VAL E 155 -45.28 -14.08 -10.07
N THR E 156 -46.01 -13.70 -9.04
CA THR E 156 -45.75 -14.12 -7.68
C THR E 156 -46.98 -14.85 -7.16
N VAL E 157 -46.76 -15.90 -6.39
CA VAL E 157 -47.83 -16.75 -5.88
C VAL E 157 -47.70 -16.87 -4.37
N SER E 158 -48.78 -16.54 -3.66
CA SER E 158 -48.84 -16.70 -2.21
C SER E 158 -50.07 -17.51 -1.86
N TRP E 159 -50.08 -18.03 -0.63
CA TRP E 159 -51.17 -18.88 -0.15
C TRP E 159 -51.78 -18.28 1.10
N ASN E 160 -53.10 -18.14 1.09
CA ASN E 160 -53.86 -17.57 2.21
C ASN E 160 -53.29 -16.19 2.58
N SER E 161 -53.06 -15.38 1.56
CA SER E 161 -52.55 -14.01 1.72
C SER E 161 -51.22 -13.99 2.47
N GLY E 162 -50.35 -14.93 2.15
CA GLY E 162 -49.03 -14.95 2.75
C GLY E 162 -48.96 -15.48 4.17
N ALA E 163 -50.05 -16.02 4.69
CA ALA E 163 -50.01 -16.58 6.04
C ALA E 163 -49.50 -18.02 6.03
N LEU E 164 -49.68 -18.74 4.93
CA LEU E 164 -49.26 -20.13 4.81
C LEU E 164 -47.91 -20.14 4.09
N THR E 165 -46.83 -20.25 4.86
CA THR E 165 -45.47 -20.22 4.32
C THR E 165 -44.76 -21.56 4.37
N SER E 166 -45.09 -22.42 5.34
CA SER E 166 -44.27 -23.59 5.64
C SER E 166 -44.17 -24.53 4.45
N GLY E 167 -45.29 -25.11 4.04
CA GLY E 167 -45.21 -26.16 3.03
C GLY E 167 -45.25 -25.71 1.59
N VAL E 168 -45.07 -24.42 1.32
CA VAL E 168 -45.26 -23.89 -0.03
C VAL E 168 -43.99 -24.07 -0.84
N HIS E 169 -44.15 -24.55 -2.08
CA HIS E 169 -43.10 -24.52 -3.09
C HIS E 169 -43.70 -23.95 -4.35
N THR E 170 -43.10 -22.87 -4.86
CA THR E 170 -43.48 -22.28 -6.14
C THR E 170 -42.36 -22.56 -7.14
N PHE E 171 -42.73 -23.03 -8.29
CA PHE E 171 -41.64 -23.53 -9.13
C PHE E 171 -41.30 -22.52 -10.21
N PRO E 172 -40.04 -22.45 -10.62
CA PRO E 172 -39.65 -21.54 -11.69
C PRO E 172 -40.41 -21.83 -12.97
N ALA E 173 -40.73 -20.78 -13.71
CA ALA E 173 -41.53 -20.93 -14.92
C ALA E 173 -40.70 -21.55 -16.04
N VAL E 174 -41.38 -22.26 -16.93
CA VAL E 174 -40.75 -22.94 -18.06
C VAL E 174 -41.28 -22.32 -19.35
N LEU E 175 -40.36 -21.96 -20.24
CA LEU E 175 -40.74 -21.44 -21.55
C LEU E 175 -41.19 -22.59 -22.44
N GLN E 176 -42.48 -22.67 -22.72
CA GLN E 176 -42.99 -23.61 -23.69
C GLN E 176 -42.89 -23.03 -25.10
N SER E 177 -43.11 -23.89 -26.09
CA SER E 177 -42.91 -23.51 -27.50
C SER E 177 -44.09 -22.71 -28.04
N SER E 178 -44.33 -21.58 -27.38
CA SER E 178 -45.27 -20.59 -27.88
C SER E 178 -44.94 -19.21 -27.31
N GLY E 179 -43.75 -19.04 -26.73
CA GLY E 179 -43.60 -18.04 -25.70
C GLY E 179 -44.40 -18.51 -24.49
N LEU E 180 -45.08 -17.58 -23.84
CA LEU E 180 -46.12 -17.88 -22.86
C LEU E 180 -45.65 -18.91 -21.83
N TYR E 181 -44.76 -18.47 -20.94
CA TYR E 181 -44.21 -19.33 -19.90
C TYR E 181 -45.34 -19.90 -19.03
N SER E 182 -44.99 -20.89 -18.22
CA SER E 182 -45.94 -21.53 -17.32
C SER E 182 -45.21 -22.10 -16.11
N LEU E 183 -45.75 -21.86 -14.93
CA LEU E 183 -45.22 -22.43 -13.69
C LEU E 183 -46.37 -23.03 -12.89
N SER E 184 -46.03 -23.62 -11.73
CA SER E 184 -47.02 -24.20 -10.85
C SER E 184 -46.57 -24.05 -9.41
N SER E 185 -47.54 -23.94 -8.50
CA SER E 185 -47.28 -23.76 -7.08
C SER E 185 -47.99 -24.86 -6.30
N VAL E 186 -47.32 -25.38 -5.27
CA VAL E 186 -47.80 -26.54 -4.51
C VAL E 186 -47.53 -26.31 -3.03
N VAL E 187 -48.43 -26.82 -2.19
CA VAL E 187 -48.29 -26.73 -0.73
C VAL E 187 -48.65 -28.08 -0.12
N THR E 188 -48.05 -28.36 1.04
CA THR E 188 -48.28 -29.62 1.76
C THR E 188 -48.96 -29.32 3.10
N VAL E 189 -50.10 -29.96 3.33
CA VAL E 189 -50.87 -29.72 4.56
C VAL E 189 -51.47 -31.03 5.06
N PRO E 190 -51.75 -31.12 6.36
CA PRO E 190 -52.36 -32.35 6.89
C PRO E 190 -53.76 -32.57 6.32
N SER E 191 -54.11 -33.85 6.14
CA SER E 191 -55.45 -34.21 5.69
C SER E 191 -56.49 -34.05 6.79
N SER E 192 -56.08 -33.86 8.04
CA SER E 192 -57.03 -33.56 9.10
C SER E 192 -57.73 -32.23 8.83
N SER E 193 -56.98 -31.23 8.39
CA SER E 193 -57.55 -29.94 8.05
C SER E 193 -58.07 -29.87 6.62
N LEU E 194 -57.84 -30.92 5.83
CA LEU E 194 -58.26 -30.96 4.43
C LEU E 194 -59.42 -31.94 4.32
N GLY E 195 -60.63 -31.41 4.17
CA GLY E 195 -60.80 -29.98 3.98
C GLY E 195 -61.68 -29.34 5.03
N THR E 196 -61.18 -29.32 6.27
CA THR E 196 -61.76 -28.54 7.35
C THR E 196 -61.00 -27.24 7.57
N GLN E 197 -60.45 -26.68 6.49
CA GLN E 197 -59.68 -25.44 6.49
C GLN E 197 -59.52 -24.99 5.05
N THR E 198 -59.62 -23.69 4.82
CA THR E 198 -59.64 -23.15 3.47
C THR E 198 -58.22 -22.85 2.98
N TYR E 199 -58.05 -22.89 1.66
CA TYR E 199 -56.76 -22.66 1.03
C TYR E 199 -56.96 -21.87 -0.24
N ILE E 200 -56.26 -20.73 -0.35
CA ILE E 200 -56.39 -19.81 -1.47
C ILE E 200 -55.01 -19.51 -2.02
N CYS E 201 -54.83 -19.70 -3.33
CA CYS E 201 -53.58 -19.33 -3.99
C CYS E 201 -53.75 -17.98 -4.66
N ASN E 202 -52.94 -17.01 -4.26
CA ASN E 202 -53.02 -15.64 -4.75
C ASN E 202 -51.99 -15.46 -5.86
N VAL E 203 -52.47 -15.32 -7.08
CA VAL E 203 -51.61 -15.15 -8.26
C VAL E 203 -51.61 -13.67 -8.64
N ASN E 204 -50.41 -13.12 -8.86
CA ASN E 204 -50.25 -11.72 -9.20
C ASN E 204 -49.28 -11.60 -10.37
N HIS E 205 -49.80 -11.23 -11.54
CA HIS E 205 -49.01 -10.98 -12.74
C HIS E 205 -48.97 -9.47 -12.94
N LYS E 206 -47.91 -8.84 -12.43
CA LYS E 206 -47.81 -7.39 -12.47
C LYS E 206 -47.83 -6.82 -13.89
N PRO E 207 -47.03 -7.31 -14.85
CA PRO E 207 -46.99 -6.65 -16.16
C PRO E 207 -48.33 -6.62 -16.88
N SER E 208 -49.21 -7.59 -16.65
CA SER E 208 -50.57 -7.51 -17.14
C SER E 208 -51.56 -7.01 -16.10
N ASN E 209 -51.06 -6.59 -14.93
CA ASN E 209 -51.89 -6.14 -13.80
C ASN E 209 -52.90 -7.19 -13.37
N THR E 210 -52.64 -8.45 -13.69
CA THR E 210 -53.58 -9.52 -13.37
C THR E 210 -53.51 -9.85 -11.89
N LYS E 211 -54.68 -9.90 -11.25
CA LYS E 211 -54.81 -10.33 -9.87
C LYS E 211 -55.97 -11.32 -9.79
N VAL E 212 -55.74 -12.47 -9.17
CA VAL E 212 -56.74 -13.53 -9.18
C VAL E 212 -56.48 -14.44 -7.98
N ASP E 213 -57.57 -14.91 -7.37
CA ASP E 213 -57.52 -15.82 -6.24
C ASP E 213 -58.34 -17.06 -6.56
N LYS E 214 -57.78 -18.23 -6.27
CA LYS E 214 -58.44 -19.50 -6.50
C LYS E 214 -58.59 -20.24 -5.19
N ARG E 215 -59.82 -20.68 -4.88
CA ARG E 215 -59.99 -21.70 -3.87
C ARG E 215 -59.46 -23.02 -4.38
N VAL E 216 -59.01 -23.87 -3.46
CA VAL E 216 -58.56 -25.22 -3.79
C VAL E 216 -59.34 -26.18 -2.91
N GLU E 217 -60.31 -26.88 -3.50
CA GLU E 217 -61.19 -27.80 -2.80
C GLU E 217 -61.31 -29.08 -3.60
N PRO E 218 -61.58 -30.22 -2.93
CA PRO E 218 -61.66 -31.54 -3.57
C PRO E 218 -62.57 -31.57 -4.78
N ASP F 1 -9.65 -1.71 -16.19
CA ASP F 1 -10.38 -1.84 -14.93
C ASP F 1 -9.92 -3.06 -14.15
N ILE F 2 -10.19 -3.04 -12.85
CA ILE F 2 -9.82 -4.15 -11.97
C ILE F 2 -10.84 -5.27 -12.13
N VAL F 3 -10.37 -6.46 -12.49
CA VAL F 3 -11.22 -7.64 -12.60
C VAL F 3 -11.00 -8.50 -11.36
N LEU F 4 -12.05 -8.70 -10.58
CA LEU F 4 -11.95 -9.52 -9.38
C LEU F 4 -12.12 -10.99 -9.73
N THR F 5 -11.42 -11.83 -8.98
CA THR F 5 -11.52 -13.28 -9.08
C THR F 5 -11.98 -13.84 -7.74
N GLN F 6 -12.69 -14.96 -7.79
CA GLN F 6 -13.27 -15.59 -6.61
C GLN F 6 -13.07 -17.10 -6.69
N SER F 7 -12.69 -17.70 -5.57
CA SER F 7 -12.42 -19.12 -5.50
C SER F 7 -12.98 -19.69 -4.19
N PRO F 8 -13.62 -20.86 -4.24
CA PRO F 8 -13.92 -21.57 -5.48
C PRO F 8 -15.16 -21.02 -6.18
N SER F 9 -15.56 -21.64 -7.28
CA SER F 9 -16.77 -21.20 -7.97
C SER F 9 -18.01 -21.83 -7.33
N PHE F 10 -18.10 -23.15 -7.36
CA PHE F 10 -19.13 -23.89 -6.65
C PHE F 10 -18.51 -24.62 -5.47
N LEU F 11 -19.31 -24.89 -4.45
CA LEU F 11 -18.84 -25.70 -3.33
C LEU F 11 -20.05 -26.24 -2.58
N SER F 12 -19.99 -27.52 -2.23
CA SER F 12 -21.03 -28.18 -1.44
C SER F 12 -20.47 -28.50 -0.07
N ALA F 13 -21.08 -27.94 0.98
CA ALA F 13 -20.68 -28.22 2.35
C ALA F 13 -21.88 -28.76 3.12
N SER F 14 -21.71 -28.92 4.44
CA SER F 14 -22.78 -29.46 5.28
C SER F 14 -22.93 -28.59 6.51
N VAL F 15 -24.09 -28.71 7.16
CA VAL F 15 -24.40 -27.88 8.33
C VAL F 15 -23.37 -28.12 9.42
N GLY F 16 -22.92 -27.01 10.03
CA GLY F 16 -21.90 -27.07 11.06
C GLY F 16 -20.48 -26.90 10.56
N ASP F 17 -20.23 -27.15 9.27
CA ASP F 17 -18.89 -26.98 8.72
C ASP F 17 -18.49 -25.51 8.73
N ARG F 18 -17.20 -25.28 8.56
CA ARG F 18 -16.64 -23.94 8.41
C ARG F 18 -16.21 -23.77 6.97
N VAL F 19 -16.78 -22.77 6.29
CA VAL F 19 -16.53 -22.52 4.88
C VAL F 19 -15.72 -21.25 4.74
N THR F 20 -14.73 -21.28 3.85
CA THR F 20 -13.91 -20.13 3.52
C THR F 20 -14.03 -19.83 2.03
N ILE F 21 -14.24 -18.57 1.70
CA ILE F 21 -14.33 -18.10 0.32
C ILE F 21 -13.32 -16.97 0.14
N THR F 22 -12.58 -17.01 -0.97
CA THR F 22 -11.53 -16.04 -1.24
C THR F 22 -11.89 -15.17 -2.43
N CYS F 23 -11.39 -13.93 -2.41
CA CYS F 23 -11.58 -12.97 -3.49
C CYS F 23 -10.25 -12.30 -3.78
N ARG F 24 -10.00 -12.00 -5.06
CA ARG F 24 -8.70 -11.53 -5.51
C ARG F 24 -8.89 -10.35 -6.45
N ALA F 25 -8.37 -9.19 -6.06
CA ALA F 25 -8.36 -8.01 -6.90
C ALA F 25 -7.00 -7.87 -7.55
N SER F 26 -7.00 -7.43 -8.81
CA SER F 26 -5.74 -7.29 -9.54
C SER F 26 -4.91 -6.14 -8.99
N GLN F 27 -5.55 -5.13 -8.43
CA GLN F 27 -4.85 -3.99 -7.89
C GLN F 27 -5.08 -3.87 -6.39
N GLY F 28 -4.16 -3.17 -5.72
CA GLY F 28 -4.31 -2.90 -4.30
C GLY F 28 -5.53 -2.05 -4.02
N ILE F 29 -6.45 -2.62 -3.27
CA ILE F 29 -7.63 -1.91 -2.77
C ILE F 29 -7.56 -1.75 -1.24
N ASP F 30 -6.36 -1.90 -0.67
CA ASP F 30 -6.11 -2.03 0.75
C ASP F 30 -7.24 -2.74 1.49
N THR F 31 -8.19 -2.01 2.07
CA THR F 31 -9.27 -2.62 2.84
C THR F 31 -10.66 -2.23 2.35
N TYR F 32 -10.76 -1.64 1.16
CA TYR F 32 -12.03 -1.13 0.65
C TYR F 32 -12.67 -2.21 -0.21
N LEU F 33 -13.26 -3.19 0.47
CA LEU F 33 -13.83 -4.37 -0.16
C LEU F 33 -15.01 -4.84 0.66
N ALA F 34 -16.00 -5.43 -0.02
CA ALA F 34 -17.23 -5.88 0.63
C ALA F 34 -17.55 -7.31 0.22
N TRP F 35 -18.41 -7.94 1.02
CA TRP F 35 -18.97 -9.25 0.73
C TRP F 35 -20.49 -9.15 0.80
N TYR F 36 -21.16 -9.66 -0.23
CA TYR F 36 -22.61 -9.63 -0.32
C TYR F 36 -23.15 -11.05 -0.31
N GLN F 37 -24.40 -11.19 0.11
CA GLN F 37 -25.10 -12.46 0.14
C GLN F 37 -26.36 -12.35 -0.70
N GLN F 38 -26.55 -13.27 -1.64
CA GLN F 38 -27.71 -13.25 -2.52
C GLN F 38 -28.39 -14.62 -2.51
N LYS F 39 -29.51 -14.71 -1.80
CA LYS F 39 -30.35 -15.90 -1.83
C LYS F 39 -31.21 -15.90 -3.09
N PRO F 40 -31.73 -17.07 -3.49
CA PRO F 40 -32.47 -17.15 -4.76
C PRO F 40 -33.71 -16.27 -4.75
N GLY F 41 -33.93 -15.61 -5.88
CA GLY F 41 -35.10 -14.75 -6.02
C GLY F 41 -35.11 -13.55 -5.11
N LYS F 42 -33.93 -13.12 -4.65
CA LYS F 42 -33.83 -12.00 -3.72
C LYS F 42 -32.67 -11.11 -4.12
N ALA F 43 -32.64 -9.92 -3.54
CA ALA F 43 -31.57 -8.97 -3.79
C ALA F 43 -30.35 -9.31 -2.95
N PRO F 44 -29.17 -8.84 -3.34
CA PRO F 44 -27.98 -9.03 -2.51
C PRO F 44 -28.16 -8.42 -1.13
N LYS F 45 -27.51 -9.03 -0.14
CA LYS F 45 -27.58 -8.60 1.25
C LYS F 45 -26.16 -8.33 1.73
N LEU F 46 -25.87 -7.07 2.04
CA LEU F 46 -24.52 -6.68 2.46
C LEU F 46 -24.16 -7.35 3.77
N LEU F 47 -23.09 -8.16 3.74
CA LEU F 47 -22.60 -8.86 4.93
C LEU F 47 -21.43 -8.12 5.57
N ILE F 48 -20.36 -7.90 4.81
CA ILE F 48 -19.12 -7.30 5.30
C ILE F 48 -18.81 -6.06 4.49
N TYR F 49 -18.34 -5.01 5.16
CA TYR F 49 -17.78 -3.84 4.50
C TYR F 49 -16.48 -3.49 5.19
N GLY F 50 -15.59 -2.82 4.46
CA GLY F 50 -14.29 -2.56 5.03
C GLY F 50 -13.39 -3.78 5.13
N ALA F 51 -13.81 -4.91 4.57
CA ALA F 51 -13.07 -6.17 4.50
C ALA F 51 -12.97 -6.89 5.84
N SER F 52 -13.50 -6.32 6.93
CA SER F 52 -13.50 -7.03 8.21
C SER F 52 -14.62 -6.58 9.14
N THR F 53 -15.45 -5.61 8.76
CA THR F 53 -16.49 -5.09 9.62
C THR F 53 -17.80 -5.83 9.37
N LEU F 54 -18.43 -6.28 10.44
CA LEU F 54 -19.76 -6.88 10.35
C LEU F 54 -20.82 -5.79 10.25
N GLN F 55 -21.77 -5.98 9.34
CA GLN F 55 -22.88 -5.06 9.20
C GLN F 55 -23.98 -5.42 10.18
N SER F 56 -24.65 -4.40 10.71
CA SER F 56 -25.66 -4.60 11.75
C SER F 56 -26.71 -5.59 11.31
N GLY F 57 -27.04 -6.54 12.19
CA GLY F 57 -28.07 -7.51 11.90
C GLY F 57 -27.59 -8.72 11.13
N VAL F 58 -26.30 -8.89 10.96
CA VAL F 58 -25.72 -10.04 10.27
C VAL F 58 -25.23 -11.04 11.31
N PRO F 59 -25.51 -12.33 11.16
CA PRO F 59 -25.14 -13.30 12.20
C PRO F 59 -23.63 -13.29 12.48
N SER F 60 -23.28 -13.70 13.69
CA SER F 60 -21.87 -13.74 14.09
C SER F 60 -21.09 -14.78 13.29
N ARG F 61 -21.77 -15.71 12.62
CA ARG F 61 -21.10 -16.75 11.85
C ARG F 61 -20.17 -16.14 10.80
N PHE F 62 -20.64 -15.08 10.13
CA PHE F 62 -19.89 -14.50 9.03
C PHE F 62 -18.79 -13.58 9.55
N SER F 63 -17.65 -13.59 8.86
CA SER F 63 -16.54 -12.72 9.16
C SER F 63 -15.69 -12.57 7.91
N GLY F 64 -14.85 -11.55 7.90
CA GLY F 64 -14.00 -11.29 6.76
C GLY F 64 -12.65 -10.79 7.20
N SER F 65 -11.63 -11.09 6.40
CA SER F 65 -10.26 -10.66 6.68
C SER F 65 -9.52 -10.47 5.37
N GLY F 66 -8.54 -9.59 5.38
CA GLY F 66 -7.69 -9.40 4.22
C GLY F 66 -7.27 -7.96 4.07
N SER F 67 -6.18 -7.78 3.31
CA SER F 67 -5.69 -6.47 2.92
C SER F 67 -4.94 -6.62 1.62
N GLY F 68 -4.86 -5.52 0.86
CA GLY F 68 -4.19 -5.56 -0.43
C GLY F 68 -5.03 -6.16 -1.53
N THR F 69 -4.73 -7.41 -1.90
CA THR F 69 -5.37 -8.03 -3.06
C THR F 69 -6.08 -9.34 -2.76
N GLU F 70 -5.77 -10.01 -1.66
CA GLU F 70 -6.35 -11.32 -1.35
C GLU F 70 -7.17 -11.21 -0.06
N PHE F 71 -8.48 -11.41 -0.19
CA PHE F 71 -9.43 -11.25 0.90
C PHE F 71 -10.17 -12.57 1.08
N THR F 72 -10.70 -12.81 2.28
CA THR F 72 -11.26 -14.11 2.59
C THR F 72 -12.48 -13.98 3.48
N LEU F 73 -13.60 -14.53 3.04
CA LEU F 73 -14.84 -14.57 3.81
C LEU F 73 -14.99 -15.95 4.43
N THR F 74 -15.22 -16.00 5.75
CA THR F 74 -15.29 -17.25 6.49
C THR F 74 -16.66 -17.39 7.12
N ILE F 75 -17.24 -18.58 7.00
CA ILE F 75 -18.56 -18.88 7.56
C ILE F 75 -18.39 -19.96 8.62
N SER F 76 -18.37 -19.56 9.89
CA SER F 76 -18.33 -20.54 10.96
C SER F 76 -19.71 -21.18 11.14
N SER F 77 -19.74 -22.51 11.26
CA SER F 77 -20.95 -23.26 11.56
C SER F 77 -22.06 -22.96 10.54
N LEU F 78 -21.86 -23.48 9.34
CA LEU F 78 -22.80 -23.24 8.24
C LEU F 78 -24.21 -23.69 8.63
N GLN F 79 -25.21 -22.95 8.16
CA GLN F 79 -26.61 -23.21 8.45
C GLN F 79 -27.39 -23.43 7.15
N PRO F 80 -28.46 -24.24 7.20
CA PRO F 80 -29.19 -24.54 5.95
C PRO F 80 -29.79 -23.34 5.26
N GLU F 81 -30.06 -22.24 5.98
CA GLU F 81 -30.56 -21.05 5.33
C GLU F 81 -29.46 -20.31 4.57
N ASP F 82 -28.19 -20.62 4.84
CA ASP F 82 -27.08 -19.93 4.21
C ASP F 82 -26.96 -20.23 2.72
N PHE F 83 -27.93 -20.95 2.13
CA PHE F 83 -27.94 -21.14 0.69
C PHE F 83 -27.95 -19.80 0.00
N ALA F 84 -26.92 -19.54 -0.78
CA ALA F 84 -26.77 -18.31 -1.56
C ALA F 84 -25.48 -18.42 -2.36
N THR F 85 -25.33 -17.49 -3.30
CA THR F 85 -24.06 -17.23 -3.97
C THR F 85 -23.54 -15.90 -3.46
N TYR F 86 -22.28 -15.89 -3.02
CA TYR F 86 -21.69 -14.74 -2.34
C TYR F 86 -20.78 -14.00 -3.30
N TYR F 87 -20.85 -12.67 -3.26
CA TYR F 87 -20.10 -11.81 -4.17
C TYR F 87 -19.21 -10.88 -3.36
N CYS F 88 -17.95 -10.77 -3.78
CA CYS F 88 -17.11 -9.68 -3.31
C CYS F 88 -17.26 -8.48 -4.23
N GLN F 89 -17.00 -7.30 -3.68
CA GLN F 89 -17.28 -6.06 -4.39
C GLN F 89 -16.32 -4.97 -3.94
N GLN F 90 -15.80 -4.22 -4.89
CA GLN F 90 -14.91 -3.10 -4.58
C GLN F 90 -15.18 -1.95 -5.54
N LEU F 91 -14.82 -0.74 -5.09
CA LEU F 91 -14.96 0.47 -5.87
C LEU F 91 -13.57 1.06 -6.09
N ASN F 92 -13.31 1.52 -7.31
CA ASN F 92 -12.06 2.21 -7.60
C ASN F 92 -12.22 3.05 -8.86
N ASN F 93 -11.67 4.26 -8.84
CA ASN F 93 -11.64 5.14 -10.00
C ASN F 93 -13.05 5.39 -10.54
N TYR F 94 -13.97 5.65 -9.61
CA TYR F 94 -15.37 5.95 -9.90
C TYR F 94 -16.08 4.79 -10.59
N HIS F 95 -15.59 3.57 -10.41
CA HIS F 95 -16.15 2.40 -11.08
C HIS F 95 -16.43 1.30 -10.06
N PHE F 96 -17.70 0.91 -9.95
CA PHE F 96 -18.05 -0.27 -9.18
C PHE F 96 -17.88 -1.53 -10.03
N THR F 97 -17.38 -2.58 -9.40
CA THR F 97 -17.29 -3.87 -10.07
C THR F 97 -17.37 -4.98 -9.02
N PHE F 98 -18.15 -6.01 -9.33
CA PHE F 98 -18.40 -7.11 -8.42
C PHE F 98 -17.60 -8.33 -8.84
N GLY F 99 -17.49 -9.29 -7.93
CA GLY F 99 -16.84 -10.54 -8.24
C GLY F 99 -17.75 -11.46 -9.03
N PRO F 100 -17.17 -12.56 -9.52
CA PRO F 100 -17.97 -13.54 -10.27
C PRO F 100 -18.97 -14.30 -9.40
N GLY F 101 -18.72 -14.44 -8.10
CA GLY F 101 -19.64 -15.13 -7.23
C GLY F 101 -19.23 -16.54 -6.89
N THR F 102 -19.42 -16.94 -5.63
CA THR F 102 -19.14 -18.29 -5.16
C THR F 102 -20.45 -18.93 -4.75
N LYS F 103 -20.93 -19.86 -5.57
CA LYS F 103 -22.15 -20.60 -5.23
C LYS F 103 -21.87 -21.58 -4.11
N VAL F 104 -22.79 -21.65 -3.15
CA VAL F 104 -22.63 -22.49 -1.95
C VAL F 104 -23.88 -23.34 -1.81
N ASP F 105 -23.76 -24.63 -2.12
CA ASP F 105 -24.85 -25.58 -1.92
C ASP F 105 -24.65 -26.35 -0.62
N ILE F 106 -25.73 -26.99 -0.17
CA ILE F 106 -25.76 -27.69 1.11
C ILE F 106 -25.81 -29.19 0.85
N LYS F 107 -24.98 -29.95 1.55
CA LYS F 107 -25.01 -31.40 1.51
C LYS F 107 -25.67 -31.93 2.78
N ARG F 108 -26.67 -32.79 2.60
CA ARG F 108 -27.30 -33.50 3.71
C ARG F 108 -27.63 -34.91 3.27
N THR F 109 -28.31 -35.65 4.15
CA THR F 109 -28.59 -37.05 3.92
C THR F 109 -29.57 -37.22 2.76
N VAL F 110 -29.78 -38.47 2.36
CA VAL F 110 -30.62 -38.78 1.21
C VAL F 110 -32.08 -38.77 1.62
N ALA F 111 -32.93 -38.26 0.72
CA ALA F 111 -34.37 -38.17 0.96
C ALA F 111 -35.12 -38.74 -0.23
N ALA F 112 -36.35 -39.17 0.02
CA ALA F 112 -37.17 -39.83 -0.98
C ALA F 112 -38.26 -38.89 -1.46
N PRO F 113 -38.47 -38.78 -2.77
CA PRO F 113 -39.51 -37.87 -3.29
C PRO F 113 -40.90 -38.41 -3.01
N SER F 114 -41.68 -37.63 -2.24
CA SER F 114 -43.08 -37.97 -1.96
C SER F 114 -43.91 -37.62 -3.19
N VAL F 115 -43.94 -38.56 -4.13
CA VAL F 115 -44.51 -38.31 -5.45
C VAL F 115 -46.02 -38.13 -5.35
N PHE F 116 -46.54 -37.17 -6.13
CA PHE F 116 -47.98 -36.99 -6.30
C PHE F 116 -48.25 -36.79 -7.79
N ILE F 117 -49.54 -36.88 -8.14
CA ILE F 117 -49.98 -36.64 -9.51
C ILE F 117 -51.29 -35.86 -9.47
N PHE F 118 -51.48 -34.98 -10.44
CA PHE F 118 -52.65 -34.10 -10.48
C PHE F 118 -53.27 -34.17 -11.87
N PRO F 119 -54.57 -34.45 -11.98
CA PRO F 119 -55.22 -34.52 -13.27
C PRO F 119 -55.64 -33.15 -13.77
N PRO F 120 -55.88 -32.99 -15.07
CA PRO F 120 -56.33 -31.68 -15.58
C PRO F 120 -57.68 -31.29 -15.01
N SER F 121 -57.79 -30.03 -14.59
CA SER F 121 -59.04 -29.53 -14.05
C SER F 121 -60.05 -29.32 -15.18
N ASP F 122 -61.33 -29.25 -14.78
CA ASP F 122 -62.39 -29.09 -15.76
C ASP F 122 -62.30 -27.78 -16.51
N GLU F 123 -61.76 -26.73 -15.88
CA GLU F 123 -61.58 -25.46 -16.58
C GLU F 123 -60.64 -25.61 -17.77
N GLN F 124 -59.64 -26.49 -17.67
CA GLN F 124 -58.72 -26.70 -18.79
C GLN F 124 -59.34 -27.55 -19.88
N LEU F 125 -60.00 -28.64 -19.49
CA LEU F 125 -60.68 -29.48 -20.47
C LEU F 125 -61.65 -28.65 -21.31
N LYS F 126 -62.39 -27.74 -20.68
CA LYS F 126 -63.37 -26.92 -21.41
C LYS F 126 -62.68 -25.97 -22.37
N SER F 127 -61.73 -25.17 -21.86
CA SER F 127 -61.10 -24.11 -22.65
C SER F 127 -60.53 -24.66 -23.95
N GLY F 128 -59.65 -25.64 -23.86
CA GLY F 128 -59.16 -26.26 -25.07
C GLY F 128 -58.07 -27.28 -24.84
N THR F 129 -57.40 -27.22 -23.70
CA THR F 129 -56.16 -27.94 -23.49
C THR F 129 -56.28 -28.95 -22.35
N ALA F 130 -55.14 -29.52 -21.97
CA ALA F 130 -55.05 -30.50 -20.89
C ALA F 130 -53.60 -30.55 -20.41
N SER F 131 -53.39 -30.32 -19.11
CA SER F 131 -52.07 -30.35 -18.51
C SER F 131 -52.10 -31.28 -17.31
N VAL F 132 -51.27 -32.32 -17.35
CA VAL F 132 -51.15 -33.30 -16.27
C VAL F 132 -49.85 -33.02 -15.54
N VAL F 133 -49.92 -33.02 -14.20
CA VAL F 133 -48.81 -32.57 -13.37
C VAL F 133 -48.41 -33.70 -12.42
N CYS F 134 -47.27 -34.31 -12.69
CA CYS F 134 -46.60 -35.19 -11.74
C CYS F 134 -45.70 -34.34 -10.86
N LEU F 135 -45.65 -34.65 -9.56
CA LEU F 135 -45.13 -33.72 -8.58
C LEU F 135 -44.26 -34.45 -7.58
N LEU F 136 -42.99 -34.04 -7.49
CA LEU F 136 -42.02 -34.60 -6.54
C LEU F 136 -41.75 -33.60 -5.43
N ASN F 137 -41.64 -34.09 -4.20
CA ASN F 137 -41.54 -33.23 -3.03
C ASN F 137 -40.36 -33.66 -2.16
N ASN F 138 -39.44 -32.73 -1.92
CA ASN F 138 -38.51 -32.80 -0.78
C ASN F 138 -37.60 -34.03 -0.84
N PHE F 139 -36.89 -34.18 -1.95
CA PHE F 139 -35.86 -35.20 -2.10
C PHE F 139 -34.49 -34.54 -2.23
N TYR F 140 -33.49 -35.38 -2.45
CA TYR F 140 -32.07 -35.01 -2.52
C TYR F 140 -31.34 -36.31 -2.79
N PRO F 141 -30.44 -36.37 -3.80
CA PRO F 141 -29.94 -35.33 -4.70
C PRO F 141 -30.90 -34.81 -5.76
N ARG F 142 -30.47 -33.72 -6.39
CA ARG F 142 -31.18 -33.15 -7.54
C ARG F 142 -31.39 -34.19 -8.63
N GLU F 143 -30.52 -35.19 -8.72
CA GLU F 143 -30.60 -36.19 -9.77
C GLU F 143 -31.82 -37.08 -9.56
N ALA F 144 -32.84 -36.88 -10.39
CA ALA F 144 -34.03 -37.71 -10.41
C ALA F 144 -34.68 -37.53 -11.78
N LYS F 145 -35.39 -38.56 -12.23
CA LYS F 145 -35.99 -38.53 -13.56
C LYS F 145 -37.43 -39.05 -13.50
N VAL F 146 -38.19 -38.69 -14.51
CA VAL F 146 -39.61 -39.02 -14.57
C VAL F 146 -39.92 -39.67 -15.92
N GLN F 147 -40.95 -40.50 -15.94
CA GLN F 147 -41.36 -41.22 -17.14
C GLN F 147 -42.88 -41.17 -17.26
N TRP F 148 -43.36 -40.76 -18.43
CA TRP F 148 -44.79 -40.53 -18.65
C TRP F 148 -45.40 -41.71 -19.40
N LYS F 149 -46.30 -42.44 -18.74
CA LYS F 149 -47.03 -43.53 -19.35
C LYS F 149 -48.46 -43.09 -19.63
N VAL F 150 -48.91 -43.28 -20.86
CA VAL F 150 -50.30 -43.05 -21.26
C VAL F 150 -50.82 -44.40 -21.73
N ASP F 151 -51.52 -45.10 -20.84
CA ASP F 151 -51.92 -46.50 -21.06
C ASP F 151 -50.69 -47.38 -21.24
N ASN F 152 -49.71 -47.20 -20.36
CA ASN F 152 -48.44 -47.93 -20.41
C ASN F 152 -47.75 -47.75 -21.76
N ALA F 153 -47.84 -46.54 -22.30
CA ALA F 153 -47.17 -46.18 -23.55
C ALA F 153 -46.28 -44.98 -23.28
N LEU F 154 -44.97 -45.21 -23.25
CA LEU F 154 -44.01 -44.16 -22.91
C LEU F 154 -43.93 -43.08 -23.97
N GLN F 155 -44.74 -42.03 -23.83
CA GLN F 155 -44.62 -40.87 -24.69
C GLN F 155 -43.53 -39.94 -24.16
N SER F 156 -42.88 -39.24 -25.09
CA SER F 156 -41.70 -38.44 -24.77
C SER F 156 -41.94 -36.95 -24.92
N GLY F 157 -42.56 -36.51 -26.02
CA GLY F 157 -42.79 -35.11 -26.22
C GLY F 157 -43.79 -34.54 -25.24
N ASN F 158 -43.98 -33.21 -25.32
CA ASN F 158 -44.94 -32.43 -24.55
C ASN F 158 -44.61 -32.34 -23.07
N SER F 159 -43.53 -32.95 -22.60
CA SER F 159 -43.15 -32.88 -21.19
C SER F 159 -41.99 -31.91 -21.01
N GLN F 160 -42.06 -31.11 -19.94
CA GLN F 160 -40.94 -30.28 -19.52
C GLN F 160 -40.99 -30.13 -18.01
N GLU F 161 -39.81 -30.03 -17.41
CA GLU F 161 -39.66 -30.07 -15.97
C GLU F 161 -39.19 -28.73 -15.42
N SER F 162 -39.31 -28.58 -14.11
CA SER F 162 -38.86 -27.39 -13.41
C SER F 162 -38.47 -27.78 -11.99
N VAL F 163 -37.29 -27.33 -11.54
CA VAL F 163 -36.76 -27.68 -10.23
C VAL F 163 -36.75 -26.45 -9.35
N THR F 164 -36.95 -26.68 -8.04
CA THR F 164 -36.76 -25.64 -7.05
C THR F 164 -35.30 -25.61 -6.60
N GLU F 165 -34.96 -24.61 -5.80
CA GLU F 165 -33.68 -24.59 -5.12
C GLU F 165 -33.76 -25.42 -3.84
N GLN F 166 -32.60 -25.64 -3.22
CA GLN F 166 -32.59 -26.28 -1.90
C GLN F 166 -33.38 -25.43 -0.92
N ASP F 167 -34.26 -26.07 -0.17
CA ASP F 167 -35.07 -25.35 0.79
C ASP F 167 -34.21 -24.73 1.87
N SER F 168 -34.69 -23.65 2.47
CA SER F 168 -33.94 -22.97 3.53
C SER F 168 -33.98 -23.73 4.84
N LYS F 169 -34.91 -24.67 5.01
CA LYS F 169 -35.07 -25.39 6.27
C LYS F 169 -34.51 -26.80 6.24
N ASP F 170 -34.91 -27.61 5.26
CA ASP F 170 -34.45 -28.99 5.17
C ASP F 170 -33.49 -29.23 4.01
N SER F 171 -33.21 -28.21 3.19
CA SER F 171 -32.20 -28.28 2.13
C SER F 171 -32.53 -29.33 1.08
N THR F 172 -33.82 -29.51 0.78
CA THR F 172 -34.26 -30.50 -0.19
C THR F 172 -34.64 -29.85 -1.51
N TYR F 173 -34.74 -30.67 -2.55
CA TYR F 173 -35.17 -30.24 -3.87
C TYR F 173 -36.60 -30.71 -4.12
N SER F 174 -37.26 -30.03 -5.06
CA SER F 174 -38.61 -30.40 -5.49
C SER F 174 -38.67 -30.35 -7.01
N LEU F 175 -39.54 -31.19 -7.58
CA LEU F 175 -39.59 -31.40 -9.02
C LEU F 175 -41.04 -31.41 -9.48
N SER F 176 -41.33 -30.64 -10.53
CA SER F 176 -42.62 -30.65 -11.19
C SER F 176 -42.42 -30.95 -12.67
N SER F 177 -43.12 -31.97 -13.16
CA SER F 177 -43.14 -32.30 -14.57
C SER F 177 -44.57 -32.19 -15.08
N THR F 178 -44.72 -31.66 -16.28
CA THR F 178 -46.05 -31.38 -16.84
C THR F 178 -46.14 -31.98 -18.23
N LEU F 179 -47.11 -32.87 -18.42
CA LEU F 179 -47.45 -33.41 -19.74
C LEU F 179 -48.58 -32.57 -20.33
N THR F 180 -48.40 -32.14 -21.58
CA THR F 180 -49.30 -31.19 -22.21
C THR F 180 -49.91 -31.82 -23.47
N LEU F 181 -51.17 -32.20 -23.39
CA LEU F 181 -51.90 -32.77 -24.52
C LEU F 181 -53.02 -31.84 -24.95
N SER F 182 -53.46 -32.01 -26.20
CA SER F 182 -54.72 -31.43 -26.63
C SER F 182 -55.87 -32.25 -26.07
N LYS F 183 -57.02 -31.61 -25.90
CA LYS F 183 -58.14 -32.27 -25.20
C LYS F 183 -58.54 -33.56 -25.90
N ALA F 184 -58.52 -33.57 -27.23
CA ALA F 184 -58.86 -34.79 -27.97
C ALA F 184 -57.98 -35.95 -27.55
N ASP F 185 -56.66 -35.73 -27.51
CA ASP F 185 -55.75 -36.79 -27.10
C ASP F 185 -55.92 -37.17 -25.63
N TYR F 186 -56.39 -36.23 -24.80
CA TYR F 186 -56.65 -36.58 -23.41
C TYR F 186 -57.92 -37.40 -23.26
N GLU F 187 -58.91 -37.19 -24.12
CA GLU F 187 -60.14 -37.96 -24.06
C GLU F 187 -60.01 -39.32 -24.74
N LYS F 188 -59.06 -39.47 -25.66
CA LYS F 188 -58.85 -40.77 -26.30
C LYS F 188 -58.48 -41.83 -25.27
N HIS F 189 -57.37 -41.64 -24.57
CA HIS F 189 -56.86 -42.59 -23.61
C HIS F 189 -57.49 -42.36 -22.23
N LYS F 190 -57.20 -43.25 -21.31
CA LYS F 190 -57.83 -43.18 -20.00
C LYS F 190 -56.84 -43.30 -18.84
N VAL F 191 -55.84 -44.16 -18.94
CA VAL F 191 -54.90 -44.39 -17.86
C VAL F 191 -53.67 -43.50 -18.06
N TYR F 192 -53.46 -42.57 -17.14
CA TYR F 192 -52.31 -41.68 -17.17
C TYR F 192 -51.40 -41.95 -15.97
N ALA F 193 -50.09 -42.00 -16.23
CA ALA F 193 -49.15 -42.51 -15.24
C ALA F 193 -47.83 -41.75 -15.35
N CYS F 194 -47.18 -41.56 -14.21
CA CYS F 194 -45.81 -41.07 -14.15
C CYS F 194 -44.99 -41.95 -13.25
N GLU F 195 -43.80 -42.32 -13.72
CA GLU F 195 -42.86 -43.14 -12.97
C GLU F 195 -41.66 -42.28 -12.55
N VAL F 196 -41.33 -42.35 -11.27
CA VAL F 196 -40.26 -41.53 -10.70
C VAL F 196 -39.15 -42.45 -10.23
N THR F 197 -38.00 -42.39 -10.90
CA THR F 197 -36.82 -43.13 -10.50
C THR F 197 -35.89 -42.19 -9.73
N HIS F 198 -35.41 -42.64 -8.58
CA HIS F 198 -34.56 -41.81 -7.74
C HIS F 198 -33.69 -42.70 -6.86
N GLN F 199 -32.53 -42.16 -6.47
CA GLN F 199 -31.57 -42.94 -5.68
C GLN F 199 -32.16 -43.36 -4.34
N GLY F 200 -33.03 -42.55 -3.76
CA GLY F 200 -33.68 -42.89 -2.50
C GLY F 200 -34.87 -43.81 -2.61
N LEU F 201 -35.28 -44.16 -3.83
CA LEU F 201 -36.39 -45.07 -4.07
C LEU F 201 -35.84 -46.43 -4.50
N SER F 202 -36.11 -47.46 -3.68
CA SER F 202 -35.60 -48.79 -3.97
C SER F 202 -36.11 -49.34 -5.30
N SER F 203 -37.23 -48.81 -5.79
CA SER F 203 -37.77 -49.18 -7.10
C SER F 203 -38.59 -48.00 -7.60
N PRO F 204 -38.74 -47.83 -8.92
CA PRO F 204 -39.47 -46.66 -9.44
C PRO F 204 -40.87 -46.51 -8.87
N VAL F 205 -41.08 -45.46 -8.09
CA VAL F 205 -42.40 -45.17 -7.55
C VAL F 205 -43.31 -44.66 -8.66
N THR F 206 -44.56 -45.10 -8.66
CA THR F 206 -45.52 -44.74 -9.69
C THR F 206 -46.81 -44.24 -9.05
N LYS F 207 -47.36 -43.17 -9.61
CA LYS F 207 -48.71 -42.70 -9.31
C LYS F 207 -49.51 -42.65 -10.59
N SER F 208 -50.82 -42.89 -10.48
CA SER F 208 -51.69 -42.92 -11.63
C SER F 208 -53.14 -42.91 -11.14
N PHE F 209 -54.05 -42.67 -12.08
CA PHE F 209 -55.45 -43.09 -12.02
C PHE F 209 -56.20 -42.55 -13.24
N ASN F 210 -57.47 -42.95 -13.37
CA ASN F 210 -58.23 -42.78 -14.59
C ASN F 210 -59.43 -41.88 -14.34
N ARG F 211 -60.06 -41.45 -15.44
CA ARG F 211 -61.23 -40.57 -15.35
C ARG F 211 -62.40 -41.27 -14.67
#